data_3QZ5
#
_entry.id   3QZ5
#
_cell.length_a   82.526
_cell.length_b   137.975
_cell.length_c   85.321
_cell.angle_alpha   90.00
_cell.angle_beta   91.97
_cell.angle_gamma   90.00
#
_symmetry.space_group_name_H-M   'P 1 21 1'
#
loop_
_entity.id
_entity.type
_entity.pdbx_description
1 polymer 'Co-type Nitrile Hydratase alpha subunit'
2 polymer 'Co-type Nitrile Hydratase beta subunit'
3 non-polymer GLYCEROL
4 non-polymer 'COBALT (III) ION'
5 water water
#
loop_
_entity_poly.entity_id
_entity_poly.type
_entity_poly.pdbx_seq_one_letter_code
_entity_poly.pdbx_strand_id
1 'polypeptide(L)'
;MGQSHTHDHHHDGYQAPPEDIALRVKALESLLIEKGLVDPAAMDLVVQTYEHKVGPRNGAKVVAKAWVDPAYKARLLADG
TAGIAELGFSGVQGEDMVILENTPAVHNVFVCTL(CSD)S(CSD)YPWPTLGLPPAWYKAAPYRSRMVSDPRGVLAEFGL
VIPANKEIRVWDTTAQLRYMVLPERPAGTEAYSEEQLAELVTRDSMIGTGLPTQPTPSH
;
A,C,E,G
2 'polypeptide(L)'
;MNGIHDTGGAHGYGPVYREPNEPVFRYDWEKTVMSLLPALLANGNFNLDEFRHSIERMGPAHYLEGTYYEHWLHVFENLL
VEKGVLTATEVATGKAASGKTATPVLTPAIVDGLLSTGASAAREEGARARFAVGDKVRVLNKNPVGHTRMPRYTRGKVGT
VVIDHGVFVTPDTAAHGKGEHPQHVYTVSFTSVELWGQDASSPKDTIRVDLWDDYLEPA
;
B,D,F,H
#
loop_
_chem_comp.id
_chem_comp.type
_chem_comp.name
_chem_comp.formula
3CO non-polymer 'COBALT (III) ION' 'Co 3'
GOL non-polymer GLYCEROL 'C3 H8 O3'
#
# COMPACT_ATOMS: atom_id res chain seq x y z
N HIS A 7 54.42 10.39 1.31
CA HIS A 7 53.59 9.25 1.69
C HIS A 7 52.11 9.63 1.81
N ASP A 8 51.61 10.43 0.88
CA ASP A 8 50.18 10.74 0.92
C ASP A 8 49.40 9.53 0.42
N HIS A 9 48.07 9.58 0.59
CA HIS A 9 47.19 8.58 0.00
C HIS A 9 47.23 8.70 -1.52
N HIS A 10 47.17 7.57 -2.21
CA HIS A 10 47.22 7.57 -3.67
C HIS A 10 46.10 6.76 -4.30
N HIS A 11 45.87 5.55 -3.78
CA HIS A 11 44.92 4.63 -4.40
C HIS A 11 44.10 3.85 -3.37
N ASP A 12 44.04 4.35 -2.14
CA ASP A 12 43.33 3.64 -1.08
C ASP A 12 41.92 4.20 -0.88
N GLY A 13 41.51 5.09 -1.78
CA GLY A 13 40.17 5.64 -1.77
C GLY A 13 40.04 6.95 -1.00
N TYR A 14 41.09 7.34 -0.29
CA TYR A 14 41.05 8.54 0.52
C TYR A 14 41.95 9.66 0.02
N GLN A 15 42.56 9.44 -1.15
CA GLN A 15 43.37 10.46 -1.80
C GLN A 15 42.52 11.68 -2.13
N ALA A 16 43.19 12.80 -2.42
CA ALA A 16 42.49 14.05 -2.71
C ALA A 16 41.91 14.05 -4.13
N PRO A 17 40.70 14.59 -4.28
CA PRO A 17 40.09 14.76 -5.61
C PRO A 17 40.73 15.95 -6.31
N PRO A 18 40.57 16.05 -7.64
CA PRO A 18 41.09 17.19 -8.39
C PRO A 18 40.56 18.50 -7.85
N GLU A 19 41.35 19.57 -7.99
CA GLU A 19 40.99 20.87 -7.44
C GLU A 19 39.72 21.46 -8.03
N ASP A 20 39.35 21.01 -9.22
CA ASP A 20 38.23 21.61 -9.94
C ASP A 20 37.00 20.69 -10.00
N ILE A 21 37.05 19.58 -9.26
CA ILE A 21 36.00 18.57 -9.35
C ILE A 21 34.58 19.11 -9.15
N ALA A 22 34.41 20.00 -8.17
CA ALA A 22 33.09 20.55 -7.86
C ALA A 22 32.50 21.32 -9.03
N LEU A 23 33.36 22.02 -9.77
CA LEU A 23 32.92 22.79 -10.93
C LEU A 23 32.46 21.87 -12.04
N ARG A 24 33.23 20.82 -12.30
CA ARG A 24 32.88 19.83 -13.31
C ARG A 24 31.53 19.19 -13.00
N VAL A 25 31.32 18.85 -11.74
CA VAL A 25 30.06 18.26 -11.30
C VAL A 25 28.90 19.22 -11.47
N LYS A 26 29.12 20.48 -11.09
CA LYS A 26 28.09 21.50 -11.19
C LYS A 26 27.71 21.73 -12.65
N ALA A 27 28.69 21.64 -13.53
CA ALA A 27 28.47 21.87 -14.95
C ALA A 27 27.64 20.76 -15.59
N LEU A 28 27.96 19.51 -15.26
CA LEU A 28 27.21 18.39 -15.81
C LEU A 28 25.78 18.38 -15.28
N GLU A 29 25.63 18.70 -14.00
CA GLU A 29 24.31 18.73 -13.38
C GLU A 29 23.42 19.73 -14.09
N SER A 30 23.94 20.95 -14.28
CA SER A 30 23.20 22.00 -14.98
C SER A 30 22.80 21.52 -16.37
N LEU A 31 23.73 20.90 -17.08
CA LEU A 31 23.47 20.39 -18.43
C LEU A 31 22.33 19.39 -18.45
N LEU A 32 22.37 18.44 -17.51
CA LEU A 32 21.37 17.38 -17.43
C LEU A 32 19.99 17.93 -17.05
N ILE A 33 19.96 18.91 -16.15
CA ILE A 33 18.72 19.56 -15.76
C ILE A 33 18.17 20.36 -16.92
N GLU A 34 19.06 21.05 -17.63
CA GLU A 34 18.69 21.88 -18.77
C GLU A 34 18.06 21.06 -19.90
N LYS A 35 18.61 19.88 -20.15
CA LYS A 35 18.07 18.98 -21.15
C LYS A 35 16.81 18.27 -20.68
N GLY A 36 16.55 18.34 -19.38
CA GLY A 36 15.36 17.75 -18.79
C GLY A 36 15.53 16.26 -18.53
N LEU A 37 16.77 15.85 -18.26
CA LEU A 37 17.08 14.45 -18.01
C LEU A 37 16.97 14.10 -16.53
N VAL A 38 17.20 15.08 -15.66
CA VAL A 38 17.13 14.85 -14.22
C VAL A 38 16.30 15.91 -13.49
N ASP A 39 15.79 15.54 -12.33
CA ASP A 39 14.95 16.41 -11.52
C ASP A 39 15.64 16.69 -10.19
N PRO A 40 16.09 17.93 -9.98
CA PRO A 40 16.86 18.30 -8.79
C PRO A 40 16.15 17.91 -7.50
N ALA A 41 14.85 18.13 -7.44
CA ALA A 41 14.05 17.82 -6.26
C ALA A 41 14.07 16.34 -5.94
N ALA A 42 14.01 15.51 -6.97
CA ALA A 42 14.04 14.06 -6.80
C ALA A 42 15.43 13.61 -6.34
N MET A 43 16.46 14.26 -6.84
CA MET A 43 17.84 13.94 -6.48
C MET A 43 18.11 14.25 -5.01
N ASP A 44 17.51 15.33 -4.52
CA ASP A 44 17.64 15.69 -3.11
C ASP A 44 17.05 14.59 -2.24
N LEU A 45 15.96 14.00 -2.71
CA LEU A 45 15.30 12.91 -1.99
C LEU A 45 16.17 11.66 -1.96
N VAL A 46 16.92 11.43 -3.04
CA VAL A 46 17.85 10.31 -3.11
C VAL A 46 18.99 10.51 -2.11
N VAL A 47 19.57 11.70 -2.11
CA VAL A 47 20.64 12.04 -1.18
C VAL A 47 20.18 11.86 0.26
N GLN A 48 19.04 12.48 0.60
CA GLN A 48 18.49 12.37 1.95
C GLN A 48 18.35 10.91 2.36
N THR A 49 17.87 10.10 1.44
CA THR A 49 17.59 8.69 1.73
C THR A 49 18.84 7.98 2.23
N TYR A 50 19.99 8.32 1.65
CA TYR A 50 21.22 7.62 1.99
C TYR A 50 22.07 8.38 3.00
N GLU A 51 21.74 9.64 3.20
CA GLU A 51 22.38 10.42 4.26
C GLU A 51 21.73 10.15 5.61
N HIS A 52 20.40 10.02 5.64
CA HIS A 52 19.69 10.00 6.92
C HIS A 52 18.76 8.81 7.19
N LYS A 53 18.41 8.06 6.16
CA LYS A 53 17.37 7.03 6.34
C LYS A 53 17.87 5.60 6.19
N VAL A 54 18.88 5.39 5.35
CA VAL A 54 19.41 4.06 5.12
C VAL A 54 20.86 3.92 5.59
N GLY A 55 21.09 3.01 6.52
CA GLY A 55 22.41 2.80 7.07
C GLY A 55 22.51 1.50 7.86
N PRO A 56 23.69 1.26 8.48
CA PRO A 56 23.96 0.02 9.22
C PRO A 56 23.01 -0.25 10.38
N ARG A 57 22.34 0.76 10.89
CA ARG A 57 21.38 0.57 11.97
C ARG A 57 20.29 -0.41 11.54
N ASN A 58 20.01 -0.43 10.24
CA ASN A 58 19.03 -1.35 9.70
C ASN A 58 19.48 -2.79 9.90
N GLY A 59 20.66 -3.11 9.40
CA GLY A 59 21.22 -4.44 9.54
C GLY A 59 21.32 -4.84 11.00
N ALA A 60 21.67 -3.87 11.84
CA ALA A 60 21.78 -4.11 13.28
C ALA A 60 20.48 -4.64 13.85
N LYS A 61 19.37 -4.02 13.46
CA LYS A 61 18.06 -4.47 13.90
C LYS A 61 17.76 -5.88 13.39
N VAL A 62 18.20 -6.16 12.16
CA VAL A 62 18.03 -7.49 11.59
C VAL A 62 18.79 -8.53 12.40
N VAL A 63 20.07 -8.25 12.67
CA VAL A 63 20.89 -9.17 13.45
C VAL A 63 20.32 -9.38 14.84
N ALA A 64 20.04 -8.29 15.54
CA ALA A 64 19.49 -8.36 16.89
C ALA A 64 18.24 -9.24 16.95
N LYS A 65 17.36 -9.09 15.97
CA LYS A 65 16.11 -9.84 15.95
C LYS A 65 16.37 -11.32 15.74
N ALA A 66 17.33 -11.64 14.88
CA ALA A 66 17.69 -13.03 14.62
C ALA A 66 18.30 -13.65 15.87
N TRP A 67 18.98 -12.84 16.67
CA TRP A 67 19.60 -13.32 17.89
C TRP A 67 18.57 -13.77 18.92
N VAL A 68 17.47 -13.03 19.03
CA VAL A 68 16.46 -13.31 20.06
C VAL A 68 15.33 -14.19 19.55
N ASP A 69 15.12 -14.19 18.23
CA ASP A 69 13.99 -14.90 17.65
C ASP A 69 14.43 -15.99 16.67
N PRO A 70 14.55 -17.23 17.18
CA PRO A 70 14.98 -18.40 16.40
C PRO A 70 14.14 -18.67 15.17
N ALA A 71 12.84 -18.41 15.24
CA ALA A 71 11.95 -18.61 14.11
C ALA A 71 12.25 -17.61 13.00
N TYR A 72 12.52 -16.37 13.37
CA TYR A 72 12.87 -15.34 12.41
C TYR A 72 14.21 -15.65 11.76
N LYS A 73 15.16 -16.10 12.58
CA LYS A 73 16.49 -16.45 12.08
C LYS A 73 16.40 -17.52 11.01
N ALA A 74 15.57 -18.53 11.25
CA ALA A 74 15.37 -19.61 10.29
C ALA A 74 14.80 -19.08 8.98
N ARG A 75 13.81 -18.19 9.08
CA ARG A 75 13.22 -17.57 7.91
C ARG A 75 14.24 -16.73 7.17
N LEU A 76 15.04 -15.97 7.93
CA LEU A 76 16.03 -15.07 7.34
C LEU A 76 17.08 -15.83 6.55
N LEU A 77 17.54 -16.95 7.11
CA LEU A 77 18.58 -17.75 6.48
C LEU A 77 18.04 -18.54 5.29
N ALA A 78 16.72 -18.72 5.26
CA ALA A 78 16.08 -19.44 4.16
C ALA A 78 15.80 -18.49 3.00
N ASP A 79 15.48 -17.24 3.33
CA ASP A 79 15.20 -16.22 2.32
C ASP A 79 15.56 -14.85 2.85
N GLY A 80 16.77 -14.39 2.52
CA GLY A 80 17.29 -13.13 3.02
C GLY A 80 16.45 -11.91 2.66
N THR A 81 15.95 -11.88 1.43
CA THR A 81 15.17 -10.74 0.95
C THR A 81 13.87 -10.58 1.74
N ALA A 82 13.14 -11.67 1.89
CA ALA A 82 11.89 -11.64 2.67
C ALA A 82 12.19 -11.35 4.13
N GLY A 83 13.26 -11.95 4.65
CA GLY A 83 13.65 -11.79 6.02
C GLY A 83 13.87 -10.34 6.41
N ILE A 84 14.67 -9.63 5.62
CA ILE A 84 14.94 -8.23 5.91
C ILE A 84 13.72 -7.35 5.63
N ALA A 85 12.81 -7.85 4.81
CA ALA A 85 11.60 -7.10 4.46
C ALA A 85 10.66 -7.05 5.65
N GLU A 86 10.69 -8.09 6.48
CA GLU A 86 9.86 -8.14 7.68
C GLU A 86 10.12 -6.93 8.57
N LEU A 87 11.30 -6.33 8.43
CA LEU A 87 11.65 -5.16 9.21
C LEU A 87 11.59 -3.89 8.37
N GLY A 88 11.02 -4.00 7.18
CA GLY A 88 10.80 -2.86 6.31
C GLY A 88 12.01 -2.43 5.49
N PHE A 89 12.94 -3.35 5.27
CA PHE A 89 14.12 -3.06 4.47
C PHE A 89 14.10 -3.82 3.16
N SER A 90 14.41 -3.13 2.07
CA SER A 90 14.33 -3.70 0.73
C SER A 90 14.75 -2.69 -0.33
N GLY A 91 14.96 -3.17 -1.54
CA GLY A 91 15.17 -2.27 -2.67
C GLY A 91 16.53 -2.32 -3.33
N VAL A 92 16.93 -1.18 -3.89
CA VAL A 92 18.14 -1.06 -4.68
C VAL A 92 19.37 -1.68 -4.03
N GLN A 93 20.01 -2.59 -4.76
CA GLN A 93 21.23 -3.26 -4.32
C GLN A 93 20.99 -4.20 -3.14
N GLY A 94 19.75 -4.65 -2.99
CA GLY A 94 19.39 -5.59 -1.95
C GLY A 94 18.24 -6.47 -2.38
N GLU A 95 18.02 -6.53 -3.70
CA GLU A 95 16.89 -7.27 -4.26
C GLU A 95 16.97 -8.77 -3.99
N ASP A 96 18.18 -9.31 -3.98
CA ASP A 96 18.37 -10.74 -3.75
C ASP A 96 19.41 -10.99 -2.66
N MET A 97 18.96 -10.94 -1.41
CA MET A 97 19.86 -11.02 -0.26
C MET A 97 20.18 -12.46 0.13
N VAL A 98 21.43 -12.69 0.53
CA VAL A 98 21.82 -13.96 1.12
C VAL A 98 22.57 -13.69 2.43
N ILE A 99 22.02 -14.20 3.53
CA ILE A 99 22.60 -13.96 4.85
C ILE A 99 23.58 -15.05 5.25
N LEU A 100 24.78 -14.64 5.65
CA LEU A 100 25.85 -15.57 5.97
C LEU A 100 26.03 -15.69 7.48
N GLU A 101 25.75 -16.87 8.02
CA GLU A 101 25.80 -17.09 9.46
C GLU A 101 27.20 -17.46 9.96
N ASN A 102 27.78 -16.60 10.78
CA ASN A 102 29.04 -16.94 11.46
C ASN A 102 28.83 -17.99 12.53
N THR A 103 29.69 -18.99 12.56
CA THR A 103 29.59 -20.07 13.54
C THR A 103 30.94 -20.24 14.22
N PRO A 104 31.01 -21.09 15.26
CA PRO A 104 32.30 -21.35 15.88
C PRO A 104 33.29 -21.96 14.89
N ALA A 105 32.80 -22.56 13.83
CA ALA A 105 33.67 -23.22 12.85
C ALA A 105 33.94 -22.35 11.63
N VAL A 106 33.03 -21.43 11.34
CA VAL A 106 33.12 -20.62 10.13
C VAL A 106 33.00 -19.12 10.39
N HIS A 107 33.93 -18.36 9.83
CA HIS A 107 33.85 -16.90 9.86
C HIS A 107 33.71 -16.35 8.45
N ASN A 108 32.59 -15.66 8.20
CA ASN A 108 32.31 -15.11 6.88
C ASN A 108 32.72 -13.66 6.75
N VAL A 109 33.08 -13.27 5.53
CA VAL A 109 33.38 -11.89 5.20
C VAL A 109 33.23 -11.72 3.69
N PHE A 110 32.64 -10.60 3.26
CA PHE A 110 32.40 -10.43 1.83
C PHE A 110 33.13 -9.23 1.24
N VAL A 111 33.24 -9.23 -0.08
CA VAL A 111 33.97 -8.20 -0.81
C VAL A 111 33.47 -8.19 -2.24
N CYS A 112 33.74 -7.10 -2.95
CA CYS A 112 33.52 -7.05 -4.38
C CYS A 112 34.83 -6.74 -5.09
N THR A 113 35.55 -7.77 -5.50
CA THR A 113 36.85 -7.61 -6.11
C THR A 113 36.73 -6.81 -7.41
N LEU A 114 35.58 -6.93 -8.07
CA LEU A 114 35.40 -6.31 -9.38
C LEU A 114 34.97 -4.84 -9.32
N CSD A 115 34.33 -4.42 -8.23
CA CSD A 115 33.98 -2.97 -8.08
CB CSD A 115 32.92 -2.54 -9.11
SG CSD A 115 31.43 -3.63 -9.10
C CSD A 115 33.65 -2.48 -6.68
O CSD A 115 34.55 -1.97 -5.99
OD1 CSD A 115 30.24 -2.67 -10.04
OD2 CSD A 115 31.73 -4.94 -9.94
N SER A 116 32.39 -2.63 -6.26
CA SER A 116 31.93 -2.04 -4.99
C SER A 116 30.61 -2.62 -4.48
N CSD A 117 30.22 -3.79 -4.97
CA CSD A 117 28.87 -4.36 -4.70
CB CSD A 117 28.59 -5.57 -5.60
SG CSD A 117 29.00 -5.04 -7.33
C CSD A 117 28.69 -4.63 -3.23
O CSD A 117 29.61 -5.15 -2.56
OD1 CSD A 117 28.24 -6.32 -8.32
OD2 CSD A 117 28.20 -3.70 -7.60
N TYR A 118 27.50 -4.30 -2.72
CA TYR A 118 27.33 -4.07 -1.29
C TYR A 118 25.83 -3.99 -1.00
N PRO A 119 25.40 -4.49 0.17
CA PRO A 119 23.97 -4.54 0.50
C PRO A 119 23.46 -3.19 1.01
N TRP A 120 23.00 -2.34 0.08
CA TRP A 120 22.55 -0.99 0.41
C TRP A 120 21.42 -0.93 1.43
N PRO A 121 20.34 -1.70 1.21
CA PRO A 121 19.18 -1.58 2.10
C PRO A 121 19.47 -1.82 3.58
N THR A 122 20.44 -2.68 3.89
CA THR A 122 20.72 -3.00 5.29
C THR A 122 21.96 -2.32 5.87
N LEU A 123 22.91 -1.95 5.01
CA LEU A 123 24.16 -1.37 5.49
C LEU A 123 24.36 0.06 5.02
N GLY A 124 23.53 0.51 4.07
CA GLY A 124 23.69 1.82 3.47
C GLY A 124 24.78 1.77 2.41
N LEU A 125 25.28 2.92 2.00
CA LEU A 125 26.37 2.98 1.03
C LEU A 125 27.67 2.54 1.68
N PRO A 126 28.57 1.94 0.88
CA PRO A 126 29.82 1.39 1.43
C PRO A 126 30.83 2.48 1.78
N PRO A 127 31.73 2.19 2.73
CA PRO A 127 32.80 3.13 3.09
C PRO A 127 33.86 3.10 2.01
N ALA A 128 34.61 4.19 1.87
CA ALA A 128 35.59 4.31 0.80
C ALA A 128 36.55 3.12 0.73
N TRP A 129 36.95 2.59 1.88
CA TRP A 129 37.95 1.51 1.92
C TRP A 129 37.44 0.22 1.28
N TYR A 130 36.15 -0.02 1.40
CA TYR A 130 35.54 -1.22 0.82
C TYR A 130 35.55 -1.17 -0.70
N LYS A 131 35.53 0.04 -1.25
CA LYS A 131 35.45 0.22 -2.69
C LYS A 131 36.82 0.35 -3.35
N ALA A 132 37.88 0.33 -2.54
CA ALA A 132 39.23 0.62 -3.05
C ALA A 132 40.11 -0.62 -3.21
N ALA A 133 41.18 -0.45 -3.98
CA ALA A 133 42.08 -1.53 -4.37
C ALA A 133 42.71 -2.33 -3.22
N PRO A 134 43.20 -1.66 -2.18
CA PRO A 134 43.87 -2.41 -1.10
C PRO A 134 43.00 -3.54 -0.56
N TYR A 135 41.79 -3.22 -0.11
CA TYR A 135 40.90 -4.22 0.46
C TYR A 135 40.47 -5.26 -0.58
N ARG A 136 40.07 -4.80 -1.75
CA ARG A 136 39.54 -5.68 -2.78
C ARG A 136 40.57 -6.66 -3.33
N SER A 137 41.80 -6.18 -3.51
CA SER A 137 42.87 -7.00 -4.06
C SER A 137 43.31 -8.11 -3.10
N ARG A 138 43.45 -7.76 -1.83
CA ARG A 138 44.08 -8.66 -0.86
C ARG A 138 43.12 -9.60 -0.14
N MET A 139 41.86 -9.19 -0.04
CA MET A 139 40.90 -9.94 0.78
C MET A 139 40.70 -11.38 0.31
N VAL A 140 40.87 -11.64 -0.98
CA VAL A 140 40.64 -12.97 -1.52
C VAL A 140 41.88 -13.86 -1.48
N SER A 141 43.04 -13.27 -1.24
CA SER A 141 44.28 -14.03 -1.18
C SER A 141 44.83 -14.17 0.24
N ASP A 142 44.76 -13.09 1.01
CA ASP A 142 45.24 -13.11 2.39
C ASP A 142 44.23 -12.47 3.35
N PRO A 143 43.12 -13.18 3.62
CA PRO A 143 42.09 -12.67 4.52
C PRO A 143 42.65 -12.31 5.89
N ARG A 144 43.42 -13.21 6.47
CA ARG A 144 43.96 -13.03 7.81
C ARG A 144 44.89 -11.81 7.90
N GLY A 145 45.70 -11.61 6.89
CA GLY A 145 46.59 -10.45 6.85
C GLY A 145 45.80 -9.16 6.89
N VAL A 146 44.75 -9.09 6.07
CA VAL A 146 43.88 -7.92 6.01
C VAL A 146 43.10 -7.74 7.31
N LEU A 147 42.54 -8.83 7.82
CA LEU A 147 41.75 -8.77 9.05
C LEU A 147 42.59 -8.30 10.23
N ALA A 148 43.86 -8.70 10.25
CA ALA A 148 44.77 -8.30 11.32
C ALA A 148 44.93 -6.78 11.37
N GLU A 149 44.85 -6.15 10.20
CA GLU A 149 44.95 -4.70 10.11
C GLU A 149 43.76 -4.03 10.78
N PHE A 150 42.69 -4.81 10.95
CA PHE A 150 41.45 -4.34 11.56
C PHE A 150 41.39 -4.75 13.03
N GLY A 151 42.50 -5.25 13.55
CA GLY A 151 42.58 -5.64 14.94
C GLY A 151 41.84 -6.94 15.22
N LEU A 152 41.51 -7.66 14.15
CA LEU A 152 40.81 -8.94 14.30
C LEU A 152 41.68 -10.12 13.91
N VAL A 153 41.96 -10.97 14.89
CA VAL A 153 42.72 -12.19 14.64
C VAL A 153 41.82 -13.41 14.78
N ILE A 154 41.66 -14.15 13.69
CA ILE A 154 40.84 -15.36 13.69
C ILE A 154 41.67 -16.56 14.14
N PRO A 155 41.10 -17.39 15.04
CA PRO A 155 41.77 -18.63 15.43
C PRO A 155 42.28 -19.38 14.20
N ALA A 156 43.46 -19.99 14.32
CA ALA A 156 44.08 -20.66 13.19
C ALA A 156 43.23 -21.82 12.68
N ASN A 157 42.55 -22.48 13.60
CA ASN A 157 41.75 -23.66 13.26
C ASN A 157 40.36 -23.31 12.75
N LYS A 158 40.01 -22.03 12.87
CA LYS A 158 38.70 -21.55 12.40
C LYS A 158 38.77 -21.17 10.93
N GLU A 159 37.85 -21.72 10.14
CA GLU A 159 37.83 -21.46 8.71
C GLU A 159 37.30 -20.06 8.39
N ILE A 160 37.99 -19.37 7.50
CA ILE A 160 37.50 -18.10 6.99
C ILE A 160 36.92 -18.28 5.59
N ARG A 161 35.71 -17.82 5.38
CA ARG A 161 35.07 -17.89 4.08
C ARG A 161 34.94 -16.48 3.50
N VAL A 162 35.66 -16.21 2.42
CA VAL A 162 35.55 -14.94 1.73
C VAL A 162 34.56 -15.08 0.58
N TRP A 163 33.53 -14.24 0.60
CA TRP A 163 32.52 -14.26 -0.46
C TRP A 163 32.74 -13.09 -1.41
N ASP A 164 33.01 -13.40 -2.68
CA ASP A 164 33.19 -12.37 -3.70
C ASP A 164 31.87 -12.08 -4.40
N THR A 165 31.44 -10.82 -4.32
CA THR A 165 30.14 -10.42 -4.88
C THR A 165 30.23 -10.17 -6.38
N THR A 166 30.31 -11.25 -7.15
CA THR A 166 30.51 -11.17 -8.59
C THR A 166 29.20 -11.16 -9.37
N ALA A 167 28.11 -11.57 -8.74
CA ALA A 167 26.82 -11.64 -9.41
C ALA A 167 25.82 -10.63 -8.86
N GLN A 168 24.54 -10.97 -8.93
CA GLN A 168 23.48 -10.08 -8.46
C GLN A 168 22.99 -10.44 -7.05
N LEU A 169 23.61 -11.44 -6.45
CA LEU A 169 23.35 -11.74 -5.04
C LEU A 169 24.08 -10.71 -4.19
N ARG A 170 23.47 -10.30 -3.08
CA ARG A 170 24.13 -9.39 -2.16
C ARG A 170 24.21 -10.03 -0.78
N TYR A 171 25.38 -9.93 -0.15
CA TYR A 171 25.63 -10.66 1.08
C TYR A 171 25.71 -9.78 2.31
N MET A 172 25.19 -10.29 3.43
CA MET A 172 25.35 -9.66 4.72
C MET A 172 25.67 -10.71 5.78
N VAL A 173 26.63 -10.42 6.63
CA VAL A 173 27.08 -11.38 7.62
C VAL A 173 26.29 -11.27 8.91
N LEU A 174 25.79 -12.41 9.38
CA LEU A 174 25.14 -12.48 10.68
C LEU A 174 26.19 -12.85 11.73
N PRO A 175 26.62 -11.86 12.52
CA PRO A 175 27.69 -12.07 13.48
C PRO A 175 27.25 -13.01 14.59
N GLU A 176 28.21 -13.65 15.25
CA GLU A 176 27.91 -14.45 16.42
C GLU A 176 27.58 -13.53 17.58
N ARG A 177 26.63 -13.95 18.42
CA ARG A 177 26.20 -13.14 19.56
C ARG A 177 27.27 -13.12 20.64
N PRO A 178 27.68 -11.91 21.05
CA PRO A 178 28.71 -11.76 22.09
C PRO A 178 28.33 -12.51 23.35
N ALA A 179 29.32 -13.03 24.07
CA ALA A 179 29.07 -13.74 25.32
C ALA A 179 28.73 -12.73 26.43
N GLY A 180 27.88 -13.15 27.36
CA GLY A 180 27.48 -12.31 28.48
C GLY A 180 26.46 -11.26 28.10
N THR A 181 25.50 -11.63 27.27
CA THR A 181 24.45 -10.71 26.85
C THR A 181 23.05 -11.28 27.08
N GLU A 182 22.92 -12.16 28.07
CA GLU A 182 21.65 -12.80 28.41
C GLU A 182 20.50 -11.81 28.64
N ALA A 183 19.31 -12.19 28.17
CA ALA A 183 18.08 -11.42 28.39
C ALA A 183 18.22 -9.94 28.02
N TYR A 184 19.27 -9.62 27.27
CA TYR A 184 19.40 -8.30 26.66
C TYR A 184 18.20 -8.10 25.74
N SER A 185 17.67 -6.88 25.72
CA SER A 185 16.59 -6.55 24.82
C SER A 185 17.11 -6.53 23.39
N GLU A 186 16.21 -6.62 22.41
CA GLU A 186 16.60 -6.52 21.02
C GLU A 186 17.38 -5.23 20.78
N GLU A 187 16.88 -4.15 21.38
CA GLU A 187 17.47 -2.82 21.20
C GLU A 187 18.89 -2.73 21.74
N GLN A 188 19.12 -3.29 22.91
CA GLN A 188 20.45 -3.25 23.53
C GLN A 188 21.44 -4.11 22.77
N LEU A 189 20.95 -5.21 22.21
CA LEU A 189 21.79 -6.11 21.42
C LEU A 189 22.21 -5.44 20.12
N ALA A 190 21.32 -4.66 19.54
CA ALA A 190 21.58 -4.00 18.26
C ALA A 190 22.72 -2.99 18.36
N GLU A 191 22.92 -2.42 19.54
CA GLU A 191 23.97 -1.44 19.76
C GLU A 191 25.35 -2.08 19.71
N LEU A 192 25.37 -3.41 19.84
CA LEU A 192 26.63 -4.15 19.82
C LEU A 192 27.06 -4.48 18.39
N VAL A 193 26.10 -4.45 17.48
CA VAL A 193 26.35 -4.84 16.10
C VAL A 193 26.90 -3.68 15.27
N THR A 194 28.21 -3.71 15.02
CA THR A 194 28.86 -2.69 14.22
C THR A 194 28.72 -2.98 12.73
N ARG A 195 28.99 -1.98 11.90
CA ARG A 195 28.99 -2.17 10.46
C ARG A 195 30.01 -3.26 10.11
N ASP A 196 31.20 -3.15 10.69
CA ASP A 196 32.27 -4.10 10.45
C ASP A 196 31.85 -5.54 10.74
N SER A 197 31.10 -5.73 11.82
CA SER A 197 30.68 -7.06 12.23
C SER A 197 29.72 -7.68 11.21
N MET A 198 29.06 -6.82 10.44
CA MET A 198 28.12 -7.28 9.43
C MET A 198 28.77 -7.45 8.05
N ILE A 199 29.94 -6.84 7.88
CA ILE A 199 30.73 -7.04 6.68
C ILE A 199 31.63 -8.26 6.86
N GLY A 200 32.06 -8.47 8.09
CA GLY A 200 32.92 -9.59 8.43
C GLY A 200 34.32 -9.15 8.77
N THR A 201 34.55 -7.84 8.71
CA THR A 201 35.87 -7.27 8.98
C THR A 201 36.02 -6.89 10.45
N GLY A 202 35.13 -7.42 11.28
CA GLY A 202 35.18 -7.15 12.71
C GLY A 202 34.20 -8.01 13.48
N LEU A 203 34.18 -7.85 14.79
CA LEU A 203 33.26 -8.57 15.65
C LEU A 203 32.35 -7.60 16.40
N PRO A 204 31.16 -8.06 16.79
CA PRO A 204 30.27 -7.24 17.61
C PRO A 204 30.97 -6.80 18.90
N THR A 205 30.64 -5.62 19.40
CA THR A 205 31.23 -5.13 20.62
C THR A 205 31.01 -6.09 21.78
N GLN A 206 32.00 -6.24 22.64
CA GLN A 206 31.86 -7.10 23.80
C GLN A 206 31.55 -6.29 25.06
N PRO A 207 30.54 -6.72 25.83
CA PRO A 207 30.13 -6.04 27.06
C PRO A 207 31.15 -6.21 28.18
N MET B 1 36.79 -8.25 -19.46
CA MET B 1 37.92 -7.38 -19.79
C MET B 1 39.02 -7.49 -18.74
N ASN B 2 40.22 -7.86 -19.18
CA ASN B 2 41.37 -7.98 -18.30
C ASN B 2 41.97 -6.61 -17.96
N GLY B 3 41.19 -5.79 -17.26
CA GLY B 3 41.62 -4.44 -16.94
C GLY B 3 42.00 -4.23 -15.49
N ILE B 4 42.43 -3.01 -15.18
CA ILE B 4 42.92 -2.67 -13.84
C ILE B 4 41.84 -2.90 -12.78
N HIS B 5 40.58 -2.94 -13.19
CA HIS B 5 39.46 -3.08 -12.26
C HIS B 5 39.43 -4.46 -11.63
N ASP B 6 39.95 -5.45 -12.36
CA ASP B 6 39.99 -6.83 -11.89
C ASP B 6 41.14 -7.01 -10.90
N THR B 7 40.94 -6.55 -9.67
CA THR B 7 42.01 -6.44 -8.69
C THR B 7 42.35 -7.73 -7.92
N GLY B 8 41.42 -8.67 -7.91
CA GLY B 8 41.60 -9.89 -7.13
C GLY B 8 42.96 -10.57 -7.26
N GLY B 9 43.74 -10.55 -6.18
CA GLY B 9 45.00 -11.25 -6.14
C GLY B 9 46.22 -10.39 -6.41
N ALA B 10 45.99 -9.10 -6.65
CA ALA B 10 47.08 -8.18 -6.98
C ALA B 10 47.90 -7.80 -5.76
N HIS B 11 49.18 -7.52 -5.97
CA HIS B 11 50.06 -7.06 -4.90
C HIS B 11 50.40 -5.58 -5.09
N GLY B 12 50.89 -4.95 -4.04
CA GLY B 12 51.42 -3.60 -4.14
C GLY B 12 50.45 -2.46 -3.94
N TYR B 13 49.21 -2.77 -3.57
CA TYR B 13 48.23 -1.72 -3.30
C TYR B 13 48.33 -1.22 -1.85
N GLY B 14 49.02 -1.99 -1.02
CA GLY B 14 49.35 -1.54 0.32
C GLY B 14 48.33 -1.86 1.39
N PRO B 15 48.45 -1.18 2.54
CA PRO B 15 47.58 -1.36 3.70
C PRO B 15 46.19 -0.82 3.46
N VAL B 16 45.17 -1.42 4.08
CA VAL B 16 43.82 -0.90 4.00
C VAL B 16 43.65 0.24 5.00
N TYR B 17 43.82 1.47 4.52
CA TYR B 17 43.61 2.64 5.36
C TYR B 17 42.10 2.87 5.51
N ARG B 18 41.68 3.21 6.72
CA ARG B 18 40.27 3.41 7.00
C ARG B 18 40.07 4.68 7.81
N GLU B 19 39.36 5.64 7.23
CA GLU B 19 39.03 6.87 7.92
C GLU B 19 38.09 6.56 9.08
N PRO B 20 38.46 7.01 10.29
CA PRO B 20 37.56 6.86 11.45
C PRO B 20 36.37 7.79 11.35
N ASN B 21 35.18 7.29 11.68
CA ASN B 21 33.96 8.10 11.72
C ASN B 21 33.65 8.77 10.39
N GLU B 22 33.78 8.00 9.31
CA GLU B 22 33.64 8.47 7.93
C GLU B 22 32.20 8.80 7.58
N PRO B 23 31.97 9.98 6.96
CA PRO B 23 30.63 10.41 6.54
C PRO B 23 30.21 9.67 5.28
N VAL B 24 28.91 9.60 5.03
CA VAL B 24 28.41 9.00 3.80
C VAL B 24 28.99 9.75 2.60
N PHE B 25 28.97 11.07 2.68
CA PHE B 25 29.52 11.92 1.63
C PHE B 25 30.60 12.83 2.18
N ARG B 26 31.84 12.62 1.73
CA ARG B 26 32.98 13.38 2.21
C ARG B 26 33.02 14.79 1.60
N TYR B 27 32.49 14.93 0.39
CA TYR B 27 32.37 16.23 -0.25
C TYR B 27 30.96 16.43 -0.80
N ASP B 28 30.57 17.69 -0.97
CA ASP B 28 29.24 18.01 -1.50
C ASP B 28 29.04 17.52 -2.93
N TRP B 29 30.08 17.65 -3.76
CA TRP B 29 29.96 17.26 -5.16
C TRP B 29 29.65 15.77 -5.31
N GLU B 30 30.07 14.98 -4.33
CA GLU B 30 29.77 13.56 -4.30
C GLU B 30 28.27 13.31 -4.25
N LYS B 31 27.58 14.16 -3.49
CA LYS B 31 26.12 14.05 -3.38
C LYS B 31 25.45 14.20 -4.73
N THR B 32 25.88 15.19 -5.50
CA THR B 32 25.34 15.42 -6.84
C THR B 32 25.60 14.22 -7.72
N VAL B 33 26.86 13.77 -7.73
CA VAL B 33 27.27 12.64 -8.57
C VAL B 33 26.53 11.36 -8.21
N MET B 34 26.42 11.08 -6.92
CA MET B 34 25.74 9.87 -6.47
C MET B 34 24.27 9.85 -6.85
N SER B 35 23.58 10.96 -6.63
CA SER B 35 22.14 11.04 -6.89
C SER B 35 21.80 11.02 -8.37
N LEU B 36 22.79 11.27 -9.22
CA LEU B 36 22.58 11.26 -10.67
C LEU B 36 22.34 9.86 -11.21
N LEU B 37 22.98 8.86 -10.58
CA LEU B 37 22.88 7.48 -11.06
C LEU B 37 21.44 6.98 -11.14
N PRO B 38 20.68 7.09 -10.03
CA PRO B 38 19.30 6.61 -10.06
C PRO B 38 18.46 7.39 -11.07
N ALA B 39 18.74 8.69 -11.19
CA ALA B 39 17.99 9.56 -12.10
C ALA B 39 18.16 9.12 -13.55
N LEU B 40 19.38 8.76 -13.92
CA LEU B 40 19.69 8.38 -15.29
C LEU B 40 19.28 6.94 -15.60
N LEU B 41 19.45 6.05 -14.63
CA LEU B 41 18.99 4.67 -14.79
C LEU B 41 17.48 4.65 -15.02
N ALA B 42 16.77 5.49 -14.28
CA ALA B 42 15.31 5.57 -14.35
C ALA B 42 14.85 6.01 -15.73
N ASN B 43 15.60 6.94 -16.33
CA ASN B 43 15.32 7.40 -17.69
C ASN B 43 15.47 6.27 -18.70
N GLY B 44 16.27 5.28 -18.33
CA GLY B 44 16.61 4.19 -19.24
C GLY B 44 17.71 4.63 -20.19
N ASN B 45 18.47 5.63 -19.76
CA ASN B 45 19.57 6.15 -20.56
C ASN B 45 20.65 5.09 -20.77
N PHE B 46 20.76 4.19 -19.81
CA PHE B 46 21.68 3.06 -19.89
C PHE B 46 21.35 2.06 -18.79
N ASN B 47 21.77 0.80 -18.96
CA ASN B 47 21.58 -0.19 -17.92
C ASN B 47 22.82 -0.33 -17.05
N LEU B 48 22.67 -0.97 -15.89
CA LEU B 48 23.73 -1.04 -14.90
C LEU B 48 24.99 -1.75 -15.40
N ASP B 49 24.82 -2.67 -16.33
CA ASP B 49 25.94 -3.45 -16.87
C ASP B 49 26.80 -2.60 -17.81
N GLU B 50 26.15 -1.80 -18.64
CA GLU B 50 26.86 -0.85 -19.48
C GLU B 50 27.60 0.16 -18.60
N PHE B 51 27.00 0.43 -17.44
CA PHE B 51 27.60 1.37 -16.49
C PHE B 51 28.93 0.83 -15.96
N ARG B 52 28.90 -0.39 -15.44
CA ARG B 52 30.11 -1.01 -14.92
C ARG B 52 31.20 -1.04 -15.98
N HIS B 53 30.84 -1.40 -17.21
CA HIS B 53 31.81 -1.57 -18.27
C HIS B 53 32.38 -0.23 -18.75
N SER B 54 31.62 0.84 -18.52
CA SER B 54 32.10 2.18 -18.86
C SER B 54 33.26 2.54 -17.94
N ILE B 55 33.15 2.13 -16.68
CA ILE B 55 34.19 2.39 -15.70
C ILE B 55 35.42 1.53 -15.98
N GLU B 56 35.17 0.28 -16.37
CA GLU B 56 36.25 -0.64 -16.69
C GLU B 56 37.07 -0.11 -17.86
N ARG B 57 36.47 0.77 -18.65
CA ARG B 57 37.10 1.26 -19.88
C ARG B 57 37.79 2.63 -19.76
N MET B 58 37.79 3.21 -18.57
CA MET B 58 38.56 4.44 -18.36
C MET B 58 40.04 4.10 -18.22
N GLY B 59 40.90 5.09 -18.48
CA GLY B 59 42.33 4.89 -18.40
C GLY B 59 42.74 4.29 -17.07
N PRO B 60 43.64 3.29 -17.10
CA PRO B 60 44.09 2.60 -15.89
C PRO B 60 44.59 3.58 -14.82
N ALA B 61 45.34 4.58 -15.23
CA ALA B 61 45.86 5.58 -14.31
C ALA B 61 44.74 6.43 -13.73
N HIS B 62 43.83 6.86 -14.61
N HIS B 62 43.82 6.85 -14.60
CA HIS B 62 42.68 7.65 -14.17
CA HIS B 62 42.68 7.66 -14.19
C HIS B 62 41.84 6.88 -13.17
C HIS B 62 41.80 6.89 -13.20
N TYR B 63 41.70 5.58 -13.41
CA TYR B 63 40.94 4.71 -12.52
C TYR B 63 41.58 4.65 -11.13
N LEU B 64 42.90 4.56 -11.07
CA LEU B 64 43.62 4.47 -9.81
C LEU B 64 43.70 5.80 -9.09
N GLU B 65 43.96 6.87 -9.82
CA GLU B 65 44.08 8.20 -9.25
C GLU B 65 42.73 8.72 -8.76
N GLY B 66 41.68 8.42 -9.49
CA GLY B 66 40.36 8.94 -9.19
C GLY B 66 39.71 8.36 -7.94
N THR B 67 39.11 9.23 -7.14
CA THR B 67 38.29 8.79 -6.02
C THR B 67 37.04 8.11 -6.59
N TYR B 68 36.34 7.35 -5.75
CA TYR B 68 35.24 6.52 -6.23
C TYR B 68 34.25 7.24 -7.13
N TYR B 69 33.74 8.39 -6.70
CA TYR B 69 32.69 9.08 -7.44
C TYR B 69 33.17 9.79 -8.70
N GLU B 70 34.49 9.86 -8.88
CA GLU B 70 35.05 10.33 -10.14
C GLU B 70 34.81 9.26 -11.21
N HIS B 71 34.82 8.01 -10.78
CA HIS B 71 34.52 6.89 -11.66
C HIS B 71 33.13 7.07 -12.24
N TRP B 72 32.18 7.39 -11.38
CA TRP B 72 30.79 7.63 -11.78
C TRP B 72 30.69 8.83 -12.71
N LEU B 73 31.36 9.92 -12.33
CA LEU B 73 31.35 11.14 -13.13
C LEU B 73 31.89 10.88 -14.53
N HIS B 74 32.88 9.99 -14.62
CA HIS B 74 33.45 9.62 -15.92
C HIS B 74 32.39 8.96 -16.80
N VAL B 75 31.65 8.02 -16.21
CA VAL B 75 30.60 7.32 -16.95
C VAL B 75 29.57 8.30 -17.50
N PHE B 76 29.16 9.26 -16.67
CA PHE B 76 28.13 10.21 -17.07
C PHE B 76 28.58 11.10 -18.22
N GLU B 77 29.86 11.45 -18.23
CA GLU B 77 30.41 12.34 -19.25
C GLU B 77 30.72 11.61 -20.54
N ASN B 78 30.84 10.28 -20.47
CA ASN B 78 31.28 9.50 -21.63
C ASN B 78 30.24 8.50 -22.15
N LEU B 79 29.64 7.74 -21.26
CA LEU B 79 28.64 6.75 -21.66
C LEU B 79 27.38 7.43 -22.22
N LEU B 80 27.07 8.60 -21.70
CA LEU B 80 25.93 9.37 -22.20
C LEU B 80 26.18 9.83 -23.63
N VAL B 81 27.44 10.08 -23.98
CA VAL B 81 27.80 10.49 -25.32
C VAL B 81 27.77 9.29 -26.26
N GLU B 82 28.27 8.16 -25.79
CA GLU B 82 28.28 6.94 -26.57
C GLU B 82 26.86 6.52 -26.91
N LYS B 83 25.95 6.68 -25.95
CA LYS B 83 24.55 6.30 -26.13
C LYS B 83 23.80 7.34 -26.96
N GLY B 84 24.43 8.49 -27.18
CA GLY B 84 23.83 9.53 -27.99
C GLY B 84 22.75 10.31 -27.26
N VAL B 85 22.85 10.37 -25.94
CA VAL B 85 21.94 11.19 -25.15
C VAL B 85 22.50 12.61 -25.11
N LEU B 86 23.83 12.70 -25.15
CA LEU B 86 24.52 13.99 -25.23
C LEU B 86 25.50 13.99 -26.40
N THR B 87 25.94 15.18 -26.80
CA THR B 87 27.03 15.31 -27.75
C THR B 87 28.32 15.64 -27.00
N ALA B 88 29.47 15.40 -27.62
CA ALA B 88 30.75 15.76 -27.01
C ALA B 88 30.82 17.26 -26.76
N THR B 89 30.19 18.03 -27.66
CA THR B 89 30.13 19.48 -27.50
C THR B 89 29.31 19.87 -26.29
N GLU B 90 28.06 19.43 -26.23
CA GLU B 90 27.22 19.69 -25.07
C GLU B 90 27.99 19.40 -23.79
N VAL B 91 28.67 18.26 -23.77
CA VAL B 91 29.41 17.80 -22.59
C VAL B 91 30.66 18.64 -22.29
N ALA B 92 31.19 19.29 -23.32
CA ALA B 92 32.38 20.12 -23.18
C ALA B 92 32.01 21.57 -22.83
N THR B 93 31.05 22.11 -23.56
CA THR B 93 30.57 23.47 -23.33
C THR B 93 29.86 23.59 -21.98
N GLY B 94 29.12 22.56 -21.62
CA GLY B 94 28.30 22.58 -20.42
C GLY B 94 26.90 23.05 -20.74
N LYS B 95 26.79 23.81 -21.82
CA LYS B 95 25.50 24.33 -22.27
C LYS B 95 24.82 23.36 -23.23
N ALA B 96 23.52 23.16 -23.06
CA ALA B 96 22.76 22.25 -23.90
C ALA B 96 22.68 22.78 -25.34
N ALA B 97 22.05 22.01 -26.23
CA ALA B 97 22.05 22.33 -27.64
C ALA B 97 20.72 22.82 -28.18
N SER B 98 19.63 22.48 -27.49
CA SER B 98 18.30 22.84 -27.98
C SER B 98 17.23 22.91 -26.88
N GLY B 99 17.68 23.03 -25.64
CA GLY B 99 16.76 23.24 -24.53
C GLY B 99 16.12 21.98 -23.97
N LYS B 100 15.06 22.18 -23.20
CA LYS B 100 14.40 21.13 -22.43
C LYS B 100 13.65 20.12 -23.31
N THR B 101 14.40 19.21 -23.95
CA THR B 101 13.80 18.29 -24.92
C THR B 101 13.44 16.91 -24.37
N ALA B 102 13.61 16.73 -23.06
CA ALA B 102 13.19 15.50 -22.40
C ALA B 102 12.50 15.81 -21.09
N THR B 103 11.90 14.79 -20.48
CA THR B 103 11.25 14.96 -19.20
C THR B 103 11.79 13.92 -18.22
N PRO B 104 12.26 14.38 -17.05
CA PRO B 104 12.85 13.48 -16.06
C PRO B 104 11.88 12.39 -15.63
N VAL B 105 12.31 11.14 -15.68
CA VAL B 105 11.48 10.03 -15.25
C VAL B 105 11.46 9.93 -13.73
N LEU B 106 12.59 10.23 -13.11
CA LEU B 106 12.68 10.21 -11.66
C LEU B 106 12.15 11.52 -11.07
N THR B 107 10.90 11.49 -10.64
CA THR B 107 10.27 12.66 -10.03
C THR B 107 10.11 12.43 -8.52
N PRO B 108 9.97 13.52 -7.75
CA PRO B 108 9.87 13.42 -6.29
C PRO B 108 8.83 12.39 -5.85
N ALA B 109 7.74 12.29 -6.61
CA ALA B 109 6.61 11.45 -6.23
C ALA B 109 6.95 9.95 -6.21
N ILE B 110 7.93 9.54 -7.00
CA ILE B 110 8.23 8.11 -7.13
C ILE B 110 9.59 7.69 -6.56
N VAL B 111 10.34 8.66 -6.03
CA VAL B 111 11.67 8.37 -5.50
C VAL B 111 11.66 7.24 -4.47
N ASP B 112 10.88 7.41 -3.41
CA ASP B 112 10.82 6.41 -2.34
C ASP B 112 10.40 5.04 -2.86
N GLY B 113 9.38 5.02 -3.72
CA GLY B 113 8.87 3.78 -4.25
C GLY B 113 9.91 3.05 -5.09
N LEU B 114 10.63 3.82 -5.91
CA LEU B 114 11.65 3.25 -6.78
C LEU B 114 12.81 2.68 -5.96
N LEU B 115 13.29 3.46 -5.00
CA LEU B 115 14.43 3.06 -4.18
C LEU B 115 14.07 1.86 -3.30
N SER B 116 12.82 1.78 -2.88
CA SER B 116 12.36 0.70 -2.02
C SER B 116 12.12 -0.58 -2.80
N THR B 117 11.93 -0.45 -4.11
CA THR B 117 11.61 -1.59 -4.95
C THR B 117 12.82 -2.14 -5.67
N GLY B 118 13.60 -1.26 -6.30
CA GLY B 118 14.76 -1.68 -7.06
C GLY B 118 14.39 -2.46 -8.30
N ALA B 119 15.37 -3.17 -8.87
CA ALA B 119 15.15 -3.96 -10.07
C ALA B 119 15.94 -5.26 -10.05
N SER B 120 15.31 -6.33 -9.61
CA SER B 120 15.96 -7.64 -9.53
C SER B 120 16.42 -8.12 -10.91
N ALA B 121 17.54 -8.83 -10.93
CA ALA B 121 18.06 -9.37 -12.17
C ALA B 121 17.56 -10.79 -12.39
N ALA B 122 16.86 -11.32 -11.39
CA ALA B 122 16.29 -12.66 -11.47
C ALA B 122 15.23 -12.69 -12.56
N ARG B 123 15.16 -13.81 -13.28
CA ARG B 123 14.18 -13.97 -14.35
C ARG B 123 13.45 -15.28 -14.20
N GLU B 124 12.22 -15.32 -14.72
CA GLU B 124 11.38 -16.51 -14.61
C GLU B 124 12.07 -17.74 -15.20
N GLU B 125 12.45 -17.65 -16.47
CA GLU B 125 12.99 -18.79 -17.19
C GLU B 125 14.25 -18.44 -17.98
N GLY B 126 15.08 -19.45 -18.18
CA GLY B 126 16.32 -19.31 -18.95
C GLY B 126 16.93 -20.68 -19.18
N ALA B 127 18.18 -20.71 -19.59
CA ALA B 127 18.89 -21.98 -19.82
C ALA B 127 18.76 -22.90 -18.61
N ARG B 128 18.64 -24.20 -18.88
CA ARG B 128 18.51 -25.21 -17.83
C ARG B 128 19.83 -25.34 -17.07
N ALA B 129 19.75 -25.72 -15.81
CA ALA B 129 20.93 -25.86 -14.97
C ALA B 129 21.68 -27.16 -15.26
N ARG B 130 22.96 -27.05 -15.56
CA ARG B 130 23.78 -28.21 -15.89
C ARG B 130 24.41 -28.82 -14.64
N PHE B 131 24.48 -28.04 -13.56
CA PHE B 131 25.19 -28.46 -12.37
C PHE B 131 24.33 -28.52 -11.11
N ALA B 132 24.70 -29.42 -10.21
CA ALA B 132 24.02 -29.55 -8.93
C ALA B 132 25.01 -29.29 -7.80
N VAL B 133 24.53 -28.79 -6.67
CA VAL B 133 25.40 -28.57 -5.53
C VAL B 133 26.15 -29.85 -5.16
N GLY B 134 27.47 -29.73 -5.03
CA GLY B 134 28.33 -30.88 -4.77
C GLY B 134 29.20 -31.18 -5.97
N ASP B 135 28.77 -30.75 -7.15
CA ASP B 135 29.51 -30.96 -8.38
C ASP B 135 30.85 -30.23 -8.39
N LYS B 136 31.89 -30.92 -8.85
CA LYS B 136 33.18 -30.27 -9.07
C LYS B 136 33.15 -29.60 -10.44
N VAL B 137 33.52 -28.33 -10.48
CA VAL B 137 33.50 -27.57 -11.73
C VAL B 137 34.80 -26.84 -11.97
N ARG B 138 35.10 -26.57 -13.24
N ARG B 138 35.08 -26.57 -13.25
CA ARG B 138 36.27 -25.77 -13.58
CA ARG B 138 36.24 -25.78 -13.64
C ARG B 138 35.86 -24.55 -14.38
C ARG B 138 35.78 -24.52 -14.34
N VAL B 139 36.32 -23.38 -13.95
CA VAL B 139 36.02 -22.13 -14.63
C VAL B 139 36.73 -22.11 -15.96
N LEU B 140 35.98 -21.85 -17.03
CA LEU B 140 36.56 -21.81 -18.36
C LEU B 140 37.59 -20.70 -18.48
N ASN B 141 38.67 -20.96 -19.19
CA ASN B 141 39.64 -19.92 -19.49
C ASN B 141 39.17 -19.06 -20.65
N LYS B 142 38.58 -17.92 -20.31
CA LYS B 142 38.11 -16.99 -21.32
C LYS B 142 38.70 -15.62 -21.06
N ASN B 143 38.89 -14.85 -22.13
CA ASN B 143 39.45 -13.51 -21.99
C ASN B 143 38.77 -12.51 -22.92
N PRO B 144 37.48 -12.26 -22.68
CA PRO B 144 36.72 -11.33 -23.52
C PRO B 144 37.26 -9.93 -23.36
N VAL B 145 37.26 -9.13 -24.43
CA VAL B 145 37.66 -7.74 -24.32
C VAL B 145 36.50 -6.94 -23.75
N GLY B 146 35.31 -7.52 -23.83
CA GLY B 146 34.10 -6.89 -23.33
C GLY B 146 33.83 -7.22 -21.88
N HIS B 147 32.63 -6.87 -21.44
CA HIS B 147 32.23 -7.02 -20.04
C HIS B 147 32.05 -8.49 -19.64
N THR B 148 32.63 -8.87 -18.51
CA THR B 148 32.46 -10.22 -17.96
C THR B 148 32.55 -10.19 -16.44
N ARG B 149 32.09 -11.24 -15.79
CA ARG B 149 32.04 -11.25 -14.33
C ARG B 149 32.80 -12.44 -13.72
N MET B 150 33.51 -13.18 -14.55
CA MET B 150 34.40 -14.21 -14.04
C MET B 150 35.79 -13.59 -13.79
N PRO B 151 36.12 -13.38 -12.51
CA PRO B 151 37.36 -12.70 -12.13
C PRO B 151 38.56 -13.45 -12.68
N ARG B 152 39.63 -12.72 -12.99
CA ARG B 152 40.80 -13.32 -13.60
C ARG B 152 41.40 -14.41 -12.72
N TYR B 153 41.32 -14.23 -11.41
CA TYR B 153 41.96 -15.16 -10.47
C TYR B 153 41.27 -16.51 -10.36
N THR B 154 40.12 -16.66 -11.02
CA THR B 154 39.37 -17.90 -10.94
C THR B 154 39.52 -18.77 -12.19
N ARG B 155 39.91 -18.15 -13.29
CA ARG B 155 39.95 -18.84 -14.58
C ARG B 155 40.88 -20.05 -14.61
N GLY B 156 40.34 -21.20 -15.01
CA GLY B 156 41.11 -22.43 -15.07
C GLY B 156 41.09 -23.19 -13.77
N LYS B 157 40.60 -22.54 -12.72
CA LYS B 157 40.58 -23.14 -11.39
C LYS B 157 39.38 -24.08 -11.18
N VAL B 158 39.55 -25.07 -10.31
CA VAL B 158 38.51 -26.04 -10.00
C VAL B 158 37.87 -25.75 -8.64
N GLY B 159 36.54 -25.80 -8.60
CA GLY B 159 35.82 -25.54 -7.37
C GLY B 159 34.61 -26.45 -7.20
N THR B 160 33.88 -26.23 -6.11
CA THR B 160 32.68 -27.02 -5.83
C THR B 160 31.44 -26.13 -5.78
N VAL B 161 30.45 -26.48 -6.59
CA VAL B 161 29.17 -25.79 -6.55
C VAL B 161 28.54 -25.97 -5.18
N VAL B 162 28.26 -24.87 -4.50
CA VAL B 162 27.68 -24.94 -3.16
C VAL B 162 26.27 -24.36 -3.10
N ILE B 163 25.93 -23.50 -4.06
CA ILE B 163 24.60 -22.92 -4.12
C ILE B 163 24.11 -22.71 -5.55
N ASP B 164 22.87 -23.07 -5.82
CA ASP B 164 22.22 -22.72 -7.08
C ASP B 164 21.19 -21.63 -6.81
N HIS B 165 21.51 -20.41 -7.23
CA HIS B 165 20.70 -19.25 -6.89
C HIS B 165 19.49 -19.06 -7.81
N GLY B 166 19.44 -19.83 -8.89
CA GLY B 166 18.35 -19.71 -9.83
C GLY B 166 18.75 -18.94 -11.07
N VAL B 167 17.77 -18.54 -11.87
CA VAL B 167 18.04 -17.89 -13.15
C VAL B 167 18.22 -16.38 -13.03
N PHE B 168 19.23 -15.85 -13.72
CA PHE B 168 19.50 -14.42 -13.71
C PHE B 168 19.93 -13.91 -15.08
N VAL B 169 19.85 -12.60 -15.26
CA VAL B 169 20.34 -11.95 -16.47
C VAL B 169 21.84 -12.19 -16.57
N THR B 170 22.34 -12.28 -17.80
CA THR B 170 23.77 -12.43 -18.04
C THR B 170 24.37 -11.09 -18.45
N PRO B 171 25.25 -10.53 -17.60
CA PRO B 171 25.83 -9.21 -17.86
C PRO B 171 26.69 -9.18 -19.13
N ASP B 172 27.32 -10.30 -19.46
CA ASP B 172 28.19 -10.36 -20.64
C ASP B 172 27.48 -9.91 -21.90
N THR B 173 26.20 -10.25 -22.00
CA THR B 173 25.40 -9.91 -23.17
C THR B 173 24.60 -8.62 -22.95
N ALA B 174 24.13 -8.43 -21.72
CA ALA B 174 23.32 -7.26 -21.39
C ALA B 174 24.09 -5.95 -21.54
N ALA B 175 25.41 -6.01 -21.35
CA ALA B 175 26.25 -4.82 -21.42
C ALA B 175 26.56 -4.42 -22.86
N HIS B 176 26.28 -5.32 -23.80
CA HIS B 176 26.64 -5.09 -25.20
C HIS B 176 25.45 -5.22 -26.15
N GLY B 177 24.25 -5.00 -25.62
CA GLY B 177 23.04 -5.00 -26.44
C GLY B 177 22.76 -6.31 -27.15
N LYS B 178 23.09 -7.41 -26.49
CA LYS B 178 22.86 -8.74 -27.06
C LYS B 178 21.78 -9.50 -26.30
N GLY B 179 21.00 -8.78 -25.49
CA GLY B 179 19.90 -9.38 -24.75
C GLY B 179 20.33 -9.91 -23.39
N GLU B 180 19.37 -10.45 -22.64
CA GLU B 180 19.61 -10.88 -21.28
C GLU B 180 20.17 -12.30 -21.18
N HIS B 181 19.78 -13.16 -22.12
CA HIS B 181 20.22 -14.56 -22.11
C HIS B 181 20.27 -15.13 -20.69
N PRO B 182 19.11 -15.19 -20.03
CA PRO B 182 19.04 -15.65 -18.64
C PRO B 182 19.55 -17.08 -18.50
N GLN B 183 20.25 -17.34 -17.41
CA GLN B 183 20.77 -18.67 -17.10
C GLN B 183 21.04 -18.76 -15.61
N HIS B 184 21.40 -19.95 -15.14
CA HIS B 184 21.60 -20.15 -13.70
C HIS B 184 22.90 -19.50 -13.21
N VAL B 185 22.88 -19.09 -11.94
CA VAL B 185 24.07 -18.56 -11.28
C VAL B 185 24.36 -19.42 -10.06
N TYR B 186 25.61 -19.87 -9.93
CA TYR B 186 26.00 -20.69 -8.81
C TYR B 186 27.06 -19.99 -7.97
N THR B 187 27.06 -20.28 -6.67
CA THR B 187 28.18 -19.90 -5.83
C THR B 187 29.17 -21.06 -5.82
N VAL B 188 30.39 -20.80 -6.26
CA VAL B 188 31.40 -21.84 -6.33
C VAL B 188 32.46 -21.63 -5.25
N SER B 189 32.83 -22.72 -4.58
CA SER B 189 33.83 -22.64 -3.51
C SER B 189 35.20 -23.14 -4.00
N PHE B 190 36.21 -22.30 -3.80
CA PHE B 190 37.59 -22.67 -4.13
C PHE B 190 38.43 -22.69 -2.85
N THR B 191 39.36 -23.63 -2.76
CA THR B 191 40.29 -23.66 -1.64
C THR B 191 41.36 -22.59 -1.83
N SER B 192 41.98 -22.17 -0.73
CA SER B 192 43.04 -21.20 -0.78
C SER B 192 44.21 -21.75 -1.59
N VAL B 193 44.48 -23.04 -1.44
CA VAL B 193 45.58 -23.69 -2.15
C VAL B 193 45.34 -23.72 -3.65
N GLU B 194 44.10 -24.01 -4.05
CA GLU B 194 43.76 -24.11 -5.47
C GLU B 194 43.94 -22.77 -6.19
N LEU B 195 43.64 -21.68 -5.50
CA LEU B 195 43.71 -20.35 -6.10
C LEU B 195 45.11 -19.75 -6.08
N TRP B 196 45.82 -19.92 -4.97
CA TRP B 196 47.06 -19.19 -4.73
C TRP B 196 48.31 -20.05 -4.66
N GLY B 197 48.14 -21.37 -4.61
CA GLY B 197 49.28 -22.27 -4.57
C GLY B 197 49.66 -22.70 -3.17
N GLN B 198 50.58 -23.66 -3.08
CA GLN B 198 50.96 -24.26 -1.81
C GLN B 198 51.49 -23.26 -0.78
N ASP B 199 52.29 -22.30 -1.26
CA ASP B 199 53.00 -21.39 -0.35
C ASP B 199 52.13 -20.25 0.15
N ALA B 200 51.43 -19.59 -0.75
CA ALA B 200 50.66 -18.40 -0.41
C ALA B 200 49.28 -18.72 0.17
N SER B 201 49.09 -19.95 0.62
CA SER B 201 47.77 -20.39 1.08
C SER B 201 47.69 -20.69 2.57
N SER B 202 46.46 -20.72 3.07
CA SER B 202 46.17 -21.23 4.40
C SER B 202 45.22 -22.42 4.25
N PRO B 203 45.43 -23.47 5.05
CA PRO B 203 44.73 -24.75 4.90
C PRO B 203 43.22 -24.66 5.12
N LYS B 204 42.78 -23.77 5.99
CA LYS B 204 41.37 -23.69 6.38
C LYS B 204 40.53 -22.75 5.51
N ASP B 205 41.19 -21.86 4.77
CA ASP B 205 40.50 -20.77 4.10
C ASP B 205 39.93 -21.13 2.72
N THR B 206 38.73 -20.64 2.44
CA THR B 206 38.09 -20.86 1.14
C THR B 206 37.56 -19.54 0.58
N ILE B 207 37.43 -19.49 -0.74
CA ILE B 207 36.90 -18.31 -1.41
C ILE B 207 35.68 -18.68 -2.26
N ARG B 208 34.58 -17.97 -2.05
CA ARG B 208 33.36 -18.23 -2.80
C ARG B 208 33.08 -17.14 -3.84
N VAL B 209 32.79 -17.57 -5.06
CA VAL B 209 32.58 -16.66 -6.17
C VAL B 209 31.31 -17.03 -6.92
N ASP B 210 30.54 -16.02 -7.31
CA ASP B 210 29.28 -16.25 -8.03
C ASP B 210 29.49 -16.23 -9.54
N LEU B 211 29.25 -17.38 -10.18
CA LEU B 211 29.54 -17.52 -11.60
C LEU B 211 28.35 -18.06 -12.37
N TRP B 212 28.19 -17.60 -13.61
CA TRP B 212 27.09 -18.03 -14.46
C TRP B 212 27.34 -19.42 -15.03
N ASP B 213 26.27 -20.10 -15.40
CA ASP B 213 26.34 -21.48 -15.86
C ASP B 213 27.39 -21.70 -16.96
N ASP B 214 27.38 -20.86 -17.98
CA ASP B 214 28.28 -21.06 -19.12
C ASP B 214 29.68 -20.52 -18.88
N TYR B 215 29.95 -20.08 -17.66
CA TYR B 215 31.31 -19.76 -17.24
C TYR B 215 32.04 -21.05 -16.90
N LEU B 216 31.27 -22.12 -16.74
CA LEU B 216 31.79 -23.35 -16.13
C LEU B 216 31.77 -24.57 -17.05
N GLU B 217 32.45 -25.61 -16.60
CA GLU B 217 32.43 -26.92 -17.26
C GLU B 217 32.69 -27.97 -16.19
N PRO B 218 32.24 -29.20 -16.43
CA PRO B 218 32.51 -30.27 -15.45
C PRO B 218 34.01 -30.46 -15.25
N ALA B 219 34.45 -30.58 -14.00
CA ALA B 219 35.87 -30.71 -13.70
C ALA B 219 36.52 -31.86 -14.46
N HIS C 7 -10.86 36.85 4.66
CA HIS C 7 -11.39 35.50 4.76
C HIS C 7 -10.25 34.50 4.82
N ASP C 8 -9.04 35.02 4.96
CA ASP C 8 -7.83 34.22 5.05
C ASP C 8 -7.73 33.54 6.41
N HIS C 9 -6.70 32.71 6.57
CA HIS C 9 -6.39 32.14 7.87
C HIS C 9 -5.94 33.24 8.82
N HIS C 10 -6.32 33.13 10.10
CA HIS C 10 -5.95 34.15 11.07
C HIS C 10 -5.35 33.57 12.34
N HIS C 11 -5.98 32.52 12.88
CA HIS C 11 -5.56 31.95 14.16
C HIS C 11 -5.63 30.42 14.19
N ASP C 12 -5.66 29.80 13.03
CA ASP C 12 -5.76 28.35 12.95
C ASP C 12 -4.40 27.68 12.78
N GLY C 13 -3.34 28.48 12.87
CA GLY C 13 -1.98 27.96 12.81
C GLY C 13 -1.37 28.00 11.42
N TYR C 14 -2.18 28.29 10.42
CA TYR C 14 -1.70 28.28 9.03
C TYR C 14 -1.67 29.67 8.41
N GLN C 15 -1.94 30.70 9.21
CA GLN C 15 -1.85 32.08 8.74
C GLN C 15 -0.42 32.39 8.33
N ALA C 16 -0.23 33.49 7.60
CA ALA C 16 1.08 33.89 7.12
C ALA C 16 1.92 34.52 8.22
N PRO C 17 3.22 34.20 8.25
CA PRO C 17 4.14 34.82 9.18
C PRO C 17 4.50 36.23 8.69
N PRO C 18 5.06 37.07 9.56
CA PRO C 18 5.47 38.42 9.17
C PRO C 18 6.46 38.37 8.02
N GLU C 19 6.47 39.42 7.20
CA GLU C 19 7.31 39.46 6.00
C GLU C 19 8.80 39.42 6.32
N ASP C 20 9.17 39.80 7.53
CA ASP C 20 10.58 39.93 7.89
C ASP C 20 11.05 38.84 8.85
N ILE C 21 10.21 37.85 9.10
CA ILE C 21 10.49 36.84 10.11
C ILE C 21 11.86 36.17 9.94
N ALA C 22 12.22 35.83 8.71
CA ALA C 22 13.48 35.13 8.43
C ALA C 22 14.69 35.95 8.85
N LEU C 23 14.61 37.26 8.66
CA LEU C 23 15.69 38.16 9.03
C LEU C 23 15.86 38.22 10.54
N ARG C 24 14.74 38.34 11.24
CA ARG C 24 14.75 38.36 12.71
C ARG C 24 15.39 37.08 13.26
N VAL C 25 15.01 35.95 12.69
CA VAL C 25 15.55 34.66 13.10
C VAL C 25 17.04 34.57 12.83
N LYS C 26 17.46 35.03 11.65
CA LYS C 26 18.86 34.99 11.26
C LYS C 26 19.69 35.87 12.20
N ALA C 27 19.11 36.99 12.63
CA ALA C 27 19.80 37.93 13.50
C ALA C 27 20.02 37.36 14.90
N LEU C 28 18.99 36.74 15.46
CA LEU C 28 19.11 36.14 16.78
C LEU C 28 20.08 34.98 16.77
N GLU C 29 20.02 34.18 15.71
CA GLU C 29 20.92 33.03 15.58
C GLU C 29 22.37 33.49 15.59
N SER C 30 22.68 34.47 14.76
CA SER C 30 24.03 35.02 14.70
C SER C 30 24.47 35.52 16.08
N LEU C 31 23.58 36.22 16.77
CA LEU C 31 23.88 36.75 18.10
C LEU C 31 24.23 35.64 19.08
N LEU C 32 23.43 34.58 19.08
CA LEU C 32 23.61 33.46 19.99
C LEU C 32 24.89 32.69 19.70
N ILE C 33 25.20 32.52 18.41
CA ILE C 33 26.43 31.88 17.99
C ILE C 33 27.63 32.73 18.37
N GLU C 34 27.50 34.04 18.17
CA GLU C 34 28.57 34.98 18.47
C GLU C 34 28.92 34.99 19.95
N LYS C 35 27.90 34.91 20.80
CA LYS C 35 28.11 34.87 22.25
C LYS C 35 28.57 33.50 22.71
N GLY C 36 28.46 32.51 21.83
CA GLY C 36 28.90 31.17 22.13
C GLY C 36 27.88 30.37 22.93
N LEU C 37 26.61 30.70 22.74
CA LEU C 37 25.53 30.04 23.45
C LEU C 37 25.02 28.82 22.70
N VAL C 38 25.13 28.84 21.38
CA VAL C 38 24.68 27.70 20.57
C VAL C 38 25.71 27.24 19.54
N ASP C 39 25.59 25.99 19.14
CA ASP C 39 26.51 25.38 18.17
C ASP C 39 25.75 25.00 16.91
N PRO C 40 26.02 25.70 15.80
CA PRO C 40 25.29 25.51 14.55
C PRO C 40 25.28 24.06 14.11
N ALA C 41 26.40 23.37 14.24
CA ALA C 41 26.54 21.98 13.83
C ALA C 41 25.61 21.08 14.63
N ALA C 42 25.50 21.35 15.92
CA ALA C 42 24.63 20.56 16.79
C ALA C 42 23.17 20.82 16.45
N MET C 43 22.85 22.06 16.09
CA MET C 43 21.48 22.44 15.73
C MET C 43 21.03 21.75 14.45
N ASP C 44 21.96 21.59 13.52
CA ASP C 44 21.67 20.88 12.28
C ASP C 44 21.28 19.43 12.58
N LEU C 45 21.96 18.85 13.57
CA LEU C 45 21.68 17.48 13.99
C LEU C 45 20.30 17.37 14.62
N VAL C 46 19.88 18.41 15.33
CA VAL C 46 18.55 18.45 15.93
C VAL C 46 17.48 18.52 14.83
N VAL C 47 17.67 19.43 13.88
CA VAL C 47 16.76 19.55 12.74
C VAL C 47 16.65 18.22 12.00
N GLN C 48 17.81 17.65 11.66
CA GLN C 48 17.89 16.38 10.92
C GLN C 48 17.21 15.23 11.64
N THR C 49 17.16 15.31 12.97
CA THR C 49 16.53 14.27 13.78
C THR C 49 15.02 14.30 13.65
N TYR C 50 14.45 15.51 13.53
CA TYR C 50 13.00 15.64 13.48
C TYR C 50 12.47 15.80 12.06
N GLU C 51 13.38 16.08 11.12
CA GLU C 51 13.02 16.09 9.71
C GLU C 51 13.00 14.68 9.12
N HIS C 52 13.97 13.85 9.52
CA HIS C 52 14.18 12.57 8.83
C HIS C 52 14.17 11.30 9.69
N LYS C 53 14.32 11.43 11.00
CA LYS C 53 14.53 10.25 11.83
C LYS C 53 13.38 9.95 12.80
N VAL C 54 12.71 10.99 13.26
CA VAL C 54 11.61 10.81 14.22
C VAL C 54 10.27 11.27 13.64
N GLY C 55 9.32 10.33 13.59
CA GLY C 55 8.01 10.61 13.03
C GLY C 55 7.00 9.53 13.36
N PRO C 56 5.77 9.65 12.83
CA PRO C 56 4.67 8.72 13.12
C PRO C 56 4.96 7.28 12.73
N ARG C 57 5.93 7.07 11.86
CA ARG C 57 6.32 5.73 11.44
C ARG C 57 6.74 4.90 12.64
N ASN C 58 7.26 5.58 13.66
CA ASN C 58 7.67 4.95 14.91
C ASN C 58 6.48 4.39 15.66
N GLY C 59 5.50 5.25 15.93
CA GLY C 59 4.29 4.85 16.61
C GLY C 59 3.59 3.72 15.86
N ALA C 60 3.62 3.81 14.53
CA ALA C 60 3.00 2.79 13.69
C ALA C 60 3.60 1.42 13.99
N LYS C 61 4.93 1.38 14.09
CA LYS C 61 5.64 0.17 14.44
C LYS C 61 5.22 -0.35 15.80
N VAL C 62 5.01 0.56 16.73
CA VAL C 62 4.56 0.22 18.08
C VAL C 62 3.16 -0.39 18.05
N VAL C 63 2.24 0.27 17.37
CA VAL C 63 0.87 -0.21 17.27
C VAL C 63 0.82 -1.59 16.61
N ALA C 64 1.45 -1.70 15.44
CA ALA C 64 1.47 -2.95 14.70
C ALA C 64 1.96 -4.12 15.56
N LYS C 65 3.01 -3.89 16.35
CA LYS C 65 3.59 -4.93 17.18
C LYS C 65 2.62 -5.35 18.29
N ALA C 66 1.93 -4.37 18.87
CA ALA C 66 0.95 -4.64 19.91
C ALA C 66 -0.22 -5.44 19.34
N TRP C 67 -0.53 -5.20 18.07
CA TRP C 67 -1.62 -5.91 17.41
C TRP C 67 -1.35 -7.40 17.25
N VAL C 68 -0.10 -7.75 16.94
CA VAL C 68 0.26 -9.14 16.68
C VAL C 68 0.81 -9.86 17.90
N ASP C 69 1.34 -9.10 18.86
CA ASP C 69 2.00 -9.67 20.02
C ASP C 69 1.31 -9.28 21.33
N PRO C 70 0.40 -10.13 21.81
CA PRO C 70 -0.37 -9.92 23.04
C PRO C 70 0.49 -9.68 24.28
N ALA C 71 1.64 -10.34 24.35
CA ALA C 71 2.54 -10.18 25.48
C ALA C 71 3.14 -8.78 25.49
N TYR C 72 3.52 -8.30 24.30
CA TYR C 72 4.08 -6.97 24.17
C TYR C 72 3.04 -5.92 24.51
N LYS C 73 1.81 -6.15 24.03
CA LYS C 73 0.72 -5.23 24.29
C LYS C 73 0.49 -5.05 25.78
N ALA C 74 0.50 -6.16 26.51
CA ALA C 74 0.34 -6.13 27.96
C ALA C 74 1.45 -5.33 28.63
N ARG C 75 2.68 -5.54 28.18
CA ARG C 75 3.82 -4.79 28.70
C ARG C 75 3.68 -3.31 28.38
N LEU C 76 3.26 -3.01 27.14
CA LEU C 76 3.14 -1.63 26.68
C LEU C 76 2.10 -0.86 27.50
N LEU C 77 0.97 -1.49 27.77
CA LEU C 77 -0.10 -0.86 28.51
C LEU C 77 0.21 -0.74 29.99
N ALA C 78 1.15 -1.56 30.46
CA ALA C 78 1.57 -1.51 31.85
C ALA C 78 2.64 -0.44 32.06
N ASP C 79 3.48 -0.25 31.06
CA ASP C 79 4.54 0.75 31.12
C ASP C 79 4.86 1.25 29.71
N GLY C 80 4.25 2.37 29.33
CA GLY C 80 4.40 2.92 28.00
C GLY C 80 5.83 3.27 27.62
N THR C 81 6.58 3.83 28.56
CA THR C 81 7.95 4.25 28.29
C THR C 81 8.85 3.06 27.95
N ALA C 82 8.79 2.02 28.77
CA ALA C 82 9.56 0.82 28.53
C ALA C 82 9.09 0.13 27.25
N GLY C 83 7.78 0.12 27.06
CA GLY C 83 7.18 -0.54 25.91
C GLY C 83 7.70 0.01 24.60
N ILE C 84 7.66 1.33 24.45
CA ILE C 84 8.15 1.96 23.22
C ILE C 84 9.67 1.87 23.10
N ALA C 85 10.35 1.69 24.23
CA ALA C 85 11.81 1.57 24.25
C ALA C 85 12.25 0.26 23.63
N GLU C 86 11.41 -0.76 23.75
CA GLU C 86 11.72 -2.07 23.19
C GLU C 86 11.94 -1.96 21.68
N LEU C 87 11.38 -0.92 21.09
CA LEU C 87 11.53 -0.68 19.65
C LEU C 87 12.51 0.44 19.36
N GLY C 88 13.21 0.89 20.41
CA GLY C 88 14.26 1.88 20.26
C GLY C 88 13.77 3.32 20.22
N PHE C 89 12.60 3.56 20.79
CA PHE C 89 12.04 4.90 20.85
C PHE C 89 12.00 5.42 22.29
N SER C 90 12.43 6.66 22.47
CA SER C 90 12.56 7.25 23.79
C SER C 90 13.07 8.68 23.72
N GLY C 91 12.97 9.40 24.82
CA GLY C 91 13.61 10.69 24.93
C GLY C 91 12.69 11.89 25.09
N VAL C 92 13.17 13.03 24.58
CA VAL C 92 12.49 14.31 24.75
C VAL C 92 11.00 14.27 24.44
N GLN C 93 10.20 14.71 25.41
CA GLN C 93 8.75 14.78 25.28
C GLN C 93 8.09 13.40 25.17
N GLY C 94 8.78 12.39 25.68
CA GLY C 94 8.26 11.04 25.71
C GLY C 94 8.80 10.26 26.89
N GLU C 95 9.31 10.99 27.88
CA GLU C 95 9.94 10.39 29.04
C GLU C 95 8.97 9.54 29.87
N ASP C 96 7.72 9.96 29.94
CA ASP C 96 6.72 9.24 30.72
C ASP C 96 5.46 8.98 29.89
N MET C 97 5.51 7.90 29.11
CA MET C 97 4.44 7.59 28.17
C MET C 97 3.28 6.84 28.82
N VAL C 98 2.07 7.16 28.40
CA VAL C 98 0.88 6.38 28.77
C VAL C 98 0.09 6.05 27.51
N ILE C 99 -0.07 4.75 27.25
CA ILE C 99 -0.74 4.30 26.04
C ILE C 99 -2.24 4.07 26.27
N LEU C 100 -3.06 4.67 25.43
CA LEU C 100 -4.51 4.61 25.59
C LEU C 100 -5.13 3.64 24.59
N GLU C 101 -5.71 2.57 25.11
CA GLU C 101 -6.27 1.52 24.26
C GLU C 101 -7.71 1.79 23.84
N ASN C 102 -7.92 1.96 22.54
CA ASN C 102 -9.28 2.07 22.02
C ASN C 102 -9.98 0.72 22.04
N THR C 103 -11.22 0.71 22.51
CA THR C 103 -12.01 -0.50 22.60
C THR C 103 -13.36 -0.29 21.93
N PRO C 104 -14.16 -1.35 21.78
CA PRO C 104 -15.50 -1.17 21.23
C PRO C 104 -16.35 -0.22 22.07
N ALA C 105 -15.99 -0.06 23.34
CA ALA C 105 -16.77 0.78 24.25
C ALA C 105 -16.17 2.17 24.41
N VAL C 106 -14.87 2.29 24.20
CA VAL C 106 -14.16 3.54 24.46
C VAL C 106 -13.32 4.00 23.28
N HIS C 107 -13.47 5.27 22.91
CA HIS C 107 -12.61 5.89 21.91
C HIS C 107 -11.80 7.03 22.53
N ASN C 108 -10.49 6.89 22.50
CA ASN C 108 -9.59 7.87 23.09
C ASN C 108 -9.09 8.88 22.08
N VAL C 109 -8.82 10.09 22.55
CA VAL C 109 -8.19 11.13 21.76
C VAL C 109 -7.58 12.15 22.71
N PHE C 110 -6.39 12.64 22.39
CA PHE C 110 -5.70 13.56 23.30
C PHE C 110 -5.45 14.94 22.69
N VAL C 111 -5.16 15.89 23.58
CA VAL C 111 -4.97 17.27 23.19
C VAL C 111 -4.19 17.98 24.28
N CYS C 112 -3.62 19.12 23.95
CA CYS C 112 -3.02 19.98 24.95
C CYS C 112 -3.67 21.35 24.89
N THR C 113 -4.70 21.53 25.71
CA THR C 113 -5.46 22.77 25.70
C THR C 113 -4.58 23.96 26.07
N LEU C 114 -3.57 23.71 26.90
CA LEU C 114 -2.72 24.78 27.40
C LEU C 114 -1.61 25.18 26.44
N CSD C 115 -1.23 24.27 25.55
CA CSD C 115 -0.19 24.59 24.52
CB CSD C 115 1.18 24.74 25.20
SG CSD C 115 1.46 23.46 26.49
C CSD C 115 -0.10 23.64 23.35
O CSD C 115 -0.73 23.92 22.30
OD1 CSD C 115 3.25 23.39 26.59
OD2 CSD C 115 0.94 23.98 27.88
N SER C 116 0.66 22.56 23.48
CA SER C 116 0.93 21.69 22.34
C SER C 116 1.63 20.38 22.71
N CSD C 117 1.51 19.98 23.98
CA CSD C 117 2.21 18.76 24.49
CB CSD C 117 2.01 18.63 26.00
SG CSD C 117 2.53 20.24 26.75
C CSD C 117 1.80 17.56 23.69
O CSD C 117 0.61 17.38 23.36
OD1 CSD C 117 2.47 19.93 28.51
OD2 CSD C 117 4.04 20.47 26.38
N TYR C 118 2.79 16.73 23.38
CA TYR C 118 2.66 15.78 22.28
C TYR C 118 3.80 14.79 22.39
N PRO C 119 3.56 13.51 22.03
CA PRO C 119 4.56 12.46 22.19
C PRO C 119 5.56 12.46 21.05
N TRP C 120 6.64 13.23 21.20
CA TRP C 120 7.65 13.39 20.16
C TRP C 120 8.30 12.09 19.69
N PRO C 121 8.78 11.27 20.63
CA PRO C 121 9.52 10.06 20.24
C PRO C 121 8.74 9.12 19.30
N THR C 122 7.42 9.05 19.45
CA THR C 122 6.65 8.11 18.65
C THR C 122 5.88 8.74 17.48
N LEU C 123 5.58 10.03 17.58
CA LEU C 123 4.79 10.70 16.56
C LEU C 123 5.55 11.80 15.84
N GLY C 124 6.70 12.19 16.39
CA GLY C 124 7.45 13.31 15.86
C GLY C 124 6.86 14.60 16.36
N LEU C 125 7.22 15.72 15.72
CA LEU C 125 6.66 17.01 16.08
C LEU C 125 5.21 17.10 15.62
N PRO C 126 4.39 17.86 16.35
CA PRO C 126 2.95 17.94 16.06
C PRO C 126 2.66 18.79 14.84
N PRO C 127 1.53 18.52 14.16
CA PRO C 127 1.11 19.33 13.01
C PRO C 127 0.56 20.64 13.51
N ALA C 128 0.60 21.68 12.67
CA ALA C 128 0.19 23.01 13.08
C ALA C 128 -1.21 23.05 13.72
N TRP C 129 -2.12 22.25 13.19
CA TRP C 129 -3.51 22.28 13.67
C TRP C 129 -3.66 21.81 15.12
N TYR C 130 -2.80 20.87 15.53
CA TYR C 130 -2.83 20.36 16.88
C TYR C 130 -2.38 21.41 17.90
N LYS C 131 -1.56 22.34 17.43
CA LYS C 131 -0.99 23.36 18.31
C LYS C 131 -1.83 24.64 18.35
N ALA C 132 -2.89 24.69 17.55
CA ALA C 132 -3.65 25.93 17.37
C ALA C 132 -4.98 25.96 18.12
N ALA C 133 -5.53 27.17 18.26
CA ALA C 133 -6.73 27.43 19.07
C ALA C 133 -7.97 26.63 18.69
N PRO C 134 -8.28 26.52 17.38
CA PRO C 134 -9.51 25.81 17.00
C PRO C 134 -9.60 24.42 17.62
N TYR C 135 -8.59 23.58 17.38
CA TYR C 135 -8.60 22.22 17.91
C TYR C 135 -8.55 22.19 19.43
N ARG C 136 -7.66 22.98 20.01
CA ARG C 136 -7.43 22.95 21.45
C ARG C 136 -8.65 23.44 22.24
N SER C 137 -9.31 24.48 21.74
CA SER C 137 -10.45 25.07 22.43
C SER C 137 -11.66 24.15 22.44
N ARG C 138 -11.94 23.54 21.28
CA ARG C 138 -13.19 22.82 21.08
C ARG C 138 -13.14 21.35 21.47
N MET C 139 -11.95 20.76 21.43
CA MET C 139 -11.84 19.31 21.61
C MET C 139 -12.35 18.83 22.98
N VAL C 140 -12.27 19.68 23.99
CA VAL C 140 -12.67 19.28 25.34
C VAL C 140 -14.15 19.53 25.62
N SER C 141 -14.81 20.30 24.76
CA SER C 141 -16.22 20.61 24.95
C SER C 141 -17.12 19.89 23.94
N ASP C 142 -16.68 19.84 22.69
CA ASP C 142 -17.45 19.17 21.64
C ASP C 142 -16.58 18.26 20.80
N PRO C 143 -16.16 17.11 21.37
CA PRO C 143 -15.30 16.16 20.65
C PRO C 143 -15.92 15.72 19.33
N ARG C 144 -17.18 15.33 19.37
CA ARG C 144 -17.89 14.82 18.19
C ARG C 144 -17.97 15.85 17.07
N GLY C 145 -18.23 17.10 17.42
CA GLY C 145 -18.28 18.17 16.44
C GLY C 145 -16.95 18.32 15.71
N VAL C 146 -15.87 18.29 16.48
CA VAL C 146 -14.52 18.41 15.92
C VAL C 146 -14.16 17.17 15.10
N LEU C 147 -14.45 16.00 15.64
CA LEU C 147 -14.13 14.75 14.95
C LEU C 147 -14.88 14.63 13.62
N ALA C 148 -16.09 15.16 13.57
CA ALA C 148 -16.89 15.14 12.34
C ALA C 148 -16.19 15.93 11.23
N GLU C 149 -15.45 16.95 11.62
CA GLU C 149 -14.72 17.76 10.65
C GLU C 149 -13.58 16.96 10.02
N PHE C 150 -13.20 15.87 10.67
CA PHE C 150 -12.13 15.03 10.14
C PHE C 150 -12.70 13.81 9.43
N GLY C 151 -14.02 13.80 9.27
CA GLY C 151 -14.69 12.71 8.57
C GLY C 151 -14.90 11.50 9.44
N LEU C 152 -14.74 11.68 10.76
CA LEU C 152 -14.93 10.58 11.71
C LEU C 152 -16.16 10.78 12.58
N VAL C 153 -17.13 9.88 12.41
CA VAL C 153 -18.32 9.90 13.25
C VAL C 153 -18.34 8.72 14.21
N ILE C 154 -18.30 9.01 15.50
CA ILE C 154 -18.33 7.98 16.53
C ILE C 154 -19.75 7.57 16.85
N PRO C 155 -20.01 6.26 16.95
CA PRO C 155 -21.33 5.79 17.37
C PRO C 155 -21.82 6.56 18.59
N ALA C 156 -23.11 6.84 18.65
CA ALA C 156 -23.66 7.66 19.74
C ALA C 156 -23.49 6.98 21.09
N ASN C 157 -23.59 5.65 21.10
CA ASN C 157 -23.49 4.90 22.36
C ASN C 157 -22.05 4.61 22.76
N LYS C 158 -21.11 4.92 21.87
CA LYS C 158 -19.70 4.72 22.19
C LYS C 158 -19.13 5.93 22.91
N GLU C 159 -18.50 5.69 24.06
CA GLU C 159 -17.94 6.77 24.87
C GLU C 159 -16.67 7.33 24.26
N ILE C 160 -16.59 8.66 24.22
CA ILE C 160 -15.36 9.33 23.82
C ILE C 160 -14.62 9.87 25.04
N ARG C 161 -13.35 9.53 25.15
CA ARG C 161 -12.52 10.03 26.25
C ARG C 161 -11.48 11.01 25.71
N VAL C 162 -11.62 12.27 26.09
CA VAL C 162 -10.64 13.27 25.70
C VAL C 162 -9.62 13.43 26.83
N TRP C 163 -8.35 13.23 26.49
CA TRP C 163 -7.27 13.36 27.47
C TRP C 163 -6.53 14.68 27.27
N ASP C 164 -6.57 15.54 28.28
CA ASP C 164 -5.88 16.82 28.22
C ASP C 164 -4.47 16.68 28.81
N THR C 165 -3.46 16.99 28.01
CA THR C 165 -2.07 16.83 28.41
C THR C 165 -1.58 18.00 29.26
N THR C 166 -2.03 18.05 30.50
CA THR C 166 -1.75 19.18 31.39
C THR C 166 -0.50 18.97 32.24
N ALA C 167 -0.04 17.73 32.34
CA ALA C 167 1.12 17.42 33.17
C ALA C 167 2.31 16.95 32.33
N GLN C 168 3.16 16.12 32.92
CA GLN C 168 4.35 15.62 32.24
C GLN C 168 4.15 14.24 31.64
N LEU C 169 2.96 13.70 31.77
CA LEU C 169 2.62 12.46 31.09
C LEU C 169 2.36 12.79 29.63
N ARG C 170 2.76 11.88 28.73
CA ARG C 170 2.49 12.06 27.31
C ARG C 170 1.69 10.87 26.79
N TYR C 171 0.67 11.15 26.00
CA TYR C 171 -0.28 10.13 25.61
C TYR C 171 -0.19 9.75 24.14
N MET C 172 -0.38 8.46 23.87
CA MET C 172 -0.51 7.98 22.50
C MET C 172 -1.63 6.95 22.43
N VAL C 173 -2.47 7.05 21.41
CA VAL C 173 -3.62 6.18 21.27
C VAL C 173 -3.29 4.91 20.51
N LEU C 174 -3.64 3.77 21.10
CA LEU C 174 -3.55 2.49 20.41
C LEU C 174 -4.86 2.21 19.71
N PRO C 175 -4.87 2.39 18.38
CA PRO C 175 -6.09 2.23 17.59
C PRO C 175 -6.57 0.79 17.59
N GLU C 176 -7.86 0.59 17.35
CA GLU C 176 -8.39 -0.75 17.18
C GLU C 176 -7.94 -1.29 15.83
N ARG C 177 -7.65 -2.59 15.77
CA ARG C 177 -7.19 -3.22 14.55
C ARG C 177 -8.31 -3.33 13.53
N PRO C 178 -8.09 -2.81 12.32
CA PRO C 178 -9.10 -2.86 11.25
C PRO C 178 -9.56 -4.29 11.00
N ALA C 179 -10.82 -4.46 10.63
CA ALA C 179 -11.35 -5.78 10.31
C ALA C 179 -10.83 -6.25 8.95
N GLY C 180 -10.65 -7.55 8.80
CA GLY C 180 -10.19 -8.12 7.56
C GLY C 180 -8.70 -7.96 7.33
N THR C 181 -7.92 -8.10 8.40
CA THR C 181 -6.47 -7.99 8.32
C THR C 181 -5.76 -9.16 8.99
N GLU C 182 -6.49 -10.21 9.34
CA GLU C 182 -5.88 -11.35 10.00
C GLU C 182 -4.76 -11.91 9.14
N ALA C 183 -4.79 -11.54 7.86
CA ALA C 183 -3.79 -11.99 6.90
C ALA C 183 -2.59 -11.05 6.86
N TYR C 184 -2.85 -9.76 7.09
CA TYR C 184 -1.80 -8.74 7.06
C TYR C 184 -0.64 -9.09 7.97
N SER C 185 0.58 -8.80 7.51
CA SER C 185 1.77 -8.99 8.34
C SER C 185 2.03 -7.73 9.16
N GLU C 186 2.99 -7.79 10.07
CA GLU C 186 3.25 -6.67 10.98
C GLU C 186 3.66 -5.39 10.24
N GLU C 187 4.51 -5.54 9.23
CA GLU C 187 4.93 -4.40 8.44
C GLU C 187 3.80 -3.93 7.53
N GLN C 188 2.89 -4.86 7.20
CA GLN C 188 1.71 -4.49 6.41
C GLN C 188 0.66 -3.82 7.29
N LEU C 189 0.60 -4.23 8.55
CA LEU C 189 -0.35 -3.66 9.50
C LEU C 189 0.05 -2.22 9.83
N ALA C 190 1.35 -1.96 9.88
CA ALA C 190 1.86 -0.65 10.25
C ALA C 190 1.49 0.42 9.22
N GLU C 191 1.32 -0.01 7.97
CA GLU C 191 0.97 0.91 6.90
C GLU C 191 -0.46 1.41 7.04
N LEU C 192 -1.25 0.72 7.86
CA LEU C 192 -2.65 1.10 8.06
C LEU C 192 -2.77 2.15 9.16
N VAL C 193 -1.75 2.23 10.01
CA VAL C 193 -1.77 3.13 11.16
C VAL C 193 -1.34 4.54 10.80
N THR C 194 -2.32 5.43 10.66
CA THR C 194 -2.06 6.83 10.35
C THR C 194 -1.70 7.62 11.61
N ARG C 195 -1.12 8.80 11.43
CA ARG C 195 -0.84 9.69 12.54
C ARG C 195 -2.14 9.99 13.28
N ASP C 196 -3.17 10.33 12.51
CA ASP C 196 -4.47 10.65 13.08
C ASP C 196 -5.03 9.53 13.97
N SER C 197 -4.85 8.28 13.53
CA SER C 197 -5.36 7.14 14.28
C SER C 197 -4.66 6.99 15.64
N MET C 198 -3.45 7.54 15.74
CA MET C 198 -2.68 7.48 16.98
C MET C 198 -2.91 8.70 17.87
N ILE C 199 -3.45 9.77 17.29
CA ILE C 199 -3.85 10.93 18.05
C ILE C 199 -5.27 10.74 18.56
N GLY C 200 -6.07 10.04 17.76
CA GLY C 200 -7.46 9.78 18.08
C GLY C 200 -8.42 10.56 17.20
N THR C 201 -7.86 11.35 16.29
CA THR C 201 -8.67 12.17 15.39
C THR C 201 -8.97 11.44 14.09
N GLY C 202 -8.79 10.12 14.09
CA GLY C 202 -9.07 9.32 12.92
C GLY C 202 -8.98 7.84 13.22
N LEU C 203 -9.24 7.02 12.21
CA LEU C 203 -9.16 5.57 12.36
C LEU C 203 -8.10 5.01 11.41
N PRO C 204 -7.53 3.86 11.74
CA PRO C 204 -6.60 3.20 10.82
C PRO C 204 -7.27 2.93 9.48
N THR C 205 -6.49 2.96 8.40
CA THR C 205 -7.01 2.70 7.07
C THR C 205 -7.71 1.34 7.03
N GLN C 206 -8.84 1.29 6.34
CA GLN C 206 -9.57 0.04 6.16
C GLN C 206 -9.35 -0.51 4.76
N PRO C 207 -9.09 -1.81 4.65
CA PRO C 207 -8.91 -2.50 3.38
C PRO C 207 -9.91 -2.04 2.32
N MET D 1 -2.29 31.20 35.30
CA MET D 1 -2.62 32.47 34.66
C MET D 1 -3.82 32.33 33.74
N ASN D 2 -4.85 33.13 33.99
CA ASN D 2 -6.06 33.11 33.18
C ASN D 2 -5.88 33.87 31.87
N GLY D 3 -5.00 33.36 31.02
CA GLY D 3 -4.68 34.02 29.77
C GLY D 3 -5.26 33.35 28.53
N ILE D 4 -5.01 33.96 27.38
CA ILE D 4 -5.56 33.49 26.12
C ILE D 4 -5.14 32.04 25.81
N HIS D 5 -4.05 31.61 26.43
CA HIS D 5 -3.50 30.28 26.17
C HIS D 5 -4.40 29.18 26.69
N ASP D 6 -5.16 29.50 27.74
CA ASP D 6 -6.07 28.54 28.35
C ASP D 6 -7.35 28.43 27.52
N THR D 7 -7.26 27.71 26.42
CA THR D 7 -8.32 27.70 25.40
C THR D 7 -9.49 26.75 25.68
N GLY D 8 -9.29 25.78 26.55
CA GLY D 8 -10.30 24.78 26.81
C GLY D 8 -11.72 25.30 27.03
N GLY D 9 -12.61 25.01 26.09
CA GLY D 9 -14.02 25.35 26.24
C GLY D 9 -14.42 26.65 25.54
N ALA D 10 -13.47 27.29 24.87
CA ALA D 10 -13.74 28.56 24.19
C ALA D 10 -14.51 28.37 22.89
N HIS D 11 -15.30 29.37 22.53
CA HIS D 11 -16.03 29.36 21.27
C HIS D 11 -15.44 30.38 20.29
N GLY D 12 -15.77 30.24 19.01
CA GLY D 12 -15.42 31.25 18.03
C GLY D 12 -14.07 31.10 17.35
N TYR D 13 -13.36 30.01 17.62
CA TYR D 13 -12.09 29.76 16.95
C TYR D 13 -12.28 29.09 15.59
N GLY D 14 -13.47 28.54 15.38
CA GLY D 14 -13.85 28.03 14.08
C GLY D 14 -13.50 26.59 13.81
N PRO D 15 -13.54 26.19 12.53
CA PRO D 15 -13.26 24.83 12.07
C PRO D 15 -11.79 24.47 12.21
N VAL D 16 -11.50 23.20 12.44
CA VAL D 16 -10.11 22.74 12.47
C VAL D 16 -9.62 22.50 11.05
N TYR D 17 -8.95 23.50 10.50
CA TYR D 17 -8.37 23.37 9.17
C TYR D 17 -7.08 22.57 9.26
N ARG D 18 -6.83 21.77 8.23
CA ARG D 18 -5.62 20.99 8.16
C ARG D 18 -5.04 21.01 6.76
N GLU D 19 -3.73 21.18 6.68
CA GLU D 19 -3.02 21.14 5.42
C GLU D 19 -2.62 19.70 5.11
N PRO D 20 -2.97 19.24 3.89
CA PRO D 20 -2.66 17.87 3.44
C PRO D 20 -1.18 17.70 3.13
N ASN D 21 -0.63 16.55 3.51
CA ASN D 21 0.79 16.28 3.30
C ASN D 21 1.64 17.39 3.91
N GLU D 22 1.32 17.74 5.16
CA GLU D 22 2.03 18.81 5.85
C GLU D 22 3.45 18.39 6.21
N PRO D 23 4.43 19.24 5.89
CA PRO D 23 5.84 18.98 6.21
C PRO D 23 6.12 19.24 7.67
N VAL D 24 7.17 18.64 8.21
CA VAL D 24 7.57 18.91 9.58
C VAL D 24 7.85 20.40 9.75
N PHE D 25 8.57 20.97 8.80
CA PHE D 25 8.88 22.39 8.81
C PHE D 25 8.38 23.07 7.53
N ARG D 26 7.40 23.95 7.68
CA ARG D 26 6.80 24.64 6.54
C ARG D 26 7.69 25.74 5.99
N TYR D 27 8.52 26.32 6.85
CA TYR D 27 9.51 27.32 6.42
C TYR D 27 10.88 27.00 7.01
N ASP D 28 11.92 27.49 6.35
CA ASP D 28 13.29 27.25 6.81
C ASP D 28 13.57 27.88 8.18
N TRP D 29 13.05 29.08 8.41
CA TRP D 29 13.30 29.78 9.67
C TRP D 29 12.76 29.00 10.87
N GLU D 30 11.72 28.20 10.64
CA GLU D 30 11.17 27.34 11.68
C GLU D 30 12.21 26.34 12.18
N LYS D 31 13.03 25.83 11.25
CA LYS D 31 14.08 24.89 11.59
C LYS D 31 15.06 25.50 12.59
N THR D 32 15.47 26.74 12.32
CA THR D 32 16.38 27.44 13.20
C THR D 32 15.75 27.63 14.57
N VAL D 33 14.52 28.13 14.59
CA VAL D 33 13.80 28.40 15.83
C VAL D 33 13.58 27.13 16.64
N MET D 34 13.17 26.06 15.98
CA MET D 34 12.92 24.79 16.67
C MET D 34 14.18 24.22 17.31
N SER D 35 15.28 24.20 16.56
CA SER D 35 16.52 23.61 17.04
C SER D 35 17.18 24.41 18.15
N LEU D 36 16.76 25.66 18.32
CA LEU D 36 17.31 26.53 19.36
C LEU D 36 16.87 26.09 20.75
N LEU D 37 15.66 25.56 20.85
CA LEU D 37 15.10 25.16 22.15
C LEU D 37 15.99 24.17 22.90
N PRO D 38 16.34 23.04 22.27
CA PRO D 38 17.19 22.06 22.96
C PRO D 38 18.55 22.64 23.30
N ALA D 39 19.08 23.50 22.43
CA ALA D 39 20.39 24.11 22.64
C ALA D 39 20.41 24.98 23.89
N LEU D 40 19.34 25.74 24.10
CA LEU D 40 19.26 26.66 25.22
C LEU D 40 18.88 25.96 26.52
N LEU D 41 17.98 24.98 26.43
CA LEU D 41 17.63 24.17 27.59
C LEU D 41 18.87 23.47 28.13
N ALA D 42 19.70 22.97 27.22
CA ALA D 42 20.91 22.24 27.58
C ALA D 42 21.90 23.14 28.32
N ASN D 43 21.97 24.40 27.93
CA ASN D 43 22.81 25.38 28.60
C ASN D 43 22.35 25.62 30.03
N GLY D 44 21.07 25.34 30.27
CA GLY D 44 20.45 25.63 31.55
C GLY D 44 20.06 27.09 31.62
N ASN D 45 19.90 27.71 30.46
CA ASN D 45 19.54 29.12 30.38
C ASN D 45 18.17 29.37 30.99
N PHE D 46 17.32 28.35 30.92
CA PHE D 46 16.00 28.38 31.53
C PHE D 46 15.41 26.98 31.55
N ASN D 47 14.44 26.74 32.43
CA ASN D 47 13.75 25.45 32.44
C ASN D 47 12.46 25.50 31.62
N LEU D 48 11.92 24.32 31.32
CA LEU D 48 10.77 24.20 30.42
C LEU D 48 9.52 24.91 30.95
N ASP D 49 9.41 25.02 32.26
CA ASP D 49 8.24 25.64 32.88
C ASP D 49 8.27 27.15 32.73
N GLU D 50 9.45 27.75 32.91
CA GLU D 50 9.64 29.16 32.66
C GLU D 50 9.37 29.45 31.19
N PHE D 51 9.69 28.47 30.35
CA PHE D 51 9.48 28.60 28.91
C PHE D 51 7.99 28.73 28.59
N ARG D 52 7.19 27.78 29.08
CA ARG D 52 5.75 27.81 28.86
C ARG D 52 5.15 29.12 29.33
N HIS D 53 5.58 29.58 30.51
CA HIS D 53 5.00 30.77 31.11
C HIS D 53 5.41 32.04 30.38
N SER D 54 6.55 31.98 29.68
CA SER D 54 6.99 33.11 28.88
C SER D 54 6.03 33.32 27.71
N ILE D 55 5.56 32.21 27.16
CA ILE D 55 4.61 32.25 26.05
C ILE D 55 3.24 32.71 26.54
N GLU D 56 2.85 32.25 27.72
CA GLU D 56 1.58 32.64 28.30
C GLU D 56 1.54 34.15 28.54
N ARG D 57 2.72 34.76 28.61
CA ARG D 57 2.82 36.18 28.97
C ARG D 57 2.99 37.14 27.78
N MET D 58 2.98 36.60 26.56
CA MET D 58 3.00 37.47 25.40
C MET D 58 1.61 38.06 25.17
N GLY D 59 1.54 39.18 24.46
CA GLY D 59 0.28 39.83 24.19
C GLY D 59 -0.73 38.87 23.58
N PRO D 60 -1.98 38.93 24.08
CA PRO D 60 -3.04 38.03 23.61
C PRO D 60 -3.19 38.05 22.08
N ALA D 61 -3.14 39.24 21.50
CA ALA D 61 -3.23 39.37 20.04
C ALA D 61 -2.03 38.75 19.35
N HIS D 62 -0.83 39.04 19.86
N HIS D 62 -0.84 39.02 19.87
CA HIS D 62 0.39 38.48 19.30
CA HIS D 62 0.40 38.48 19.32
C HIS D 62 0.35 36.95 19.37
C HIS D 62 0.39 36.95 19.39
N TYR D 63 -0.19 36.42 20.46
CA TYR D 63 -0.31 34.98 20.63
C TYR D 63 -1.21 34.36 19.57
N LEU D 64 -2.32 35.03 19.26
CA LEU D 64 -3.29 34.52 18.29
C LEU D 64 -2.82 34.71 16.84
N GLU D 65 -2.24 35.87 16.55
CA GLU D 65 -1.74 36.18 15.23
C GLU D 65 -0.52 35.34 14.86
N GLY D 66 0.35 35.11 15.83
CA GLY D 66 1.59 34.40 15.59
C GLY D 66 1.44 32.92 15.30
N THR D 67 2.18 32.45 14.29
CA THR D 67 2.30 31.03 14.03
C THR D 67 3.05 30.38 15.19
N TYR D 68 2.97 29.07 15.31
CA TYR D 68 3.51 28.37 16.48
C TYR D 68 4.93 28.78 16.86
N TYR D 69 5.84 28.74 15.88
CA TYR D 69 7.25 28.98 16.17
C TYR D 69 7.60 30.44 16.43
N GLU D 70 6.65 31.33 16.19
CA GLU D 70 6.81 32.73 16.59
C GLU D 70 6.69 32.81 18.11
N HIS D 71 5.88 31.92 18.67
CA HIS D 71 5.73 31.81 20.12
C HIS D 71 7.10 31.52 20.74
N TRP D 72 7.79 30.55 20.16
CA TRP D 72 9.12 30.16 20.61
C TRP D 72 10.12 31.31 20.44
N LEU D 73 10.09 31.94 19.27
CA LEU D 73 10.98 33.06 18.98
C LEU D 73 10.78 34.19 19.98
N HIS D 74 9.54 34.39 20.42
CA HIS D 74 9.25 35.41 21.41
C HIS D 74 9.95 35.10 22.73
N VAL D 75 9.86 33.85 23.16
CA VAL D 75 10.51 33.43 24.40
C VAL D 75 12.00 33.68 24.35
N PHE D 76 12.63 33.33 23.24
CA PHE D 76 14.07 33.47 23.11
C PHE D 76 14.52 34.94 23.16
N GLU D 77 13.70 35.82 22.62
CA GLU D 77 14.03 37.24 22.58
C GLU D 77 13.73 37.95 23.88
N ASN D 78 12.88 37.35 24.71
CA ASN D 78 12.42 38.00 25.93
C ASN D 78 12.83 37.31 27.24
N LEU D 79 12.65 35.99 27.30
CA LEU D 79 13.00 35.24 28.50
C LEU D 79 14.52 35.23 28.73
N LEU D 80 15.28 35.26 27.64
CA LEU D 80 16.73 35.33 27.73
C LEU D 80 17.18 36.65 28.33
N VAL D 81 16.42 37.71 28.08
CA VAL D 81 16.72 39.02 28.64
C VAL D 81 16.34 39.08 30.11
N GLU D 82 15.18 38.50 30.44
CA GLU D 82 14.71 38.46 31.82
C GLU D 82 15.70 37.68 32.70
N LYS D 83 16.23 36.60 32.14
CA LYS D 83 17.19 35.76 32.87
C LYS D 83 18.58 36.40 32.91
N GLY D 84 18.77 37.45 32.12
CA GLY D 84 20.04 38.15 32.10
C GLY D 84 21.13 37.42 31.34
N VAL D 85 20.73 36.61 30.35
CA VAL D 85 21.68 35.95 29.47
C VAL D 85 21.99 36.85 28.29
N LEU D 86 20.95 37.44 27.71
CA LEU D 86 21.11 38.40 26.64
C LEU D 86 20.66 39.77 27.14
N THR D 87 21.56 40.74 27.14
CA THR D 87 21.16 42.10 27.45
C THR D 87 20.20 42.52 26.35
N ALA D 88 19.23 43.37 26.69
CA ALA D 88 18.33 43.90 25.68
C ALA D 88 19.16 44.75 24.72
N THR D 89 20.31 45.19 25.21
CA THR D 89 21.29 45.88 24.39
C THR D 89 21.78 44.93 23.30
N GLU D 90 22.07 43.69 23.71
CA GLU D 90 22.62 42.69 22.81
C GLU D 90 21.64 42.22 21.76
N VAL D 91 20.38 42.08 22.14
CA VAL D 91 19.36 41.70 21.18
C VAL D 91 19.07 42.87 20.26
N ALA D 92 19.49 44.06 20.69
CA ALA D 92 19.33 45.27 19.88
C ALA D 92 20.47 45.42 18.88
N THR D 93 21.70 45.32 19.37
CA THR D 93 22.87 45.48 18.52
C THR D 93 23.06 44.26 17.64
N GLY D 94 22.69 43.09 18.19
CA GLY D 94 22.89 41.84 17.50
C GLY D 94 24.33 41.40 17.65
N LYS D 95 25.01 42.02 18.61
CA LYS D 95 26.43 41.80 18.82
C LYS D 95 26.72 41.48 20.27
N ALA D 96 27.56 40.47 20.49
CA ALA D 96 27.96 40.08 21.83
C ALA D 96 28.71 41.21 22.52
N ALA D 97 28.55 41.32 23.83
CA ALA D 97 29.34 42.26 24.60
C ALA D 97 30.82 41.98 24.35
N SER D 98 31.27 40.82 24.80
CA SER D 98 32.67 40.44 24.64
C SER D 98 32.82 39.13 23.87
N GLY D 99 32.29 39.10 22.65
CA GLY D 99 32.41 37.94 21.79
C GLY D 99 32.02 36.64 22.46
N LYS D 100 32.67 35.56 22.03
CA LYS D 100 32.34 34.21 22.50
C LYS D 100 32.80 33.98 23.94
N THR D 101 31.99 34.44 24.90
CA THR D 101 32.32 34.31 26.31
C THR D 101 31.71 33.05 26.91
N ALA D 102 30.74 32.47 26.22
CA ALA D 102 30.11 31.23 26.68
C ALA D 102 30.56 30.09 25.79
N THR D 103 30.34 28.86 26.27
CA THR D 103 30.60 27.70 25.44
C THR D 103 29.34 26.85 25.35
N PRO D 104 28.91 26.53 24.12
CA PRO D 104 27.68 25.77 23.91
C PRO D 104 27.73 24.42 24.60
N VAL D 105 26.71 24.10 25.40
CA VAL D 105 26.65 22.81 26.07
C VAL D 105 26.19 21.72 25.11
N LEU D 106 25.30 22.08 24.20
CA LEU D 106 24.82 21.14 23.19
C LEU D 106 25.79 21.06 22.02
N THR D 107 26.66 20.06 22.05
CA THR D 107 27.63 19.84 20.98
C THR D 107 27.24 18.63 20.14
N PRO D 108 27.74 18.54 18.90
CA PRO D 108 27.37 17.44 18.01
C PRO D 108 27.51 16.08 18.66
N ALA D 109 28.51 15.92 19.52
CA ALA D 109 28.84 14.64 20.12
C ALA D 109 27.75 14.10 21.04
N ILE D 110 26.96 14.99 21.63
CA ILE D 110 25.97 14.57 22.63
C ILE D 110 24.52 14.74 22.19
N VAL D 111 24.31 15.27 20.98
CA VAL D 111 22.96 15.53 20.49
C VAL D 111 22.06 14.29 20.56
N ASP D 112 22.48 13.20 19.91
CA ASP D 112 21.69 11.97 19.89
C ASP D 112 21.42 11.44 21.28
N GLY D 113 22.44 11.43 22.13
CA GLY D 113 22.31 10.93 23.48
C GLY D 113 21.32 11.73 24.29
N LEU D 114 21.38 13.05 24.15
CA LEU D 114 20.49 13.95 24.89
C LEU D 114 19.05 13.78 24.44
N LEU D 115 18.84 13.78 23.13
CA LEU D 115 17.49 13.66 22.55
C LEU D 115 16.88 12.30 22.87
N SER D 116 17.71 11.27 22.94
CA SER D 116 17.24 9.92 23.20
C SER D 116 16.93 9.69 24.68
N THR D 117 17.52 10.54 25.53
CA THR D 117 17.38 10.39 26.98
C THR D 117 16.30 11.30 27.56
N GLY D 118 16.35 12.58 27.20
CA GLY D 118 15.39 13.54 27.70
C GLY D 118 15.59 13.81 29.18
N ALA D 119 14.58 14.40 29.81
CA ALA D 119 14.66 14.73 31.23
C ALA D 119 13.31 14.55 31.92
N SER D 120 13.10 13.38 32.51
CA SER D 120 11.84 13.06 33.19
C SER D 120 11.58 14.02 34.34
N ALA D 121 10.31 14.34 34.58
CA ALA D 121 9.93 15.22 35.67
C ALA D 121 9.61 14.41 36.92
N ALA D 122 9.60 13.09 36.77
CA ALA D 122 9.35 12.19 37.88
C ALA D 122 10.45 12.32 38.91
N ARG D 123 10.09 12.24 40.19
CA ARG D 123 11.05 12.34 41.27
C ARG D 123 10.87 11.20 42.26
N GLU D 124 11.96 10.84 42.93
CA GLU D 124 11.94 9.73 43.89
C GLU D 124 10.89 9.93 44.97
N GLU D 125 10.98 11.05 45.68
CA GLU D 125 10.11 11.30 46.82
C GLU D 125 9.51 12.71 46.82
N GLY D 126 8.35 12.84 47.44
CA GLY D 126 7.67 14.11 47.56
C GLY D 126 6.49 13.96 48.51
N ALA D 127 5.59 14.93 48.50
CA ALA D 127 4.41 14.89 49.35
C ALA D 127 3.68 13.56 49.20
N ARG D 128 3.13 13.06 50.30
CA ARG D 128 2.39 11.80 50.29
C ARG D 128 1.07 11.96 49.56
N ALA D 129 0.58 10.88 48.97
CA ALA D 129 -0.66 10.90 48.21
C ALA D 129 -1.88 10.90 49.13
N ARG D 130 -2.75 11.89 48.93
CA ARG D 130 -3.95 12.01 49.75
C ARG D 130 -5.12 11.22 49.17
N PHE D 131 -5.03 10.91 47.88
CA PHE D 131 -6.15 10.29 47.18
C PHE D 131 -5.84 8.93 46.58
N ALA D 132 -6.88 8.10 46.48
CA ALA D 132 -6.77 6.79 45.84
C ALA D 132 -7.73 6.72 44.67
N VAL D 133 -7.35 5.95 43.65
CA VAL D 133 -8.21 5.67 42.52
C VAL D 133 -9.61 5.30 42.98
N GLY D 134 -10.61 6.02 42.48
CA GLY D 134 -11.98 5.78 42.86
C GLY D 134 -12.54 6.92 43.68
N ASP D 135 -11.64 7.69 44.29
CA ASP D 135 -12.02 8.84 45.11
C ASP D 135 -12.67 9.93 44.27
N LYS D 136 -13.75 10.51 44.80
CA LYS D 136 -14.35 11.68 44.20
C LYS D 136 -13.59 12.91 44.68
N VAL D 137 -13.17 13.75 43.75
CA VAL D 137 -12.40 14.95 44.10
C VAL D 137 -12.96 16.19 43.43
N ARG D 138 -12.71 17.35 44.04
N ARG D 138 -12.69 17.34 44.04
CA ARG D 138 -13.10 18.62 43.44
CA ARG D 138 -13.07 18.62 43.49
C ARG D 138 -11.88 19.52 43.24
C ARG D 138 -11.82 19.45 43.22
N VAL D 139 -11.73 20.03 42.03
CA VAL D 139 -10.62 20.91 41.71
C VAL D 139 -10.81 22.23 42.45
N LEU D 140 -9.79 22.65 43.18
CA LEU D 140 -9.86 23.91 43.93
C LEU D 140 -10.03 25.08 42.97
N ASN D 141 -10.84 26.06 43.38
CA ASN D 141 -10.94 27.29 42.63
C ASN D 141 -9.77 28.22 42.96
N LYS D 142 -8.74 28.18 42.13
CA LYS D 142 -7.60 29.06 42.27
C LYS D 142 -7.48 29.91 41.01
N ASN D 143 -6.84 31.06 41.14
CA ASN D 143 -6.61 31.92 39.99
C ASN D 143 -5.27 32.64 40.10
N PRO D 144 -4.16 31.87 40.07
CA PRO D 144 -2.83 32.46 40.21
C PRO D 144 -2.53 33.32 38.99
N VAL D 145 -1.80 34.41 39.19
CA VAL D 145 -1.38 35.24 38.07
C VAL D 145 -0.18 34.56 37.40
N GLY D 146 0.47 33.68 38.15
CA GLY D 146 1.63 32.97 37.66
C GLY D 146 1.28 31.67 36.96
N HIS D 147 2.30 30.86 36.71
CA HIS D 147 2.15 29.63 35.96
C HIS D 147 1.38 28.56 36.75
N THR D 148 0.40 27.93 36.09
CA THR D 148 -0.34 26.83 36.69
C THR D 148 -0.81 25.86 35.59
N ARG D 149 -1.19 24.66 35.99
CA ARG D 149 -1.57 23.64 35.02
C ARG D 149 -2.97 23.08 35.22
N MET D 150 -3.73 23.70 36.13
CA MET D 150 -5.14 23.37 36.27
C MET D 150 -5.96 24.26 35.33
N PRO D 151 -6.45 23.68 34.23
CA PRO D 151 -7.17 24.44 33.20
C PRO D 151 -8.38 25.13 33.79
N ARG D 152 -8.73 26.29 33.25
CA ARG D 152 -9.83 27.08 33.79
C ARG D 152 -11.14 26.30 33.80
N TYR D 153 -11.33 25.46 32.78
CA TYR D 153 -12.60 24.75 32.62
C TYR D 153 -12.83 23.63 33.65
N THR D 154 -11.82 23.35 34.47
CA THR D 154 -11.94 22.29 35.47
C THR D 154 -12.20 22.81 36.88
N ARG D 155 -11.86 24.07 37.12
CA ARG D 155 -11.93 24.64 38.46
C ARG D 155 -13.34 24.62 39.07
N GLY D 156 -13.42 24.05 40.27
CA GLY D 156 -14.68 23.93 40.99
C GLY D 156 -15.43 22.67 40.61
N LYS D 157 -14.96 21.99 39.57
CA LYS D 157 -15.65 20.79 39.08
C LYS D 157 -15.27 19.54 39.87
N VAL D 158 -16.19 18.58 39.91
CA VAL D 158 -15.98 17.33 40.62
C VAL D 158 -15.69 16.18 39.66
N GLY D 159 -14.67 15.39 39.98
CA GLY D 159 -14.28 14.26 39.14
C GLY D 159 -13.88 13.04 39.94
N THR D 160 -13.48 11.98 39.24
CA THR D 160 -13.04 10.75 39.87
C THR D 160 -11.59 10.45 39.54
N VAL D 161 -10.77 10.27 40.57
CA VAL D 161 -9.38 9.86 40.39
C VAL D 161 -9.36 8.48 39.72
N VAL D 162 -8.71 8.39 38.56
CA VAL D 162 -8.66 7.12 37.85
C VAL D 162 -7.24 6.56 37.76
N ILE D 163 -6.24 7.43 37.89
CA ILE D 163 -4.85 7.01 37.87
C ILE D 163 -3.97 7.81 38.83
N ASP D 164 -3.12 7.11 39.56
CA ASP D 164 -2.08 7.76 40.35
C ASP D 164 -0.73 7.52 39.67
N HIS D 165 -0.19 8.57 39.03
CA HIS D 165 0.99 8.42 38.20
C HIS D 165 2.30 8.47 39.00
N GLY D 166 2.21 8.80 40.28
CA GLY D 166 3.39 8.89 41.10
C GLY D 166 3.83 10.33 41.32
N VAL D 167 5.03 10.50 41.84
CA VAL D 167 5.53 11.83 42.20
C VAL D 167 6.18 12.56 41.02
N PHE D 168 5.86 13.84 40.89
CA PHE D 168 6.43 14.67 39.84
C PHE D 168 6.75 16.08 40.32
N VAL D 169 7.60 16.78 39.57
CA VAL D 169 7.86 18.18 39.82
C VAL D 169 6.58 18.99 39.70
N THR D 170 6.47 20.05 40.48
CA THR D 170 5.32 20.95 40.39
C THR D 170 5.69 22.20 39.60
N PRO D 171 5.08 22.38 38.42
CA PRO D 171 5.42 23.51 37.55
C PRO D 171 5.10 24.87 38.18
N ASP D 172 4.07 24.92 39.03
CA ASP D 172 3.67 26.18 39.65
C ASP D 172 4.82 26.85 40.38
N THR D 173 5.67 26.04 41.00
CA THR D 173 6.81 26.53 41.76
C THR D 173 8.09 26.55 40.93
N ALA D 174 8.24 25.55 40.07
CA ALA D 174 9.43 25.42 39.23
C ALA D 174 9.57 26.58 38.24
N ALA D 175 8.45 27.16 37.85
CA ALA D 175 8.45 28.25 36.87
C ALA D 175 8.83 29.58 37.50
N HIS D 176 8.79 29.63 38.83
CA HIS D 176 9.02 30.89 39.54
C HIS D 176 10.14 30.80 40.57
N GLY D 177 11.08 29.88 40.35
CA GLY D 177 12.25 29.76 41.21
C GLY D 177 11.95 29.47 42.66
N LYS D 178 10.90 28.67 42.88
CA LYS D 178 10.50 28.30 44.23
C LYS D 178 10.73 26.81 44.52
N GLY D 179 11.53 26.18 43.66
CA GLY D 179 11.85 24.78 43.84
C GLY D 179 10.88 23.84 43.16
N GLU D 180 11.14 22.54 43.25
CA GLU D 180 10.33 21.54 42.56
C GLU D 180 9.08 21.11 43.33
N HIS D 181 9.16 21.13 44.66
CA HIS D 181 8.05 20.70 45.51
C HIS D 181 7.32 19.50 44.91
N PRO D 182 8.03 18.37 44.79
CA PRO D 182 7.45 17.18 44.17
C PRO D 182 6.22 16.69 44.93
N GLN D 183 5.23 16.22 44.19
CA GLN D 183 4.01 15.67 44.76
C GLN D 183 3.34 14.77 43.74
N HIS D 184 2.28 14.07 44.15
CA HIS D 184 1.62 13.12 43.26
C HIS D 184 0.82 13.81 42.15
N VAL D 185 0.73 13.15 41.01
CA VAL D 185 -0.10 13.62 39.90
C VAL D 185 -1.14 12.55 39.59
N TYR D 186 -2.41 12.96 39.51
CA TYR D 186 -3.48 12.03 39.20
C TYR D 186 -4.16 12.38 37.89
N THR D 187 -4.66 11.37 37.19
CA THR D 187 -5.57 11.60 36.08
C THR D 187 -6.99 11.60 36.64
N VAL D 188 -7.69 12.72 36.46
CA VAL D 188 -9.04 12.83 36.97
C VAL D 188 -10.06 12.79 35.83
N SER D 189 -11.13 12.03 36.02
CA SER D 189 -12.17 11.90 35.00
C SER D 189 -13.39 12.76 35.32
N PHE D 190 -13.78 13.60 34.38
CA PHE D 190 -14.98 14.42 34.52
C PHE D 190 -15.99 14.02 33.45
N THR D 191 -17.28 14.03 33.81
CA THR D 191 -18.33 13.78 32.83
C THR D 191 -18.55 15.01 31.97
N SER D 192 -19.09 14.81 30.78
CA SER D 192 -19.38 15.92 29.88
C SER D 192 -20.39 16.86 30.52
N VAL D 193 -21.36 16.28 31.21
N VAL D 193 -21.36 16.29 31.24
CA VAL D 193 -22.39 17.07 31.91
CA VAL D 193 -22.41 17.07 31.88
C VAL D 193 -21.79 17.95 32.99
C VAL D 193 -21.91 17.87 33.10
N GLU D 194 -20.88 17.38 33.77
CA GLU D 194 -20.28 18.09 34.90
C GLU D 194 -19.50 19.33 34.45
N LEU D 195 -18.84 19.21 33.29
CA LEU D 195 -18.01 20.30 32.77
C LEU D 195 -18.80 21.35 32.00
N TRP D 196 -19.75 20.91 31.19
CA TRP D 196 -20.39 21.80 30.22
C TRP D 196 -21.88 22.04 30.45
N GLY D 197 -22.48 21.30 31.36
CA GLY D 197 -23.89 21.47 31.68
C GLY D 197 -24.80 20.53 30.92
N GLN D 198 -26.06 20.52 31.30
CA GLN D 198 -27.05 19.60 30.75
C GLN D 198 -27.20 19.68 29.23
N ASP D 199 -27.19 20.89 28.69
CA ASP D 199 -27.48 21.12 27.29
C ASP D 199 -26.30 20.83 26.35
N ALA D 200 -25.13 21.37 26.70
CA ALA D 200 -23.96 21.26 25.84
C ALA D 200 -23.20 19.94 26.01
N SER D 201 -23.86 18.95 26.58
CA SER D 201 -23.17 17.69 26.89
C SER D 201 -23.68 16.49 26.10
N SER D 202 -22.86 15.45 26.07
CA SER D 202 -23.26 14.13 25.59
C SER D 202 -23.13 13.14 26.75
N PRO D 203 -24.10 12.22 26.86
CA PRO D 203 -24.20 11.32 28.02
C PRO D 203 -23.02 10.36 28.19
N LYS D 204 -22.41 9.95 27.08
CA LYS D 204 -21.36 8.94 27.11
C LYS D 204 -19.95 9.50 27.25
N ASP D 205 -19.78 10.80 26.99
CA ASP D 205 -18.45 11.38 26.88
C ASP D 205 -17.84 11.82 28.21
N THR D 206 -16.54 11.57 28.35
CA THR D 206 -15.80 11.99 29.54
C THR D 206 -14.52 12.70 29.16
N ILE D 207 -14.02 13.55 30.05
CA ILE D 207 -12.77 14.26 29.84
C ILE D 207 -11.79 13.96 30.96
N ARG D 208 -10.58 13.55 30.60
CA ARG D 208 -9.55 13.26 31.61
C ARG D 208 -8.46 14.32 31.62
N VAL D 209 -8.13 14.78 32.82
CA VAL D 209 -7.16 15.84 33.01
C VAL D 209 -6.16 15.45 34.09
N ASP D 210 -4.89 15.77 33.87
CA ASP D 210 -3.85 15.44 34.82
C ASP D 210 -3.57 16.59 35.79
N LEU D 211 -3.86 16.36 37.06
CA LEU D 211 -3.77 17.41 38.07
C LEU D 211 -2.92 17.01 39.27
N TRP D 212 -2.21 17.98 39.82
CA TRP D 212 -1.35 17.73 40.97
C TRP D 212 -2.16 17.60 42.26
N ASP D 213 -1.58 16.92 43.24
CA ASP D 213 -2.28 16.62 44.49
C ASP D 213 -2.93 17.85 45.13
N ASP D 214 -2.18 18.95 45.25
CA ASP D 214 -2.70 20.12 45.95
C ASP D 214 -3.58 21.01 45.07
N TYR D 215 -3.88 20.53 43.87
CA TYR D 215 -4.89 21.16 43.02
C TYR D 215 -6.27 20.73 43.50
N LEU D 216 -6.29 19.68 44.33
CA LEU D 216 -7.53 18.97 44.63
C LEU D 216 -7.95 19.01 46.10
N GLU D 217 -9.19 18.60 46.34
CA GLU D 217 -9.71 18.41 47.69
C GLU D 217 -10.77 17.32 47.61
N PRO D 218 -11.05 16.66 48.73
CA PRO D 218 -12.10 15.64 48.72
C PRO D 218 -13.44 16.25 48.36
N ALA D 219 -14.20 15.59 47.48
CA ALA D 219 -15.47 16.12 47.01
C ALA D 219 -16.41 16.46 48.17
N ASP E 8 -28.83 3.18 -35.94
CA ASP E 8 -27.86 2.82 -34.91
C ASP E 8 -26.80 3.91 -34.74
N HIS E 9 -25.68 3.54 -34.13
CA HIS E 9 -24.66 4.51 -33.75
C HIS E 9 -23.46 4.44 -34.70
N HIS E 10 -22.86 5.59 -34.99
CA HIS E 10 -21.72 5.63 -35.92
C HIS E 10 -20.54 6.42 -35.35
N HIS E 11 -20.82 7.60 -34.80
CA HIS E 11 -19.76 8.51 -34.36
C HIS E 11 -20.08 9.22 -33.05
N ASP E 12 -21.05 8.69 -32.30
CA ASP E 12 -21.46 9.32 -31.05
C ASP E 12 -20.77 8.70 -29.84
N GLY E 13 -19.82 7.81 -30.09
CA GLY E 13 -19.03 7.22 -29.03
C GLY E 13 -19.56 5.88 -28.54
N TYR E 14 -20.75 5.51 -28.98
CA TYR E 14 -21.38 4.29 -28.52
C TYR E 14 -21.51 3.23 -29.61
N GLN E 15 -20.94 3.50 -30.77
CA GLN E 15 -20.92 2.53 -31.87
C GLN E 15 -20.15 1.29 -31.45
N ALA E 16 -20.32 0.21 -32.20
CA ALA E 16 -19.66 -1.05 -31.89
C ALA E 16 -18.19 -1.04 -32.27
N PRO E 17 -17.33 -1.62 -31.41
CA PRO E 17 -15.92 -1.77 -31.74
C PRO E 17 -15.73 -2.92 -32.73
N PRO E 18 -14.57 -2.99 -33.40
CA PRO E 18 -14.28 -4.08 -34.33
C PRO E 18 -14.40 -5.44 -33.64
N GLU E 19 -14.76 -6.46 -34.41
CA GLU E 19 -15.00 -7.80 -33.86
C GLU E 19 -13.75 -8.42 -33.22
N ASP E 20 -12.58 -7.95 -33.63
CA ASP E 20 -11.33 -8.56 -33.18
C ASP E 20 -10.55 -7.70 -32.19
N ILE E 21 -11.17 -6.62 -31.73
CA ILE E 21 -10.47 -5.64 -30.89
C ILE E 21 -9.78 -6.25 -29.66
N ALA E 22 -10.46 -7.18 -28.99
CA ALA E 22 -9.92 -7.78 -27.77
C ALA E 22 -8.63 -8.54 -28.04
N LEU E 23 -8.57 -9.18 -29.20
CA LEU E 23 -7.39 -9.94 -29.60
C LEU E 23 -6.21 -9.01 -29.84
N ARG E 24 -6.45 -7.93 -30.56
CA ARG E 24 -5.42 -6.93 -30.83
C ARG E 24 -4.87 -6.35 -29.53
N VAL E 25 -5.75 -6.05 -28.59
CA VAL E 25 -5.35 -5.52 -27.30
C VAL E 25 -4.53 -6.54 -26.51
N LYS E 26 -4.96 -7.79 -26.54
CA LYS E 26 -4.26 -8.85 -25.81
C LYS E 26 -2.86 -9.05 -26.39
N ALA E 27 -2.75 -8.89 -27.71
CA ALA E 27 -1.47 -9.09 -28.39
C ALA E 27 -0.47 -7.99 -28.04
N LEU E 28 -0.91 -6.75 -28.05
CA LEU E 28 -0.04 -5.63 -27.71
C LEU E 28 0.39 -5.71 -26.25
N GLU E 29 -0.54 -6.07 -25.38
CA GLU E 29 -0.24 -6.18 -23.95
C GLU E 29 0.86 -7.20 -23.73
N SER E 30 0.69 -8.38 -24.30
CA SER E 30 1.69 -9.43 -24.19
C SER E 30 3.06 -8.95 -24.67
N LEU E 31 3.07 -8.25 -25.81
CA LEU E 31 4.30 -7.72 -26.39
C LEU E 31 5.00 -6.76 -25.43
N LEU E 32 4.23 -5.84 -24.86
CA LEU E 32 4.76 -4.82 -23.95
C LEU E 32 5.28 -5.44 -22.65
N ILE E 33 4.57 -6.45 -22.15
CA ILE E 33 5.00 -7.16 -20.96
C ILE E 33 6.27 -7.95 -21.25
N GLU E 34 6.31 -8.57 -22.42
CA GLU E 34 7.44 -9.39 -22.84
C GLU E 34 8.71 -8.57 -22.96
N LYS E 35 8.57 -7.36 -23.49
CA LYS E 35 9.72 -6.46 -23.63
C LYS E 35 10.08 -5.81 -22.29
N GLY E 36 9.20 -5.94 -21.31
CA GLY E 36 9.45 -5.40 -19.98
C GLY E 36 9.13 -3.93 -19.88
N LEU E 37 8.18 -3.47 -20.70
CA LEU E 37 7.79 -2.07 -20.72
C LEU E 37 6.68 -1.76 -19.73
N VAL E 38 5.85 -2.77 -19.45
CA VAL E 38 4.73 -2.58 -18.52
C VAL E 38 4.64 -3.69 -17.48
N ASP E 39 4.02 -3.38 -16.35
CA ASP E 39 3.87 -4.31 -15.24
C ASP E 39 2.39 -4.59 -15.01
N PRO E 40 1.95 -5.83 -15.30
CA PRO E 40 0.54 -6.20 -15.23
C PRO E 40 -0.08 -5.87 -13.88
N ALA E 41 0.67 -6.14 -12.81
CA ALA E 41 0.19 -5.90 -11.45
C ALA E 41 -0.08 -4.43 -11.20
N ALA E 42 0.79 -3.58 -11.73
CA ALA E 42 0.63 -2.15 -11.57
C ALA E 42 -0.56 -1.65 -12.38
N MET E 43 -0.78 -2.25 -13.54
CA MET E 43 -1.89 -1.87 -14.42
C MET E 43 -3.23 -2.22 -13.77
N ASP E 44 -3.27 -3.33 -13.05
CA ASP E 44 -4.47 -3.72 -12.32
C ASP E 44 -4.82 -2.68 -11.28
N LEU E 45 -3.80 -2.12 -10.64
CA LEU E 45 -3.98 -1.07 -9.64
C LEU E 45 -4.53 0.20 -10.26
N VAL E 46 -4.10 0.49 -11.49
CA VAL E 46 -4.60 1.65 -12.21
C VAL E 46 -6.08 1.47 -12.54
N VAL E 47 -6.43 0.31 -13.08
CA VAL E 47 -7.81 0.00 -13.39
C VAL E 47 -8.69 0.11 -12.14
N GLN E 48 -8.27 -0.57 -11.08
CA GLN E 48 -9.00 -0.55 -9.82
C GLN E 48 -9.21 0.86 -9.28
N THR E 49 -8.24 1.74 -9.53
CA THR E 49 -8.32 3.11 -9.04
C THR E 49 -9.47 3.87 -9.71
N TYR E 50 -9.70 3.60 -10.99
CA TYR E 50 -10.71 4.34 -11.73
C TYR E 50 -12.02 3.58 -11.85
N GLU E 51 -11.99 2.30 -11.52
CA GLU E 51 -13.21 1.52 -11.44
C GLU E 51 -13.91 1.71 -10.10
N HIS E 52 -13.14 1.80 -9.02
CA HIS E 52 -13.72 1.74 -7.68
C HIS E 52 -13.39 2.88 -6.72
N LYS E 53 -12.35 3.65 -7.00
CA LYS E 53 -11.88 4.62 -6.02
C LYS E 53 -12.07 6.09 -6.44
N VAL E 54 -12.00 6.36 -7.73
CA VAL E 54 -12.12 7.72 -8.23
C VAL E 54 -13.35 7.90 -9.09
N GLY E 55 -14.24 8.80 -8.68
CA GLY E 55 -15.47 9.06 -9.40
C GLY E 55 -16.16 10.33 -8.95
N PRO E 56 -17.36 10.60 -9.50
CA PRO E 56 -18.11 11.83 -9.22
C PRO E 56 -18.47 12.03 -7.75
N ARG E 57 -18.47 10.97 -6.94
CA ARG E 57 -18.79 11.12 -5.52
C ARG E 57 -17.80 12.08 -4.88
N ASN E 58 -16.58 12.08 -5.39
CA ASN E 58 -15.55 12.98 -4.91
C ASN E 58 -15.98 14.43 -5.07
N GLY E 59 -16.28 14.81 -6.30
CA GLY E 59 -16.73 16.16 -6.59
C GLY E 59 -17.97 16.51 -5.79
N ALA E 60 -18.86 15.54 -5.61
CA ALA E 60 -20.07 15.74 -4.83
C ALA E 60 -19.75 16.18 -3.41
N LYS E 61 -18.79 15.51 -2.79
CA LYS E 61 -18.32 15.92 -1.48
C LYS E 61 -17.85 17.37 -1.54
N VAL E 62 -17.01 17.67 -2.52
CA VAL E 62 -16.46 19.01 -2.67
C VAL E 62 -17.57 20.05 -2.74
N VAL E 63 -18.54 19.82 -3.61
CA VAL E 63 -19.66 20.74 -3.76
C VAL E 63 -20.43 20.90 -2.45
N ALA E 64 -20.83 19.77 -1.87
CA ALA E 64 -21.58 19.78 -0.62
C ALA E 64 -20.88 20.60 0.46
N LYS E 65 -19.57 20.44 0.58
CA LYS E 65 -18.80 21.14 1.61
C LYS E 65 -18.79 22.64 1.34
N ALA E 66 -18.68 23.03 0.08
CA ALA E 66 -18.68 24.44 -0.30
C ALA E 66 -20.05 25.05 -0.01
N TRP E 67 -21.09 24.24 -0.12
CA TRP E 67 -22.44 24.71 0.14
C TRP E 67 -22.65 25.08 1.62
N VAL E 68 -22.09 24.30 2.52
CA VAL E 68 -22.31 24.50 3.95
C VAL E 68 -21.21 25.34 4.60
N ASP E 69 -20.05 25.37 3.99
CA ASP E 69 -18.89 26.05 4.57
C ASP E 69 -18.38 27.20 3.69
N PRO E 70 -18.84 28.43 3.97
CA PRO E 70 -18.48 29.64 3.21
C PRO E 70 -16.99 29.90 3.16
N ALA E 71 -16.27 29.58 4.23
CA ALA E 71 -14.83 29.77 4.28
C ALA E 71 -14.13 28.83 3.31
N TYR E 72 -14.60 27.59 3.27
CA TYR E 72 -14.03 26.60 2.36
C TYR E 72 -14.32 26.99 0.91
N LYS E 73 -15.53 27.46 0.67
CA LYS E 73 -15.93 27.87 -0.67
C LYS E 73 -15.00 28.98 -1.20
N ALA E 74 -14.72 29.95 -0.34
CA ALA E 74 -13.82 31.04 -0.69
C ALA E 74 -12.43 30.53 -1.04
N ARG E 75 -11.93 29.60 -0.23
CA ARG E 75 -10.63 28.99 -0.49
C ARG E 75 -10.65 28.20 -1.80
N LEU E 76 -11.73 27.45 -2.02
CA LEU E 76 -11.85 26.62 -3.20
C LEU E 76 -11.85 27.45 -4.48
N LEU E 77 -12.57 28.57 -4.46
CA LEU E 77 -12.68 29.42 -5.63
C LEU E 77 -11.41 30.23 -5.87
N ALA E 78 -10.60 30.36 -4.82
CA ALA E 78 -9.33 31.07 -4.93
C ALA E 78 -8.23 30.15 -5.45
N ASP E 79 -8.31 28.88 -5.05
CA ASP E 79 -7.34 27.88 -5.49
C ASP E 79 -7.99 26.51 -5.53
N GLY E 80 -8.42 26.11 -6.73
CA GLY E 80 -9.15 24.86 -6.91
C GLY E 80 -8.36 23.63 -6.51
N THR E 81 -7.07 23.61 -6.83
CA THR E 81 -6.23 22.45 -6.56
C THR E 81 -6.09 22.21 -5.06
N ALA E 82 -5.77 23.26 -4.33
CA ALA E 82 -5.64 23.16 -2.88
C ALA E 82 -6.99 22.85 -2.25
N GLY E 83 -8.04 23.48 -2.78
CA GLY E 83 -9.38 23.29 -2.26
C GLY E 83 -9.82 21.83 -2.28
N ILE E 84 -9.66 21.19 -3.43
CA ILE E 84 -10.06 19.79 -3.55
C ILE E 84 -9.11 18.87 -2.79
N ALA E 85 -7.90 19.34 -2.53
CA ALA E 85 -6.91 18.57 -1.81
C ALA E 85 -7.29 18.43 -0.33
N GLU E 86 -7.98 19.45 0.18
CA GLU E 86 -8.44 19.43 1.56
C GLU E 86 -9.31 18.21 1.83
N LEU E 87 -9.90 17.66 0.78
CA LEU E 87 -10.75 16.48 0.89
C LEU E 87 -10.04 15.24 0.39
N GLY E 88 -8.74 15.36 0.12
CA GLY E 88 -7.91 14.23 -0.28
C GLY E 88 -7.98 13.88 -1.75
N PHE E 89 -8.35 14.85 -2.58
CA PHE E 89 -8.42 14.63 -4.02
C PHE E 89 -7.35 15.43 -4.75
N SER E 90 -6.68 14.78 -5.68
CA SER E 90 -5.55 15.39 -6.37
C SER E 90 -4.96 14.43 -7.40
N GLY E 91 -4.11 14.95 -8.27
CA GLY E 91 -3.33 14.11 -9.16
C GLY E 91 -3.62 14.22 -10.65
N VAL E 92 -3.41 13.11 -11.36
CA VAL E 92 -3.50 13.07 -12.81
C VAL E 92 -4.76 13.73 -13.37
N GLN E 93 -4.55 14.68 -14.28
CA GLN E 93 -5.63 15.39 -14.95
C GLN E 93 -6.44 16.28 -14.00
N GLY E 94 -5.81 16.67 -12.90
CA GLY E 94 -6.44 17.58 -11.94
C GLY E 94 -5.39 18.41 -11.24
N GLU E 95 -4.21 18.51 -11.84
CA GLU E 95 -3.09 19.20 -11.24
C GLU E 95 -3.34 20.70 -11.06
N ASP E 96 -4.08 21.29 -11.99
CA ASP E 96 -4.38 22.72 -11.93
C ASP E 96 -5.87 22.97 -12.11
N MET E 97 -6.61 22.87 -11.01
CA MET E 97 -8.06 22.96 -11.03
C MET E 97 -8.56 24.40 -10.98
N VAL E 98 -9.63 24.67 -11.72
CA VAL E 98 -10.35 25.94 -11.63
C VAL E 98 -11.83 25.66 -11.45
N ILE E 99 -12.39 26.12 -10.34
CA ILE E 99 -13.79 25.85 -10.01
C ILE E 99 -14.70 26.97 -10.51
N LEU E 100 -15.73 26.60 -11.26
CA LEU E 100 -16.63 27.58 -11.86
C LEU E 100 -17.95 27.64 -11.10
N GLU E 101 -18.22 28.80 -10.50
CA GLU E 101 -19.41 28.98 -9.67
C GLU E 101 -20.63 29.41 -10.47
N ASN E 102 -21.65 28.55 -10.48
CA ASN E 102 -22.93 28.91 -11.07
C ASN E 102 -23.68 29.92 -10.19
N THR E 103 -24.20 30.95 -10.82
CA THR E 103 -24.93 32.00 -10.11
C THR E 103 -26.28 32.20 -10.78
N PRO E 104 -27.15 33.02 -10.15
CA PRO E 104 -28.43 33.32 -10.80
C PRO E 104 -28.24 34.00 -12.16
N ALA E 105 -27.08 34.61 -12.37
CA ALA E 105 -26.82 35.33 -13.61
C ALA E 105 -26.01 34.50 -14.61
N VAL E 106 -25.23 33.55 -14.10
CA VAL E 106 -24.31 32.79 -14.94
C VAL E 106 -24.45 31.28 -14.76
N HIS E 107 -24.56 30.57 -15.88
CA HIS E 107 -24.53 29.12 -15.88
C HIS E 107 -23.31 28.61 -16.63
N ASN E 108 -22.45 27.88 -15.93
CA ASN E 108 -21.23 27.36 -16.51
C ASN E 108 -21.37 25.93 -17.00
N VAL E 109 -20.61 25.60 -18.03
CA VAL E 109 -20.52 24.22 -18.53
C VAL E 109 -19.22 24.10 -19.33
N PHE E 110 -18.53 22.98 -19.18
CA PHE E 110 -17.24 22.83 -19.84
C PHE E 110 -17.21 21.68 -20.85
N VAL E 111 -16.21 21.72 -21.72
CA VAL E 111 -16.07 20.76 -22.78
C VAL E 111 -14.62 20.77 -23.26
N CYS E 112 -14.21 19.70 -23.94
CA CYS E 112 -12.93 19.69 -24.63
C CYS E 112 -13.15 19.44 -26.11
N THR E 113 -13.25 20.54 -26.87
CA THR E 113 -13.54 20.43 -28.30
C THR E 113 -12.44 19.67 -29.03
N LEU E 114 -11.21 19.77 -28.52
CA LEU E 114 -10.06 19.18 -29.18
C LEU E 114 -9.86 17.70 -28.85
N CSD E 115 -10.35 17.25 -27.71
CA CSD E 115 -10.24 15.80 -27.36
CB CSD E 115 -8.77 15.38 -27.13
SG CSD E 115 -7.87 16.48 -25.94
C CSD E 115 -11.14 15.34 -26.23
O CSD E 115 -12.32 15.04 -26.50
OD1 CSD E 115 -6.39 15.53 -25.55
OD2 CSD E 115 -7.38 17.79 -26.67
N SER E 116 -10.62 15.28 -25.01
CA SER E 116 -11.34 14.66 -23.89
C SER E 116 -11.05 15.27 -22.51
N CSD E 117 -10.37 16.41 -22.47
CA CSD E 117 -9.83 16.98 -21.19
CB CSD E 117 -8.99 18.22 -21.48
SG CSD E 117 -7.77 17.75 -22.79
C CSD E 117 -10.90 17.18 -20.15
O CSD E 117 -11.93 17.84 -20.40
OD1 CSD E 117 -6.54 19.07 -22.80
OD2 CSD E 117 -7.01 16.45 -22.34
N TYR E 118 -10.65 16.64 -18.96
CA TYR E 118 -11.70 16.36 -17.98
C TYR E 118 -11.05 16.21 -16.61
N PRO E 119 -11.72 16.65 -15.54
CA PRO E 119 -11.14 16.64 -14.19
C PRO E 119 -11.23 15.25 -13.55
N TRP E 120 -10.22 14.42 -13.78
CA TRP E 120 -10.22 13.05 -13.30
C TRP E 120 -10.36 12.90 -11.78
N PRO E 121 -9.53 13.62 -11.01
CA PRO E 121 -9.55 13.44 -9.55
C PRO E 121 -10.91 13.64 -8.90
N THR E 122 -11.75 14.53 -9.43
CA THR E 122 -13.03 14.83 -8.81
C THR E 122 -14.24 14.18 -9.49
N LEU E 123 -14.11 13.87 -10.78
CA LEU E 123 -15.25 13.33 -11.53
C LEU E 123 -14.99 11.91 -12.04
N GLY E 124 -13.74 11.48 -11.97
CA GLY E 124 -13.36 10.20 -12.53
C GLY E 124 -13.15 10.33 -14.03
N LEU E 125 -13.14 9.20 -14.73
CA LEU E 125 -13.00 9.21 -16.18
C LEU E 125 -14.31 9.69 -16.81
N PRO E 126 -14.21 10.34 -17.98
CA PRO E 126 -15.38 10.93 -18.63
C PRO E 126 -16.27 9.88 -19.28
N PRO E 127 -17.58 10.17 -19.41
CA PRO E 127 -18.50 9.27 -20.09
C PRO E 127 -18.27 9.37 -21.60
N ALA E 128 -18.61 8.32 -22.34
CA ALA E 128 -18.34 8.27 -23.76
C ALA E 128 -18.85 9.51 -24.52
N TRP E 129 -20.02 10.01 -24.13
CA TRP E 129 -20.63 11.12 -24.85
C TRP E 129 -19.82 12.42 -24.75
N TYR E 130 -19.14 12.61 -23.63
CA TYR E 130 -18.33 13.80 -23.43
C TYR E 130 -17.10 13.80 -24.35
N LYS E 131 -16.66 12.61 -24.73
CA LYS E 131 -15.46 12.45 -25.53
C LYS E 131 -15.75 12.41 -27.03
N ALA E 132 -17.02 12.44 -27.40
CA ALA E 132 -17.43 12.23 -28.79
C ALA E 132 -17.82 13.50 -29.53
N ALA E 133 -17.86 13.39 -30.86
CA ALA E 133 -18.08 14.54 -31.76
C ALA E 133 -19.37 15.33 -31.53
N PRO E 134 -20.51 14.64 -31.33
CA PRO E 134 -21.75 15.39 -31.18
C PRO E 134 -21.67 16.47 -30.11
N TYR E 135 -21.32 16.08 -28.89
CA TYR E 135 -21.23 17.03 -27.78
C TYR E 135 -20.15 18.08 -28.00
N ARG E 136 -18.96 17.63 -28.40
CA ARG E 136 -17.81 18.52 -28.56
C ARG E 136 -18.00 19.56 -29.67
N SER E 137 -18.60 19.14 -30.78
CA SER E 137 -18.78 20.04 -31.91
C SER E 137 -19.82 21.12 -31.65
N ARG E 138 -20.92 20.74 -31.02
CA ARG E 138 -22.08 21.62 -30.90
C ARG E 138 -22.07 22.50 -29.65
N MET E 139 -21.41 22.04 -28.59
CA MET E 139 -21.48 22.73 -27.30
C MET E 139 -21.00 24.17 -27.34
N VAL E 140 -20.06 24.48 -28.24
CA VAL E 140 -19.48 25.82 -28.31
C VAL E 140 -20.26 26.76 -29.23
N SER E 141 -21.15 26.20 -30.05
CA SER E 141 -21.93 27.01 -30.97
C SER E 141 -23.40 27.13 -30.54
N ASP E 142 -23.98 26.03 -30.08
CA ASP E 142 -25.37 26.02 -29.64
C ASP E 142 -25.54 25.32 -28.30
N PRO E 143 -25.09 25.98 -27.22
CA PRO E 143 -25.19 25.40 -25.86
C PRO E 143 -26.62 25.01 -25.52
N ARG E 144 -27.55 25.93 -25.75
CA ARG E 144 -28.95 25.74 -25.39
C ARG E 144 -29.58 24.56 -26.13
N GLY E 145 -29.25 24.41 -27.41
CA GLY E 145 -29.75 23.30 -28.19
C GLY E 145 -29.30 21.97 -27.61
N VAL E 146 -28.03 21.90 -27.26
CA VAL E 146 -27.47 20.68 -26.66
C VAL E 146 -28.03 20.43 -25.27
N LEU E 147 -28.10 21.48 -24.45
CA LEU E 147 -28.62 21.35 -23.10
C LEU E 147 -30.08 20.89 -23.08
N ALA E 148 -30.84 21.33 -24.07
CA ALA E 148 -32.25 20.94 -24.18
C ALA E 148 -32.38 19.44 -24.36
N GLU E 149 -31.39 18.83 -25.01
CA GLU E 149 -31.39 17.39 -25.23
C GLU E 149 -31.20 16.65 -23.91
N PHE E 150 -30.68 17.35 -22.92
CA PHE E 150 -30.46 16.78 -21.59
C PHE E 150 -31.70 16.96 -20.71
N GLY E 151 -32.65 17.75 -21.19
CA GLY E 151 -33.83 18.08 -20.41
C GLY E 151 -33.62 19.34 -19.58
N LEU E 152 -32.57 20.09 -19.91
CA LEU E 152 -32.26 21.32 -19.19
C LEU E 152 -32.47 22.55 -20.06
N VAL E 153 -33.43 23.38 -19.66
CA VAL E 153 -33.68 24.64 -20.35
C VAL E 153 -33.25 25.83 -19.49
N ILE E 154 -32.28 26.58 -19.97
CA ILE E 154 -31.78 27.75 -19.25
C ILE E 154 -32.63 28.97 -19.59
N PRO E 155 -33.02 29.75 -18.56
CA PRO E 155 -33.73 31.01 -18.79
C PRO E 155 -33.06 31.81 -19.90
N ALA E 156 -33.86 32.48 -20.73
CA ALA E 156 -33.33 33.20 -21.87
C ALA E 156 -32.39 34.34 -21.47
N ASN E 157 -32.70 35.01 -20.36
CA ASN E 157 -31.86 36.13 -19.93
C ASN E 157 -30.65 35.68 -19.10
N LYS E 158 -30.63 34.41 -18.73
CA LYS E 158 -29.48 33.89 -18.00
C LYS E 158 -28.33 33.55 -18.95
N GLU E 159 -27.15 34.09 -18.66
CA GLU E 159 -25.99 33.87 -19.51
C GLU E 159 -25.42 32.47 -19.35
N ILE E 160 -25.11 31.82 -20.47
CA ILE E 160 -24.41 30.55 -20.45
C ILE E 160 -22.94 30.75 -20.82
N ARG E 161 -22.06 30.25 -19.98
CA ARG E 161 -20.63 30.32 -20.26
C ARG E 161 -20.09 28.93 -20.56
N VAL E 162 -19.66 28.73 -21.81
CA VAL E 162 -19.04 27.48 -22.19
C VAL E 162 -17.52 27.61 -22.08
N TRP E 163 -16.92 26.73 -21.30
CA TRP E 163 -15.47 26.73 -21.12
C TRP E 163 -14.84 25.61 -21.92
N ASP E 164 -14.00 25.96 -22.88
CA ASP E 164 -13.29 24.97 -23.68
C ASP E 164 -11.93 24.64 -23.06
N THR E 165 -11.73 23.36 -22.75
CA THR E 165 -10.52 22.92 -22.06
C THR E 165 -9.36 22.73 -23.03
N THR E 166 -8.80 23.83 -23.50
CA THR E 166 -7.76 23.80 -24.52
C THR E 166 -6.35 23.75 -23.94
N ALA E 167 -6.20 24.11 -22.67
CA ALA E 167 -4.89 24.15 -22.04
C ALA E 167 -4.74 23.07 -20.96
N GLN E 168 -3.92 23.36 -19.95
CA GLN E 168 -3.66 22.41 -18.87
C GLN E 168 -4.50 22.70 -17.63
N LEU E 169 -5.35 23.71 -17.70
CA LEU E 169 -6.31 23.96 -16.63
C LEU E 169 -7.44 22.94 -16.76
N ARG E 170 -7.95 22.48 -15.63
CA ARG E 170 -9.09 21.56 -15.66
C ARG E 170 -10.24 22.17 -14.87
N TYR E 171 -11.45 22.10 -15.44
CA TYR E 171 -12.59 22.80 -14.86
C TYR E 171 -13.62 21.88 -14.23
N MET E 172 -14.21 22.34 -13.13
CA MET E 172 -15.34 21.69 -12.52
C MET E 172 -16.37 22.72 -12.09
N VAL E 173 -17.64 22.44 -12.36
CA VAL E 173 -18.70 23.39 -12.08
C VAL E 173 -19.25 23.21 -10.67
N LEU E 174 -19.33 24.31 -9.92
CA LEU E 174 -19.99 24.31 -8.64
C LEU E 174 -21.44 24.70 -8.84
N PRO E 175 -22.34 23.71 -8.77
CA PRO E 175 -23.76 23.92 -9.03
C PRO E 175 -24.39 24.81 -7.96
N GLU E 176 -25.48 25.48 -8.30
CA GLU E 176 -26.25 26.23 -7.32
C GLU E 176 -26.98 25.26 -6.42
N ARG E 177 -27.08 25.61 -5.14
CA ARG E 177 -27.73 24.76 -4.15
C ARG E 177 -29.24 24.74 -4.36
N PRO E 178 -29.82 23.55 -4.51
CA PRO E 178 -31.27 23.41 -4.72
C PRO E 178 -32.05 24.11 -3.61
N ALA E 179 -33.21 24.64 -3.95
CA ALA E 179 -34.07 25.30 -2.97
C ALA E 179 -34.74 24.24 -2.08
N GLY E 180 -34.98 24.60 -0.83
CA GLY E 180 -35.65 23.71 0.10
C GLY E 180 -34.74 22.62 0.65
N THR E 181 -33.49 22.98 0.92
CA THR E 181 -32.53 22.03 1.48
C THR E 181 -31.87 22.56 2.74
N GLU E 182 -32.54 23.51 3.39
CA GLU E 182 -32.06 24.08 4.64
C GLU E 182 -32.01 23.03 5.75
N ALA E 183 -32.84 22.01 5.63
CA ALA E 183 -32.91 20.97 6.66
C ALA E 183 -31.90 19.84 6.38
N TYR E 184 -31.21 19.93 5.25
CA TYR E 184 -30.30 18.88 4.84
C TYR E 184 -28.92 18.99 5.48
N SER E 185 -28.30 17.84 5.72
CA SER E 185 -26.93 17.81 6.22
C SER E 185 -25.98 17.78 5.03
N GLU E 186 -24.69 17.79 5.31
CA GLU E 186 -23.67 17.85 4.26
C GLU E 186 -23.70 16.59 3.39
N GLU E 187 -23.83 15.44 4.06
CA GLU E 187 -23.85 14.14 3.39
C GLU E 187 -25.12 13.95 2.56
N GLN E 188 -26.21 14.55 3.03
CA GLN E 188 -27.48 14.51 2.31
C GLN E 188 -27.46 15.44 1.12
N LEU E 189 -26.71 16.54 1.23
CA LEU E 189 -26.59 17.49 0.14
C LEU E 189 -25.80 16.88 -1.02
N ALA E 190 -24.80 16.07 -0.69
CA ALA E 190 -23.94 15.46 -1.69
C ALA E 190 -24.69 14.51 -2.61
N GLU E 191 -25.76 13.92 -2.08
CA GLU E 191 -26.56 12.97 -2.84
C GLU E 191 -27.36 13.67 -3.94
N LEU E 192 -27.48 14.99 -3.83
CA LEU E 192 -28.22 15.79 -4.80
C LEU E 192 -27.33 16.17 -5.97
N VAL E 193 -26.02 16.14 -5.75
CA VAL E 193 -25.05 16.57 -6.76
C VAL E 193 -24.72 15.46 -7.76
N THR E 194 -25.30 15.55 -8.95
CA THR E 194 -25.06 14.58 -10.01
C THR E 194 -23.79 14.91 -10.77
N ARG E 195 -23.28 13.95 -11.54
CA ARG E 195 -22.13 14.19 -12.39
C ARG E 195 -22.44 15.33 -13.35
N ASP E 196 -23.62 15.25 -13.96
CA ASP E 196 -24.07 16.25 -14.91
C ASP E 196 -24.07 17.66 -14.33
N SER E 197 -24.49 17.79 -13.08
CA SER E 197 -24.55 19.10 -12.43
C SER E 197 -23.16 19.69 -12.24
N MET E 198 -22.14 18.83 -12.21
CA MET E 198 -20.77 19.29 -12.04
C MET E 198 -20.06 19.52 -13.38
N ILE E 199 -20.63 18.97 -14.45
CA ILE E 199 -20.14 19.23 -15.79
C ILE E 199 -20.81 20.48 -16.33
N GLY E 200 -22.06 20.68 -15.93
CA GLY E 200 -22.84 21.83 -16.36
C GLY E 200 -23.95 21.42 -17.31
N THR E 201 -24.03 20.13 -17.59
CA THR E 201 -25.04 19.62 -18.51
C THR E 201 -26.31 19.20 -17.77
N GLY E 202 -26.45 19.65 -16.53
CA GLY E 202 -27.63 19.34 -15.73
C GLY E 202 -27.65 20.14 -14.45
N LEU E 203 -28.70 19.94 -13.66
CA LEU E 203 -28.83 20.61 -12.37
C LEU E 203 -28.88 19.57 -11.25
N PRO E 204 -28.48 19.97 -10.03
CA PRO E 204 -28.61 19.08 -8.88
C PRO E 204 -30.06 18.64 -8.70
N THR E 205 -30.26 17.43 -8.20
CA THR E 205 -31.61 16.92 -7.95
C THR E 205 -32.38 17.90 -7.05
N GLN E 206 -33.61 18.23 -7.44
CA GLN E 206 -34.40 19.21 -6.73
C GLN E 206 -35.49 18.55 -5.88
N PRO E 207 -35.50 18.84 -4.57
CA PRO E 207 -36.53 18.28 -3.69
C PRO E 207 -37.94 18.73 -4.09
N MET F 1 -2.85 21.55 -36.26
CA MET F 1 -3.28 20.74 -37.40
C MET F 1 -4.77 20.86 -37.65
N ASN F 2 -5.14 21.28 -38.85
CA ASN F 2 -6.54 21.41 -39.23
C ASN F 2 -7.16 20.06 -39.57
N GLY F 3 -7.25 19.19 -38.57
CA GLY F 3 -7.77 17.85 -38.78
C GLY F 3 -9.17 17.61 -38.22
N ILE F 4 -9.68 16.41 -38.45
CA ILE F 4 -11.04 16.05 -38.03
C ILE F 4 -11.25 16.21 -36.52
N HIS F 5 -10.15 16.20 -35.76
CA HIS F 5 -10.22 16.30 -34.30
C HIS F 5 -10.71 17.67 -33.85
N ASP F 6 -10.44 18.69 -34.66
CA ASP F 6 -10.83 20.05 -34.34
C ASP F 6 -12.31 20.26 -34.65
N THR F 7 -13.17 19.76 -33.77
CA THR F 7 -14.61 19.65 -34.05
C THR F 7 -15.42 20.93 -33.80
N GLY F 8 -14.86 21.85 -33.01
CA GLY F 8 -15.60 23.05 -32.63
C GLY F 8 -16.30 23.77 -33.77
N GLY F 9 -17.64 23.75 -33.74
CA GLY F 9 -18.44 24.50 -34.69
C GLY F 9 -18.95 23.69 -35.87
N ALA F 10 -18.62 22.40 -35.89
CA ALA F 10 -19.01 21.53 -36.99
C ALA F 10 -20.49 21.16 -36.93
N HIS F 11 -21.08 20.92 -38.10
CA HIS F 11 -22.46 20.46 -38.18
C HIS F 11 -22.52 19.00 -38.63
N GLY F 12 -23.66 18.36 -38.42
CA GLY F 12 -23.90 17.04 -38.97
C GLY F 12 -23.48 15.85 -38.12
N TYR F 13 -23.01 16.11 -36.90
CA TYR F 13 -22.65 15.03 -35.98
C TYR F 13 -23.87 14.48 -35.24
N GLY F 14 -24.95 15.25 -35.25
CA GLY F 14 -26.23 14.79 -34.73
C GLY F 14 -26.46 15.03 -33.26
N PRO F 15 -27.45 14.34 -32.69
CA PRO F 15 -27.87 14.45 -31.29
C PRO F 15 -26.83 13.87 -30.35
N VAL F 16 -26.74 14.42 -29.14
CA VAL F 16 -25.84 13.85 -28.13
C VAL F 16 -26.53 12.68 -27.44
N TYR F 17 -26.24 11.47 -27.91
CA TYR F 17 -26.79 10.27 -27.29
C TYR F 17 -26.03 9.97 -26.01
N ARG F 18 -26.76 9.52 -24.99
CA ARG F 18 -26.20 9.24 -23.68
C ARG F 18 -26.66 7.89 -23.18
N GLU F 19 -25.71 7.00 -22.88
CA GLU F 19 -26.06 5.68 -22.38
C GLU F 19 -26.51 5.73 -20.92
N PRO F 20 -27.61 5.01 -20.61
CA PRO F 20 -28.16 4.92 -19.25
C PRO F 20 -27.28 4.11 -18.31
N ASN F 21 -27.00 4.65 -17.13
CA ASN F 21 -26.15 3.98 -16.15
C ASN F 21 -24.85 3.48 -16.76
N GLU F 22 -24.07 4.39 -17.33
CA GLU F 22 -22.87 4.02 -18.06
C GLU F 22 -21.72 3.64 -17.13
N PRO F 23 -21.10 2.47 -17.38
CA PRO F 23 -19.97 2.01 -16.58
C PRO F 23 -18.70 2.77 -16.96
N VAL F 24 -17.72 2.80 -16.07
CA VAL F 24 -16.44 3.41 -16.38
C VAL F 24 -15.82 2.71 -17.59
N PHE F 25 -15.87 1.38 -17.60
CA PHE F 25 -15.36 0.59 -18.71
C PHE F 25 -16.46 -0.30 -19.28
N ARG F 26 -16.84 -0.03 -20.53
CA ARG F 26 -17.91 -0.77 -21.18
C ARG F 26 -17.45 -2.15 -21.65
N TYR F 27 -16.16 -2.27 -21.95
CA TYR F 27 -15.58 -3.56 -22.30
C TYR F 27 -14.29 -3.80 -21.52
N ASP F 28 -13.92 -5.07 -21.36
CA ASP F 28 -12.70 -5.43 -20.64
C ASP F 28 -11.45 -4.91 -21.30
N TRP F 29 -11.40 -4.98 -22.64
CA TRP F 29 -10.20 -4.55 -23.37
C TRP F 29 -9.90 -3.07 -23.14
N GLU F 30 -10.94 -2.29 -22.85
CA GLU F 30 -10.77 -0.88 -22.54
C GLU F 30 -9.92 -0.69 -21.29
N LYS F 31 -10.10 -1.58 -20.32
CA LYS F 31 -9.33 -1.53 -19.09
C LYS F 31 -7.83 -1.66 -19.36
N THR F 32 -7.48 -2.62 -20.22
CA THR F 32 -6.09 -2.84 -20.60
C THR F 32 -5.55 -1.60 -21.30
N VAL F 33 -6.29 -1.10 -22.28
CA VAL F 33 -5.86 0.05 -23.06
C VAL F 33 -5.71 1.30 -22.20
N MET F 34 -6.67 1.54 -21.31
CA MET F 34 -6.62 2.71 -20.45
C MET F 34 -5.42 2.69 -19.51
N SER F 35 -5.20 1.54 -18.86
CA SER F 35 -4.13 1.42 -17.88
C SER F 35 -2.73 1.47 -18.50
N LEU F 36 -2.65 1.28 -19.82
CA LEU F 36 -1.37 1.31 -20.51
C LEU F 36 -0.79 2.72 -20.58
N LEU F 37 -1.66 3.71 -20.67
CA LEU F 37 -1.24 5.09 -20.83
C LEU F 37 -0.31 5.57 -19.70
N PRO F 38 -0.74 5.41 -18.44
CA PRO F 38 0.13 5.83 -17.32
C PRO F 38 1.43 5.04 -17.29
N ALA F 39 1.37 3.77 -17.65
CA ALA F 39 2.53 2.89 -17.63
C ALA F 39 3.59 3.37 -18.61
N LEU F 40 3.16 3.79 -19.80
CA LEU F 40 4.07 4.22 -20.85
C LEU F 40 4.57 5.64 -20.64
N LEU F 41 3.68 6.52 -20.16
CA LEU F 41 4.08 7.88 -19.82
C LEU F 41 5.17 7.86 -18.75
N ALA F 42 5.01 6.98 -17.77
CA ALA F 42 5.96 6.85 -16.67
C ALA F 42 7.33 6.41 -17.14
N ASN F 43 7.36 5.54 -18.14
CA ASN F 43 8.61 5.10 -18.75
C ASN F 43 9.33 6.26 -19.43
N GLY F 44 8.56 7.27 -19.80
CA GLY F 44 9.08 8.38 -20.58
C GLY F 44 9.17 8.02 -22.04
N ASN F 45 8.38 7.02 -22.44
CA ASN F 45 8.36 6.57 -23.83
C ASN F 45 7.88 7.68 -24.76
N PHE F 46 7.03 8.55 -24.23
CA PHE F 46 6.56 9.72 -24.97
C PHE F 46 5.88 10.68 -24.00
N ASN F 47 5.76 11.95 -24.38
CA ASN F 47 5.04 12.91 -23.56
C ASN F 47 3.59 13.07 -24.02
N LEU F 48 2.77 13.67 -23.17
CA LEU F 48 1.33 13.76 -23.42
C LEU F 48 0.98 14.53 -24.70
N ASP F 49 1.84 15.46 -25.08
CA ASP F 49 1.58 16.28 -26.26
C ASP F 49 1.82 15.51 -27.54
N GLU F 50 2.87 14.70 -27.56
CA GLU F 50 3.12 13.80 -28.68
C GLU F 50 1.98 12.80 -28.78
N PHE F 51 1.41 12.46 -27.62
CA PHE F 51 0.28 11.53 -27.56
C PHE F 51 -0.93 12.09 -28.29
N ARG F 52 -1.34 13.30 -27.90
CA ARG F 52 -2.48 13.97 -28.53
C ARG F 52 -2.30 14.07 -30.03
N HIS F 53 -1.09 14.45 -30.46
CA HIS F 53 -0.83 14.67 -31.87
C HIS F 53 -0.78 13.37 -32.67
N SER F 54 -0.50 12.27 -31.98
CA SER F 54 -0.53 10.96 -32.62
C SER F 54 -1.95 10.61 -33.02
N ILE F 55 -2.90 10.99 -32.16
CA ILE F 55 -4.31 10.73 -32.41
C ILE F 55 -4.83 11.65 -33.51
N GLU F 56 -4.37 12.90 -33.49
CA GLU F 56 -4.76 13.86 -34.52
C GLU F 56 -4.31 13.39 -35.89
N ARG F 57 -3.33 12.49 -35.93
CA ARG F 57 -2.71 12.07 -37.20
C ARG F 57 -3.22 10.73 -37.74
N MET F 58 -4.19 10.13 -37.05
CA MET F 58 -4.81 8.91 -37.58
C MET F 58 -5.80 9.30 -38.67
N GLY F 59 -6.11 8.35 -39.56
CA GLY F 59 -7.05 8.60 -40.64
C GLY F 59 -8.36 9.18 -40.14
N PRO F 60 -8.87 10.21 -40.83
CA PRO F 60 -10.10 10.89 -40.42
C PRO F 60 -11.27 9.90 -40.22
N ALA F 61 -11.39 8.94 -41.13
CA ALA F 61 -12.43 7.93 -41.03
C ALA F 61 -12.22 7.03 -39.82
N HIS F 62 -10.98 6.58 -39.64
N HIS F 62 -10.98 6.59 -39.64
CA HIS F 62 -10.63 5.74 -38.50
CA HIS F 62 -10.62 5.74 -38.51
C HIS F 62 -10.93 6.47 -37.20
C HIS F 62 -10.89 6.46 -37.18
N TYR F 63 -10.66 7.77 -37.18
CA TYR F 63 -10.91 8.59 -36.00
C TYR F 63 -12.40 8.62 -35.66
N LEU F 64 -13.24 8.75 -36.68
CA LEU F 64 -14.69 8.85 -36.49
C LEU F 64 -15.32 7.49 -36.19
N GLU F 65 -14.87 6.46 -36.88
CA GLU F 65 -15.40 5.11 -36.69
C GLU F 65 -15.00 4.53 -35.34
N GLY F 66 -13.77 4.82 -34.93
CA GLY F 66 -13.22 4.24 -33.71
C GLY F 66 -13.82 4.76 -32.43
N THR F 67 -14.10 3.84 -31.51
CA THR F 67 -14.51 4.23 -30.16
C THR F 67 -13.31 4.87 -29.48
N TYR F 68 -13.56 5.58 -28.38
CA TYR F 68 -12.51 6.39 -27.75
C TYR F 68 -11.19 5.66 -27.53
N TYR F 69 -11.25 4.49 -26.91
CA TYR F 69 -10.01 3.78 -26.54
C TYR F 69 -9.29 3.13 -27.72
N GLU F 70 -9.93 3.12 -28.89
CA GLU F 70 -9.26 2.68 -30.11
C GLU F 70 -8.28 3.77 -30.52
N HIS F 71 -8.62 5.01 -30.21
CA HIS F 71 -7.75 6.15 -30.44
C HIS F 71 -6.44 5.93 -29.69
N TRP F 72 -6.55 5.55 -28.42
CA TRP F 72 -5.40 5.28 -27.58
C TRP F 72 -4.61 4.10 -28.10
N LEU F 73 -5.30 3.02 -28.45
CA LEU F 73 -4.67 1.82 -28.99
C LEU F 73 -3.87 2.15 -30.25
N HIS F 74 -4.38 3.07 -31.05
CA HIS F 74 -3.69 3.49 -32.26
C HIS F 74 -2.36 4.12 -31.93
N VAL F 75 -2.37 5.02 -30.95
CA VAL F 75 -1.16 5.71 -30.52
C VAL F 75 -0.10 4.71 -30.06
N PHE F 76 -0.50 3.72 -29.27
CA PHE F 76 0.42 2.75 -28.73
C PHE F 76 1.06 1.89 -29.82
N GLU F 77 0.30 1.60 -30.86
CA GLU F 77 0.79 0.76 -31.96
C GLU F 77 1.64 1.53 -32.95
N ASN F 78 1.51 2.85 -32.95
CA ASN F 78 2.17 3.68 -33.96
C ASN F 78 3.22 4.64 -33.40
N LEU F 79 2.87 5.37 -32.34
CA LEU F 79 3.79 6.32 -31.74
C LEU F 79 4.99 5.63 -31.11
N LEU F 80 4.77 4.43 -30.60
CA LEU F 80 5.85 3.64 -30.02
C LEU F 80 6.84 3.21 -31.10
N VAL F 81 6.36 3.01 -32.31
CA VAL F 81 7.22 2.65 -33.42
C VAL F 81 7.99 3.88 -33.92
N GLU F 82 7.31 5.02 -34.00
CA GLU F 82 7.94 6.26 -34.42
C GLU F 82 9.06 6.64 -33.46
N LYS F 83 8.83 6.43 -32.16
CA LYS F 83 9.82 6.75 -31.15
C LYS F 83 10.93 5.71 -31.09
N GLY F 84 10.73 4.59 -31.77
CA GLY F 84 11.73 3.55 -31.82
C GLY F 84 11.81 2.71 -30.56
N VAL F 85 10.69 2.62 -29.84
CA VAL F 85 10.60 1.74 -28.68
C VAL F 85 10.18 0.37 -29.16
N LEU F 86 9.30 0.38 -30.15
CA LEU F 86 8.86 -0.82 -30.86
C LEU F 86 9.23 -0.71 -32.33
N THR F 87 9.27 -1.85 -33.00
CA THR F 87 9.44 -1.88 -34.45
C THR F 87 8.06 -2.10 -35.07
N ALA F 88 7.91 -1.65 -36.32
CA ALA F 88 6.67 -1.90 -37.06
C ALA F 88 6.39 -3.40 -37.10
N THR F 89 7.47 -4.19 -37.09
CA THR F 89 7.36 -5.65 -37.12
C THR F 89 6.80 -6.17 -35.81
N GLU F 90 7.39 -5.74 -34.69
CA GLU F 90 6.95 -6.17 -33.37
C GLU F 90 5.46 -5.93 -33.15
N VAL F 91 4.99 -4.75 -33.54
CA VAL F 91 3.59 -4.39 -33.39
C VAL F 91 2.68 -5.33 -34.17
N ALA F 92 3.08 -5.63 -35.41
CA ALA F 92 2.29 -6.52 -36.25
C ALA F 92 2.19 -7.91 -35.64
N THR F 93 3.34 -8.50 -35.33
CA THR F 93 3.41 -9.87 -34.84
C THR F 93 2.99 -10.01 -33.38
N GLY F 94 3.10 -8.93 -32.61
CA GLY F 94 2.84 -8.99 -31.18
C GLY F 94 3.89 -9.85 -30.51
N LYS F 95 5.10 -9.80 -31.06
CA LYS F 95 6.19 -10.66 -30.60
C LYS F 95 7.50 -9.87 -30.55
N ALA F 96 8.11 -9.84 -29.37
CA ALA F 96 9.32 -9.07 -29.14
C ALA F 96 10.45 -9.44 -30.09
N ALA F 97 11.26 -8.45 -30.46
CA ALA F 97 12.39 -8.65 -31.35
C ALA F 97 13.47 -9.49 -30.68
N SER F 98 13.92 -9.04 -29.52
CA SER F 98 15.10 -9.62 -28.87
C SER F 98 14.89 -9.92 -27.39
N GLY F 99 13.64 -10.14 -26.99
CA GLY F 99 13.33 -10.45 -25.61
C GLY F 99 13.20 -9.19 -24.76
N LYS F 100 13.23 -9.36 -23.45
CA LYS F 100 13.09 -8.22 -22.54
C LYS F 100 14.21 -7.21 -22.75
N THR F 101 13.85 -5.93 -22.79
CA THR F 101 14.82 -4.89 -23.10
C THR F 101 14.68 -3.69 -22.17
N ALA F 102 13.68 -3.74 -21.29
CA ALA F 102 13.46 -2.66 -20.35
C ALA F 102 12.93 -3.18 -19.02
N THR F 103 12.89 -2.29 -18.03
CA THR F 103 12.26 -2.57 -16.75
C THR F 103 11.15 -1.54 -16.54
N PRO F 104 9.94 -2.01 -16.23
CA PRO F 104 8.79 -1.11 -16.08
C PRO F 104 9.02 -0.07 -14.99
N VAL F 105 8.82 1.20 -15.32
CA VAL F 105 8.98 2.27 -14.34
C VAL F 105 7.77 2.33 -13.41
N LEU F 106 6.58 2.06 -13.95
CA LEU F 106 5.37 2.03 -13.15
C LEU F 106 5.21 0.70 -12.43
N THR F 107 5.63 0.67 -11.17
CA THR F 107 5.51 -0.54 -10.36
C THR F 107 4.40 -0.36 -9.32
N PRO F 108 3.87 -1.47 -8.80
CA PRO F 108 2.78 -1.42 -7.83
C PRO F 108 3.05 -0.44 -6.69
N ALA F 109 4.31 -0.36 -6.27
CA ALA F 109 4.67 0.43 -5.10
C ALA F 109 4.46 1.93 -5.29
N ILE F 110 4.50 2.41 -6.53
CA ILE F 110 4.43 3.85 -6.78
C ILE F 110 3.15 4.31 -7.50
N VAL F 111 2.28 3.36 -7.83
CA VAL F 111 1.05 3.68 -8.57
C VAL F 111 0.24 4.78 -7.89
N ASP F 112 -0.15 4.55 -6.64
CA ASP F 112 -0.95 5.52 -5.90
C ASP F 112 -0.29 6.88 -5.82
N GLY F 113 1.00 6.89 -5.50
CA GLY F 113 1.75 8.13 -5.37
C GLY F 113 1.80 8.91 -6.67
N LEU F 114 2.01 8.19 -7.78
CA LEU F 114 2.10 8.83 -9.09
C LEU F 114 0.75 9.42 -9.50
N LEU F 115 -0.30 8.62 -9.36
CA LEU F 115 -1.65 9.05 -9.74
C LEU F 115 -2.13 10.21 -8.87
N SER F 116 -1.71 10.23 -7.62
CA SER F 116 -2.13 11.27 -6.68
C SER F 116 -1.36 12.57 -6.91
N THR F 117 -0.20 12.46 -7.54
CA THR F 117 0.67 13.61 -7.74
C THR F 117 0.52 14.23 -9.12
N GLY F 118 0.55 13.39 -10.16
CA GLY F 118 0.45 13.87 -11.52
C GLY F 118 1.68 14.67 -11.93
N ALA F 119 1.54 15.42 -13.01
CA ALA F 119 2.64 16.23 -13.53
C ALA F 119 2.15 17.56 -14.10
N SER F 120 2.16 18.59 -13.27
CA SER F 120 1.72 19.92 -13.68
C SER F 120 2.54 20.45 -14.86
N ALA F 121 1.89 21.20 -15.75
CA ALA F 121 2.58 21.80 -16.88
C ALA F 121 3.04 23.22 -16.54
N ALA F 122 2.66 23.69 -15.37
CA ALA F 122 3.07 25.00 -14.90
C ALA F 122 4.57 25.02 -14.70
N ARG F 123 5.20 26.15 -15.04
CA ARG F 123 6.64 26.30 -14.89
C ARG F 123 6.97 27.59 -14.15
N GLU F 124 8.11 27.61 -13.47
CA GLU F 124 8.53 28.76 -12.69
C GLU F 124 8.59 30.03 -13.53
N GLU F 125 9.39 29.98 -14.60
CA GLU F 125 9.63 31.17 -15.41
C GLU F 125 9.51 30.89 -16.91
N GLY F 126 9.17 31.93 -17.66
CA GLY F 126 9.04 31.85 -19.10
C GLY F 126 8.86 33.24 -19.68
N ALA F 127 8.43 33.33 -20.93
CA ALA F 127 8.19 34.62 -21.57
C ALA F 127 7.30 35.51 -20.69
N ARG F 128 7.60 36.81 -20.70
CA ARG F 128 6.82 37.77 -19.92
C ARG F 128 5.43 37.95 -20.52
N ALA F 129 4.47 38.30 -19.68
CA ALA F 129 3.09 38.46 -20.12
C ALA F 129 2.89 39.78 -20.82
N ARG F 130 2.34 39.73 -22.03
CA ARG F 130 2.12 40.92 -22.83
C ARG F 130 0.74 41.53 -22.56
N PHE F 131 -0.16 40.72 -22.00
CA PHE F 131 -1.54 41.14 -21.84
C PHE F 131 -2.02 41.13 -20.39
N ALA F 132 -2.97 42.02 -20.10
CA ALA F 132 -3.59 42.10 -18.78
C ALA F 132 -5.09 41.85 -18.92
N VAL F 133 -5.70 41.30 -17.88
CA VAL F 133 -7.14 41.07 -17.90
C VAL F 133 -7.88 42.37 -18.22
N GLY F 134 -8.78 42.30 -19.19
CA GLY F 134 -9.50 43.46 -19.67
C GLY F 134 -9.07 43.84 -21.08
N ASP F 135 -7.87 43.41 -21.46
CA ASP F 135 -7.32 43.69 -22.79
C ASP F 135 -8.13 43.01 -23.88
N LYS F 136 -8.38 43.74 -24.97
CA LYS F 136 -8.98 43.15 -26.17
C LYS F 136 -7.87 42.51 -26.98
N VAL F 137 -8.06 41.26 -27.36
CA VAL F 137 -7.05 40.54 -28.13
C VAL F 137 -7.63 39.85 -29.35
N ARG F 138 -6.80 39.63 -30.36
N ARG F 138 -6.79 39.62 -30.35
CA ARG F 138 -7.23 38.88 -31.54
CA ARG F 138 -7.17 38.89 -31.54
C ARG F 138 -6.35 37.67 -31.75
C ARG F 138 -6.33 37.64 -31.66
N VAL F 139 -6.98 36.51 -31.91
CA VAL F 139 -6.24 35.27 -32.12
C VAL F 139 -5.60 35.30 -33.50
N LEU F 140 -4.31 35.06 -33.56
CA LEU F 140 -3.59 35.07 -34.82
C LEU F 140 -4.11 33.98 -35.74
N ASN F 141 -4.17 34.30 -37.03
CA ASN F 141 -4.51 33.30 -38.03
C ASN F 141 -3.29 32.47 -38.39
N LYS F 142 -3.14 31.33 -37.72
CA LYS F 142 -2.06 30.40 -38.02
C LYS F 142 -2.66 29.06 -38.41
N ASN F 143 -1.96 28.30 -39.24
CA ASN F 143 -2.42 26.99 -39.68
C ASN F 143 -1.28 25.98 -39.73
N PRO F 144 -0.70 25.66 -38.56
CA PRO F 144 0.44 24.74 -38.51
C PRO F 144 -0.02 23.35 -38.90
N VAL F 145 0.83 22.59 -39.58
CA VAL F 145 0.52 21.21 -39.89
C VAL F 145 0.75 20.35 -38.67
N GLY F 146 1.53 20.89 -37.73
CA GLY F 146 1.85 20.20 -36.50
C GLY F 146 0.85 20.47 -35.39
N HIS F 147 1.21 20.07 -34.18
CA HIS F 147 0.34 20.18 -33.02
C HIS F 147 0.14 21.63 -32.57
N THR F 148 -1.11 21.99 -32.33
CA THR F 148 -1.44 23.32 -31.82
C THR F 148 -2.72 23.25 -30.98
N ARG F 149 -2.96 24.26 -30.17
CA ARG F 149 -4.11 24.24 -29.26
C ARG F 149 -5.04 25.44 -29.45
N MET F 150 -4.81 26.23 -30.49
CA MET F 150 -5.76 27.29 -30.84
C MET F 150 -6.78 26.71 -31.81
N PRO F 151 -8.01 26.47 -31.32
CA PRO F 151 -9.05 25.83 -32.12
C PRO F 151 -9.34 26.63 -33.38
N ARG F 152 -9.73 25.95 -34.44
CA ARG F 152 -9.95 26.61 -35.72
C ARG F 152 -11.01 27.70 -35.63
N TYR F 153 -12.02 27.49 -34.79
CA TYR F 153 -13.15 28.40 -34.70
C TYR F 153 -12.82 29.73 -34.01
N THR F 154 -11.61 29.85 -33.47
CA THR F 154 -11.21 31.07 -32.78
C THR F 154 -10.31 31.97 -33.61
N ARG F 155 -9.66 31.40 -34.62
CA ARG F 155 -8.66 32.13 -35.38
C ARG F 155 -9.19 33.37 -36.09
N GLY F 156 -8.54 34.50 -35.85
CA GLY F 156 -8.94 35.75 -36.45
C GLY F 156 -9.97 36.49 -35.60
N LYS F 157 -10.53 35.79 -34.61
CA LYS F 157 -11.57 36.36 -33.78
C LYS F 157 -11.02 37.24 -32.66
N VAL F 158 -11.82 38.21 -32.23
CA VAL F 158 -11.43 39.13 -31.17
C VAL F 158 -12.13 38.80 -29.86
N GLY F 159 -11.38 38.78 -28.77
CA GLY F 159 -11.92 38.47 -27.46
C GLY F 159 -11.34 39.34 -26.35
N THR F 160 -11.77 39.07 -25.12
CA THR F 160 -11.27 39.80 -23.96
C THR F 160 -10.56 38.87 -22.99
N VAL F 161 -9.32 39.19 -22.66
CA VAL F 161 -8.59 38.46 -21.65
C VAL F 161 -9.30 38.58 -20.31
N VAL F 162 -9.68 37.45 -19.72
CA VAL F 162 -10.40 37.47 -18.46
C VAL F 162 -9.60 36.84 -17.31
N ILE F 163 -8.64 35.99 -17.66
CA ILE F 163 -7.79 35.36 -16.66
C ILE F 163 -6.35 35.18 -17.16
N ASP F 164 -5.39 35.49 -16.30
CA ASP F 164 -3.99 35.17 -16.54
C ASP F 164 -3.59 34.03 -15.61
N HIS F 165 -3.45 32.83 -16.17
CA HIS F 165 -3.24 31.63 -15.37
C HIS F 165 -1.78 31.43 -14.98
N GLY F 166 -0.88 32.21 -15.54
CA GLY F 166 0.54 32.08 -15.24
C GLY F 166 1.28 31.35 -16.35
N VAL F 167 2.51 30.94 -16.05
CA VAL F 167 3.37 30.33 -17.07
C VAL F 167 3.15 28.83 -17.20
N PHE F 168 3.10 28.36 -18.44
CA PHE F 168 2.93 26.94 -18.72
C PHE F 168 3.78 26.48 -19.90
N VAL F 169 3.99 25.18 -20.00
CA VAL F 169 4.63 24.58 -21.17
C VAL F 169 3.81 24.87 -22.42
N THR F 170 4.50 25.01 -23.55
CA THR F 170 3.83 25.22 -24.83
C THR F 170 3.80 23.92 -25.61
N PRO F 171 2.59 23.37 -25.83
CA PRO F 171 2.44 22.08 -26.51
C PRO F 171 2.94 22.10 -27.95
N ASP F 172 2.84 23.25 -28.62
CA ASP F 172 3.25 23.37 -30.01
C ASP F 172 4.69 22.93 -30.21
N THR F 173 5.54 23.23 -29.22
CA THR F 173 6.95 22.89 -29.32
C THR F 173 7.26 21.57 -28.61
N ALA F 174 6.55 21.32 -27.50
CA ALA F 174 6.77 20.12 -26.71
C ALA F 174 6.43 18.85 -27.47
N ALA F 175 5.49 18.97 -28.41
CA ALA F 175 5.04 17.80 -29.17
C ALA F 175 6.00 17.45 -30.29
N HIS F 176 6.91 18.37 -30.60
CA HIS F 176 7.83 18.17 -31.74
C HIS F 176 9.30 18.29 -31.35
N GLY F 177 9.61 18.01 -30.08
CA GLY F 177 10.98 17.99 -29.61
C GLY F 177 11.71 19.30 -29.76
N LYS F 178 10.98 20.40 -29.57
CA LYS F 178 11.58 21.73 -29.67
C LYS F 178 11.63 22.44 -28.32
N GLY F 179 11.46 21.66 -27.25
CA GLY F 179 11.51 22.22 -25.90
C GLY F 179 10.17 22.72 -25.40
N GLU F 180 10.16 23.21 -24.16
CA GLU F 180 8.91 23.61 -23.52
C GLU F 180 8.50 25.05 -23.84
N HIS F 181 9.48 25.92 -24.06
CA HIS F 181 9.22 27.32 -24.33
C HIS F 181 8.06 27.86 -23.50
N PRO F 182 8.22 27.86 -22.16
CA PRO F 182 7.16 28.28 -21.26
C PRO F 182 6.73 29.72 -21.52
N GLN F 183 5.43 29.98 -21.42
CA GLN F 183 4.89 31.31 -21.58
C GLN F 183 3.54 31.38 -20.90
N HIS F 184 2.95 32.57 -20.84
CA HIS F 184 1.67 32.73 -20.15
C HIS F 184 0.49 32.13 -20.91
N VAL F 185 -0.50 31.68 -20.16
CA VAL F 185 -1.74 31.19 -20.72
C VAL F 185 -2.89 32.02 -20.19
N TYR F 186 -3.74 32.50 -21.09
CA TYR F 186 -4.88 33.32 -20.70
C TYR F 186 -6.19 32.63 -21.07
N THR F 187 -7.23 32.88 -20.28
CA THR F 187 -8.58 32.52 -20.68
C THR F 187 -9.17 33.72 -21.42
N VAL F 188 -9.55 33.51 -22.68
CA VAL F 188 -10.11 34.59 -23.48
C VAL F 188 -11.61 34.39 -23.68
N SER F 189 -12.38 35.47 -23.52
CA SER F 189 -13.82 35.40 -23.68
C SER F 189 -14.26 35.96 -25.04
N PHE F 190 -15.01 35.15 -25.77
CA PHE F 190 -15.58 35.59 -27.05
C PHE F 190 -17.11 35.60 -26.96
N THR F 191 -17.73 36.57 -27.61
CA THR F 191 -19.19 36.61 -27.68
C THR F 191 -19.70 35.59 -28.69
N SER F 192 -20.93 35.16 -28.54
CA SER F 192 -21.54 34.22 -29.47
C SER F 192 -21.59 34.84 -30.86
N VAL F 193 -21.87 36.13 -30.92
CA VAL F 193 -21.96 36.84 -32.20
C VAL F 193 -20.62 36.90 -32.92
N GLU F 194 -19.56 37.16 -32.15
CA GLU F 194 -18.21 37.28 -32.72
C GLU F 194 -17.75 35.98 -33.37
N LEU F 195 -18.12 34.85 -32.75
CA LEU F 195 -17.67 33.55 -33.23
C LEU F 195 -18.55 32.99 -34.36
N TRP F 196 -19.86 33.17 -34.25
CA TRP F 196 -20.78 32.46 -35.14
C TRP F 196 -21.60 33.37 -36.06
N GLY F 197 -21.53 34.68 -35.83
CA GLY F 197 -22.25 35.62 -36.68
C GLY F 197 -23.61 36.03 -36.11
N GLN F 198 -24.22 37.02 -36.75
CA GLN F 198 -25.47 37.60 -36.27
C GLN F 198 -26.60 36.59 -36.13
N ASP F 199 -26.72 35.68 -37.09
CA ASP F 199 -27.86 34.77 -37.15
C ASP F 199 -27.75 33.58 -36.20
N ALA F 200 -26.59 32.92 -36.23
CA ALA F 200 -26.41 31.70 -35.45
C ALA F 200 -26.04 31.96 -34.00
N SER F 201 -26.30 33.17 -33.51
CA SER F 201 -25.87 33.55 -32.17
C SER F 201 -27.01 33.81 -31.19
N SER F 202 -26.67 33.77 -29.91
CA SER F 202 -27.56 34.23 -28.85
C SER F 202 -26.87 35.40 -28.14
N PRO F 203 -27.64 36.43 -27.78
CA PRO F 203 -27.09 37.68 -27.24
C PRO F 203 -26.35 37.54 -25.90
N LYS F 204 -26.80 36.60 -25.07
CA LYS F 204 -26.24 36.46 -23.72
C LYS F 204 -25.06 35.52 -23.62
N ASP F 205 -24.87 34.67 -24.63
CA ASP F 205 -23.91 33.58 -24.53
C ASP F 205 -22.47 33.96 -24.89
N THR F 206 -21.52 33.43 -24.12
CA THR F 206 -20.11 33.65 -24.37
C THR F 206 -19.33 32.33 -24.35
N ILE F 207 -18.20 32.32 -25.04
CA ILE F 207 -17.34 31.14 -25.08
C ILE F 207 -15.94 31.49 -24.58
N ARG F 208 -15.44 30.71 -23.62
CA ARG F 208 -14.11 30.96 -23.09
C ARG F 208 -13.11 29.90 -23.52
N VAL F 209 -11.96 30.34 -24.01
CA VAL F 209 -10.94 29.45 -24.55
C VAL F 209 -9.58 29.80 -23.97
N ASP F 210 -8.81 28.77 -23.64
CA ASP F 210 -7.49 28.99 -23.05
C ASP F 210 -6.40 29.00 -24.12
N LEU F 211 -5.75 30.15 -24.28
CA LEU F 211 -4.79 30.34 -25.34
C LEU F 211 -3.44 30.86 -24.82
N TRP F 212 -2.36 30.42 -25.46
CA TRP F 212 -1.02 30.85 -25.09
C TRP F 212 -0.71 32.25 -25.56
N ASP F 213 0.24 32.90 -24.90
CA ASP F 213 0.56 34.30 -25.17
C ASP F 213 0.80 34.58 -26.65
N ASP F 214 1.63 33.76 -27.30
CA ASP F 214 1.99 34.04 -28.69
C ASP F 214 0.96 33.53 -29.69
N TYR F 215 -0.18 33.09 -29.18
CA TYR F 215 -1.33 32.79 -30.04
C TYR F 215 -2.04 34.10 -30.36
N LEU F 216 -1.70 35.14 -29.59
CA LEU F 216 -2.49 36.37 -29.59
C LEU F 216 -1.75 37.61 -30.08
N GLU F 217 -2.52 38.67 -30.31
CA GLU F 217 -1.98 39.99 -30.62
C GLU F 217 -2.99 41.01 -30.14
N PRO F 218 -2.54 42.25 -29.88
CA PRO F 218 -3.48 43.30 -29.44
C PRO F 218 -4.53 43.53 -30.52
N ALA F 219 -5.80 43.64 -30.11
CA ALA F 219 -6.89 43.81 -31.06
C ALA F 219 -6.66 45.00 -31.98
N ASP G 8 5.61 -29.03 -3.55
CA ASP G 8 4.94 -29.57 -4.74
C ASP G 8 3.61 -30.22 -4.37
N HIS G 9 2.55 -29.79 -5.03
CA HIS G 9 1.22 -30.30 -4.73
C HIS G 9 0.82 -31.40 -5.72
N HIS G 10 0.15 -32.43 -5.22
CA HIS G 10 -0.26 -33.54 -6.07
C HIS G 10 -1.73 -33.89 -5.90
N HIS G 11 -2.19 -33.98 -4.65
CA HIS G 11 -3.54 -34.45 -4.38
C HIS G 11 -4.22 -33.69 -3.25
N ASP G 12 -3.71 -32.50 -2.93
CA ASP G 12 -4.26 -31.72 -1.82
C ASP G 12 -5.24 -30.67 -2.30
N GLY G 13 -5.56 -30.71 -3.59
CA GLY G 13 -6.55 -29.83 -4.18
C GLY G 13 -5.97 -28.57 -4.79
N TYR G 14 -4.68 -28.34 -4.58
CA TYR G 14 -4.05 -27.12 -5.07
C TYR G 14 -3.03 -27.38 -6.17
N GLN G 15 -2.93 -28.64 -6.61
CA GLN G 15 -2.05 -28.99 -7.72
C GLN G 15 -2.47 -28.26 -8.99
N ALA G 16 -1.59 -28.25 -9.99
CA ALA G 16 -1.87 -27.54 -11.23
C ALA G 16 -2.82 -28.33 -12.12
N PRO G 17 -3.75 -27.63 -12.77
CA PRO G 17 -4.63 -28.27 -13.75
C PRO G 17 -3.89 -28.51 -15.05
N PRO G 18 -4.41 -29.39 -15.93
CA PRO G 18 -3.79 -29.64 -17.22
C PRO G 18 -3.62 -28.35 -18.02
N GLU G 19 -2.60 -28.30 -18.87
CA GLU G 19 -2.27 -27.10 -19.64
C GLU G 19 -3.39 -26.68 -20.60
N ASP G 20 -4.24 -27.62 -20.98
CA ASP G 20 -5.25 -27.36 -22.00
C ASP G 20 -6.67 -27.28 -21.43
N ILE G 21 -6.79 -27.28 -20.11
CA ILE G 21 -8.10 -27.36 -19.45
C ILE G 21 -9.09 -26.29 -19.93
N ALA G 22 -8.63 -25.06 -20.10
CA ALA G 22 -9.50 -23.96 -20.49
C ALA G 22 -10.13 -24.20 -21.87
N LEU G 23 -9.34 -24.79 -22.75
CA LEU G 23 -9.80 -25.09 -24.11
C LEU G 23 -10.90 -26.16 -24.08
N ARG G 24 -10.67 -27.22 -23.31
CA ARG G 24 -11.65 -28.28 -23.14
C ARG G 24 -12.97 -27.75 -22.60
N VAL G 25 -12.88 -26.87 -21.61
CA VAL G 25 -14.05 -26.26 -21.01
C VAL G 25 -14.79 -25.38 -22.01
N LYS G 26 -14.03 -24.59 -22.77
CA LYS G 26 -14.62 -23.70 -23.77
C LYS G 26 -15.35 -24.51 -24.85
N ALA G 27 -14.78 -25.66 -25.19
CA ALA G 27 -15.34 -26.52 -26.23
C ALA G 27 -16.67 -27.14 -25.79
N LEU G 28 -16.71 -27.66 -24.57
CA LEU G 28 -17.94 -28.26 -24.06
C LEU G 28 -19.04 -27.21 -23.91
N GLU G 29 -18.66 -26.03 -23.43
CA GLU G 29 -19.61 -24.94 -23.24
C GLU G 29 -20.27 -24.59 -24.57
N SER G 30 -19.45 -24.37 -25.59
CA SER G 30 -19.95 -24.07 -26.92
C SER G 30 -20.92 -25.14 -27.40
N LEU G 31 -20.54 -26.40 -27.21
CA LEU G 31 -21.36 -27.53 -27.62
C LEU G 31 -22.73 -27.51 -26.95
N LEU G 32 -22.73 -27.29 -25.64
CA LEU G 32 -23.96 -27.28 -24.85
C LEU G 32 -24.86 -26.10 -25.22
N ILE G 33 -24.25 -24.95 -25.49
CA ILE G 33 -24.99 -23.77 -25.91
C ILE G 33 -25.58 -24.00 -27.30
N GLU G 34 -24.77 -24.61 -28.17
CA GLU G 34 -25.17 -24.88 -29.55
C GLU G 34 -26.37 -25.84 -29.61
N LYS G 35 -26.36 -26.84 -28.74
CA LYS G 35 -27.47 -27.79 -28.68
C LYS G 35 -28.69 -27.19 -27.97
N GLY G 36 -28.48 -26.05 -27.30
CA GLY G 36 -29.55 -25.38 -26.60
C GLY G 36 -29.84 -25.96 -25.23
N LEU G 37 -28.80 -26.53 -24.62
CA LEU G 37 -28.95 -27.16 -23.31
C LEU G 37 -28.70 -26.16 -22.18
N VAL G 38 -27.89 -25.15 -22.44
CA VAL G 38 -27.58 -24.16 -21.41
C VAL G 38 -27.70 -22.73 -21.93
N ASP G 39 -27.93 -21.80 -21.01
CA ASP G 39 -28.10 -20.39 -21.33
C ASP G 39 -26.98 -19.58 -20.69
N PRO G 40 -26.09 -19.02 -21.52
CA PRO G 40 -24.90 -18.32 -21.03
C PRO G 40 -25.25 -17.22 -20.03
N ALA G 41 -26.32 -16.47 -20.32
CA ALA G 41 -26.75 -15.37 -19.48
C ALA G 41 -27.14 -15.85 -18.09
N ALA G 42 -27.82 -16.99 -18.04
CA ALA G 42 -28.24 -17.58 -16.77
C ALA G 42 -27.04 -18.08 -15.99
N MET G 43 -26.06 -18.62 -16.70
CA MET G 43 -24.84 -19.14 -16.08
C MET G 43 -24.02 -18.02 -15.43
N ASP G 44 -24.02 -16.85 -16.08
CA ASP G 44 -23.34 -15.69 -15.53
C ASP G 44 -23.96 -15.29 -14.19
N LEU G 45 -25.29 -15.42 -14.11
CA LEU G 45 -26.02 -15.11 -12.90
C LEU G 45 -25.68 -16.09 -11.77
N VAL G 46 -25.44 -17.35 -12.15
CA VAL G 46 -25.03 -18.37 -11.17
C VAL G 46 -23.65 -18.05 -10.63
N VAL G 47 -22.72 -17.75 -11.53
CA VAL G 47 -21.37 -17.38 -11.12
C VAL G 47 -21.38 -16.17 -10.19
N GLN G 48 -22.07 -15.12 -10.60
CA GLN G 48 -22.14 -13.90 -9.81
C GLN G 48 -22.72 -14.16 -8.43
N THR G 49 -23.66 -15.09 -8.35
CA THR G 49 -24.30 -15.41 -7.08
C THR G 49 -23.31 -15.96 -6.07
N TYR G 50 -22.35 -16.74 -6.54
CA TYR G 50 -21.40 -17.40 -5.65
C TYR G 50 -20.06 -16.67 -5.59
N GLU G 51 -19.85 -15.75 -6.52
CA GLU G 51 -18.69 -14.88 -6.46
C GLU G 51 -18.93 -13.70 -5.52
N HIS G 52 -20.13 -13.13 -5.54
CA HIS G 52 -20.37 -11.86 -4.87
C HIS G 52 -21.51 -11.80 -3.85
N LYS G 53 -22.43 -12.77 -3.89
CA LYS G 53 -23.64 -12.67 -3.07
C LYS G 53 -23.74 -13.69 -1.95
N VAL G 54 -23.19 -14.88 -2.16
CA VAL G 54 -23.26 -15.94 -1.16
C VAL G 54 -21.88 -16.31 -0.62
N GLY G 55 -21.71 -16.16 0.68
CA GLY G 55 -20.44 -16.47 1.32
C GLY G 55 -20.56 -16.56 2.83
N PRO G 56 -19.42 -16.74 3.52
CA PRO G 56 -19.38 -16.93 4.98
C PRO G 56 -19.95 -15.75 5.77
N ARG G 57 -20.02 -14.58 5.15
CA ARG G 57 -20.58 -13.41 5.83
C ARG G 57 -22.01 -13.68 6.25
N ASN G 58 -22.69 -14.54 5.50
CA ASN G 58 -24.05 -14.95 5.82
C ASN G 58 -24.10 -15.70 7.15
N GLY G 59 -23.32 -16.78 7.23
CA GLY G 59 -23.25 -17.56 8.45
C GLY G 59 -22.84 -16.71 9.63
N ALA G 60 -21.92 -15.78 9.40
CA ALA G 60 -21.46 -14.87 10.44
C ALA G 60 -22.62 -14.09 11.04
N LYS G 61 -23.50 -13.60 10.15
CA LYS G 61 -24.70 -12.88 10.58
C LYS G 61 -25.59 -13.79 11.42
N VAL G 62 -25.70 -15.05 11.02
CA VAL G 62 -26.49 -16.04 11.74
C VAL G 62 -25.93 -16.28 13.14
N VAL G 63 -24.62 -16.53 13.22
CA VAL G 63 -23.97 -16.77 14.49
C VAL G 63 -24.12 -15.56 15.43
N ALA G 64 -23.77 -14.39 14.92
CA ALA G 64 -23.84 -13.17 15.71
C ALA G 64 -25.23 -12.98 16.31
N LYS G 65 -26.26 -13.23 15.51
CA LYS G 65 -27.63 -13.03 15.97
C LYS G 65 -27.99 -14.02 17.08
N ALA G 66 -27.53 -15.25 16.94
CA ALA G 66 -27.78 -16.28 17.93
C ALA G 66 -27.07 -15.94 19.23
N TRP G 67 -25.93 -15.25 19.12
CA TRP G 67 -25.16 -14.86 20.29
C TRP G 67 -25.91 -13.83 21.14
N VAL G 68 -26.58 -12.88 20.49
CA VAL G 68 -27.24 -11.80 21.21
C VAL G 68 -28.71 -12.07 21.49
N ASP G 69 -29.31 -12.95 20.70
CA ASP G 69 -30.75 -13.23 20.79
C ASP G 69 -31.05 -14.68 21.16
N PRO G 70 -31.23 -14.96 22.46
CA PRO G 70 -31.48 -16.30 22.99
C PRO G 70 -32.72 -16.96 22.38
N ALA G 71 -33.75 -16.19 22.07
CA ALA G 71 -34.96 -16.72 21.48
C ALA G 71 -34.69 -17.22 20.07
N TYR G 72 -33.90 -16.45 19.32
CA TYR G 72 -33.53 -16.84 17.96
C TYR G 72 -32.66 -18.08 17.98
N LYS G 73 -31.73 -18.13 18.92
CA LYS G 73 -30.84 -19.27 19.06
C LYS G 73 -31.63 -20.56 19.28
N ALA G 74 -32.62 -20.49 20.15
CA ALA G 74 -33.49 -21.63 20.43
C ALA G 74 -34.23 -22.08 19.17
N ARG G 75 -34.75 -21.12 18.41
CA ARG G 75 -35.43 -21.44 17.16
C ARG G 75 -34.45 -22.05 16.16
N LEU G 76 -33.25 -21.49 16.09
CA LEU G 76 -32.25 -21.94 15.13
C LEU G 76 -31.84 -23.38 15.40
N LEU G 77 -31.64 -23.71 16.67
CA LEU G 77 -31.21 -25.05 17.05
C LEU G 77 -32.34 -26.07 16.94
N ALA G 78 -33.58 -25.57 16.93
CA ALA G 78 -34.74 -26.45 16.78
C ALA G 78 -35.02 -26.73 15.31
N ASP G 79 -34.76 -25.74 14.46
CA ASP G 79 -34.96 -25.87 13.03
C ASP G 79 -33.99 -24.98 12.26
N GLY G 80 -32.88 -25.56 11.84
CA GLY G 80 -31.82 -24.82 11.18
C GLY G 80 -32.24 -24.12 9.90
N THR G 81 -33.06 -24.80 9.10
CA THR G 81 -33.50 -24.24 7.82
C THR G 81 -34.34 -22.98 8.00
N ALA G 82 -35.32 -23.05 8.89
CA ALA G 82 -36.16 -21.90 9.18
C ALA G 82 -35.34 -20.79 9.84
N GLY G 83 -34.46 -21.19 10.74
CA GLY G 83 -33.61 -20.26 11.46
C GLY G 83 -32.80 -19.37 10.55
N ILE G 84 -32.07 -19.99 9.61
CA ILE G 84 -31.25 -19.22 8.68
C ILE G 84 -32.11 -18.45 7.66
N ALA G 85 -33.34 -18.90 7.48
CA ALA G 85 -34.27 -18.24 6.55
C ALA G 85 -34.71 -16.89 7.10
N GLU G 86 -34.77 -16.78 8.42
CA GLU G 86 -35.16 -15.54 9.08
C GLU G 86 -34.23 -14.40 8.66
N LEU G 87 -33.03 -14.76 8.23
CA LEU G 87 -32.04 -13.78 7.78
C LEU G 87 -31.93 -13.76 6.26
N GLY G 88 -32.83 -14.46 5.59
CA GLY G 88 -32.91 -14.45 4.14
C GLY G 88 -31.95 -15.40 3.45
N PHE G 89 -31.53 -16.44 4.16
CA PHE G 89 -30.63 -17.43 3.59
C PHE G 89 -31.34 -18.78 3.42
N SER G 90 -31.15 -19.39 2.26
CA SER G 90 -31.84 -20.62 1.94
C SER G 90 -31.45 -21.12 0.56
N GLY G 91 -31.81 -22.36 0.26
CA GLY G 91 -31.67 -22.87 -1.10
C GLY G 91 -30.69 -24.01 -1.31
N VAL G 92 -30.12 -24.06 -2.51
CA VAL G 92 -29.25 -25.15 -2.93
C VAL G 92 -28.19 -25.53 -1.91
N GLN G 93 -28.17 -26.81 -1.55
CA GLN G 93 -27.19 -27.36 -0.61
C GLN G 93 -27.35 -26.81 0.80
N GLY G 94 -28.56 -26.34 1.12
CA GLY G 94 -28.88 -25.87 2.44
C GLY G 94 -30.34 -26.09 2.77
N GLU G 95 -30.97 -27.00 2.04
CA GLU G 95 -32.41 -27.25 2.17
C GLU G 95 -32.78 -27.81 3.54
N ASP G 96 -31.89 -28.62 4.11
CA ASP G 96 -32.14 -29.22 5.42
C ASP G 96 -30.97 -29.00 6.37
N MET G 97 -30.95 -27.84 7.00
CA MET G 97 -29.84 -27.42 7.85
C MET G 97 -29.94 -27.98 9.27
N VAL G 98 -28.80 -28.36 9.82
CA VAL G 98 -28.70 -28.71 11.23
C VAL G 98 -27.54 -27.94 11.86
N ILE G 99 -27.85 -27.12 12.86
CA ILE G 99 -26.85 -26.27 13.50
C ILE G 99 -26.23 -26.95 14.72
N LEU G 100 -24.91 -27.01 14.75
CA LEU G 100 -24.19 -27.70 15.82
C LEU G 100 -23.59 -26.71 16.81
N GLU G 101 -24.07 -26.76 18.04
CA GLU G 101 -23.66 -25.81 19.07
C GLU G 101 -22.40 -26.26 19.82
N ASN G 102 -21.34 -25.49 19.69
CA ASN G 102 -20.13 -25.73 20.47
C ASN G 102 -20.34 -25.32 21.92
N THR G 103 -19.93 -26.18 22.84
CA THR G 103 -20.09 -25.92 24.26
C THR G 103 -18.74 -26.13 24.95
N PRO G 104 -18.64 -25.78 26.24
CA PRO G 104 -17.40 -26.03 26.97
C PRO G 104 -17.04 -27.52 26.99
N ALA G 105 -18.03 -28.38 26.79
CA ALA G 105 -17.81 -29.82 26.85
C ALA G 105 -17.63 -30.44 25.46
N VAL G 106 -18.21 -29.80 24.45
CA VAL G 106 -18.23 -30.35 23.10
C VAL G 106 -17.73 -29.38 22.04
N HIS G 107 -16.82 -29.86 21.19
CA HIS G 107 -16.38 -29.10 20.03
C HIS G 107 -16.75 -29.83 18.75
N ASN G 108 -17.57 -29.17 17.92
CA ASN G 108 -18.05 -29.77 16.68
C ASN G 108 -17.21 -29.35 15.49
N VAL G 109 -17.14 -30.24 14.50
CA VAL G 109 -16.50 -29.95 13.23
C VAL G 109 -17.05 -30.94 12.20
N PHE G 110 -17.32 -30.46 10.99
CA PHE G 110 -17.90 -31.32 9.98
C PHE G 110 -17.03 -31.52 8.74
N VAL G 111 -17.36 -32.55 7.98
CA VAL G 111 -16.58 -32.94 6.82
C VAL G 111 -17.46 -33.78 5.91
N CYS G 112 -17.05 -33.91 4.65
CA CYS G 112 -17.69 -34.86 3.75
C CYS G 112 -16.64 -35.83 3.22
N THR G 113 -16.51 -36.96 3.90
CA THR G 113 -15.49 -37.93 3.54
C THR G 113 -15.72 -38.47 2.13
N LEU G 114 -16.99 -38.51 1.72
CA LEU G 114 -17.34 -39.10 0.43
C LEU G 114 -17.17 -38.13 -0.74
N CSD G 115 -17.23 -36.83 -0.47
CA CSD G 115 -17.05 -35.82 -1.57
CB CSD G 115 -18.23 -35.89 -2.52
SG CSD G 115 -19.83 -35.96 -1.60
C CSD G 115 -16.76 -34.39 -1.16
O CSD G 115 -15.59 -34.01 -1.02
OD1 CSD G 115 -20.89 -34.88 -2.58
OD2 CSD G 115 -20.44 -37.40 -1.71
N SER G 116 -17.82 -33.58 -0.98
CA SER G 116 -17.64 -32.13 -0.83
C SER G 116 -18.80 -31.43 -0.10
N CSD G 117 -19.84 -32.18 0.24
CA CSD G 117 -21.09 -31.62 0.83
CB CSD G 117 -21.99 -32.75 1.33
SG CSD G 117 -22.08 -33.98 -0.03
C CSD G 117 -20.78 -30.60 1.87
O CSD G 117 -19.89 -30.80 2.73
OD1 CSD G 117 -23.10 -35.29 0.66
OD2 CSD G 117 -22.86 -33.34 -1.24
N TYR G 118 -21.53 -29.51 1.85
CA TYR G 118 -21.14 -28.27 2.49
C TYR G 118 -22.33 -27.32 2.43
N PRO G 119 -22.53 -26.49 3.46
CA PRO G 119 -23.70 -25.62 3.55
C PRO G 119 -23.53 -24.36 2.69
N TRP G 120 -23.92 -24.44 1.42
CA TRP G 120 -23.75 -23.34 0.48
C TRP G 120 -24.40 -22.02 0.90
N PRO G 121 -25.69 -22.06 1.28
CA PRO G 121 -26.40 -20.81 1.57
C PRO G 121 -25.75 -19.95 2.66
N THR G 122 -25.10 -20.58 3.64
CA THR G 122 -24.54 -19.81 4.76
C THR G 122 -23.01 -19.62 4.68
N LEU G 123 -22.32 -20.52 3.98
CA LEU G 123 -20.87 -20.46 3.93
C LEU G 123 -20.33 -20.21 2.52
N GLY G 124 -21.21 -20.31 1.53
CA GLY G 124 -20.79 -20.22 0.14
C GLY G 124 -20.18 -21.53 -0.32
N LEU G 125 -19.47 -21.51 -1.43
CA LEU G 125 -18.80 -22.70 -1.93
C LEU G 125 -17.59 -23.02 -1.05
N PRO G 126 -17.25 -24.32 -0.93
CA PRO G 126 -16.18 -24.75 -0.04
C PRO G 126 -14.79 -24.42 -0.59
N PRO G 127 -13.80 -24.26 0.30
CA PRO G 127 -12.43 -24.03 -0.13
C PRO G 127 -11.83 -25.34 -0.62
N ALA G 128 -10.83 -25.26 -1.50
CA ALA G 128 -10.26 -26.45 -2.10
C ALA G 128 -9.85 -27.52 -1.09
N TRP G 129 -9.32 -27.09 0.05
CA TRP G 129 -8.80 -28.04 1.04
C TRP G 129 -9.90 -28.91 1.65
N TYR G 130 -11.10 -28.35 1.78
CA TYR G 130 -12.23 -29.07 2.34
C TYR G 130 -12.69 -30.20 1.41
N LYS G 131 -12.44 -30.02 0.11
CA LYS G 131 -12.91 -30.97 -0.88
C LYS G 131 -11.87 -32.03 -1.22
N ALA G 132 -10.68 -31.91 -0.62
CA ALA G 132 -9.56 -32.76 -0.99
C ALA G 132 -9.26 -33.89 -0.01
N ALA G 133 -8.48 -34.87 -0.47
CA ALA G 133 -8.20 -36.10 0.27
C ALA G 133 -7.57 -35.92 1.65
N PRO G 134 -6.56 -35.04 1.77
CA PRO G 134 -5.91 -34.89 3.08
C PRO G 134 -6.90 -34.65 4.21
N TYR G 135 -7.72 -33.60 4.08
CA TYR G 135 -8.67 -33.25 5.12
C TYR G 135 -9.74 -34.32 5.31
N ARG G 136 -10.31 -34.77 4.20
CA ARG G 136 -11.40 -35.75 4.24
C ARG G 136 -10.99 -37.10 4.83
N SER G 137 -9.79 -37.56 4.49
CA SER G 137 -9.33 -38.87 4.94
C SER G 137 -9.02 -38.89 6.43
N ARG G 138 -8.38 -37.84 6.92
CA ARG G 138 -7.82 -37.83 8.26
C ARG G 138 -8.77 -37.30 9.33
N MET G 139 -9.70 -36.44 8.94
CA MET G 139 -10.56 -35.77 9.90
C MET G 139 -11.40 -36.71 10.77
N VAL G 140 -11.74 -37.88 10.24
CA VAL G 140 -12.58 -38.82 10.97
C VAL G 140 -11.78 -39.79 11.85
N SER G 141 -10.48 -39.84 11.64
CA SER G 141 -9.64 -40.75 12.43
C SER G 141 -8.76 -39.99 13.43
N ASP G 142 -8.20 -38.86 13.00
CA ASP G 142 -7.34 -38.06 13.88
C ASP G 142 -7.71 -36.59 13.82
N PRO G 143 -8.85 -36.22 14.42
CA PRO G 143 -9.31 -34.82 14.42
C PRO G 143 -8.25 -33.88 14.99
N ARG G 144 -7.70 -34.24 16.15
CA ARG G 144 -6.73 -33.40 16.84
C ARG G 144 -5.47 -33.16 16.03
N GLY G 145 -4.99 -34.20 15.36
CA GLY G 145 -3.82 -34.07 14.51
C GLY G 145 -4.05 -33.06 13.40
N VAL G 146 -5.22 -33.15 12.76
CA VAL G 146 -5.58 -32.25 11.68
C VAL G 146 -5.80 -30.83 12.20
N LEU G 147 -6.52 -30.71 13.31
CA LEU G 147 -6.81 -29.41 13.90
C LEU G 147 -5.53 -28.68 14.32
N ALA G 148 -4.54 -29.43 14.79
CA ALA G 148 -3.27 -28.87 15.19
C ALA G 148 -2.58 -28.18 14.02
N GLU G 149 -2.81 -28.70 12.82
CA GLU G 149 -2.22 -28.12 11.61
C GLU G 149 -2.82 -26.75 11.31
N PHE G 150 -3.99 -26.49 11.88
CA PHE G 150 -4.66 -25.21 11.69
C PHE G 150 -4.25 -24.21 12.77
N GLY G 151 -3.54 -24.70 13.79
CA GLY G 151 -3.14 -23.88 14.91
C GLY G 151 -4.14 -23.96 16.05
N LEU G 152 -5.03 -24.94 15.98
CA LEU G 152 -6.05 -25.13 17.00
C LEU G 152 -5.82 -26.39 17.82
N VAL G 153 -5.55 -26.20 19.11
CA VAL G 153 -5.40 -27.32 20.03
C VAL G 153 -6.57 -27.39 21.01
N ILE G 154 -7.32 -28.48 20.93
CA ILE G 154 -8.46 -28.69 21.80
C ILE G 154 -8.01 -29.31 23.12
N PRO G 155 -8.53 -28.78 24.25
CA PRO G 155 -8.24 -29.38 25.56
C PRO G 155 -8.43 -30.91 25.50
N ALA G 156 -7.57 -31.64 26.20
CA ALA G 156 -7.61 -33.10 26.13
C ALA G 156 -8.93 -33.66 26.66
N ASN G 157 -9.48 -32.99 27.67
CA ASN G 157 -10.71 -33.45 28.32
C ASN G 157 -11.96 -32.94 27.61
N LYS G 158 -11.78 -32.13 26.58
CA LYS G 158 -12.91 -31.66 25.80
C LYS G 158 -13.19 -32.60 24.64
N GLU G 159 -14.43 -33.04 24.51
CA GLU G 159 -14.82 -33.98 23.46
C GLU G 159 -14.90 -33.30 22.10
N ILE G 160 -14.33 -33.95 21.09
CA ILE G 160 -14.48 -33.50 19.72
C ILE G 160 -15.48 -34.38 18.99
N ARG G 161 -16.47 -33.73 18.37
CA ARG G 161 -17.46 -34.46 17.57
C ARG G 161 -17.27 -34.15 16.09
N VAL G 162 -16.87 -35.16 15.34
CA VAL G 162 -16.75 -35.01 13.90
C VAL G 162 -18.03 -35.49 13.22
N TRP G 163 -18.64 -34.60 12.44
CA TRP G 163 -19.86 -34.93 11.72
C TRP G 163 -19.57 -35.19 10.25
N ASP G 164 -19.82 -36.41 9.80
CA ASP G 164 -19.63 -36.75 8.40
C ASP G 164 -20.91 -36.52 7.60
N THR G 165 -20.83 -35.67 6.58
CA THR G 165 -22.00 -35.30 5.79
C THR G 165 -22.31 -36.34 4.72
N THR G 166 -22.86 -37.48 5.15
CA THR G 166 -23.11 -38.60 4.26
C THR G 166 -24.52 -38.58 3.65
N ALA G 167 -25.41 -37.81 4.24
CA ALA G 167 -26.79 -37.75 3.75
C ALA G 167 -27.15 -36.39 3.17
N GLN G 168 -28.42 -36.02 3.25
CA GLN G 168 -28.88 -34.76 2.69
C GLN G 168 -29.00 -33.65 3.74
N LEU G 169 -28.62 -33.97 4.98
CA LEU G 169 -28.52 -32.94 6.00
C LEU G 169 -27.24 -32.15 5.77
N ARG G 170 -27.29 -30.85 6.02
CA ARG G 170 -26.11 -30.01 5.89
C ARG G 170 -25.82 -29.33 7.22
N TYR G 171 -24.55 -29.34 7.64
CA TYR G 171 -24.19 -28.89 8.98
C TYR G 171 -23.44 -27.57 9.00
N MET G 172 -23.72 -26.77 10.00
CA MET G 172 -22.95 -25.57 10.27
C MET G 172 -22.72 -25.43 11.77
N VAL G 173 -21.49 -25.09 12.14
CA VAL G 173 -21.11 -25.02 13.55
C VAL G 173 -21.37 -23.63 14.13
N LEU G 174 -22.06 -23.60 15.26
CA LEU G 174 -22.25 -22.37 16.01
C LEU G 174 -21.13 -22.25 17.02
N PRO G 175 -20.15 -21.39 16.75
CA PRO G 175 -18.97 -21.24 17.59
C PRO G 175 -19.34 -20.67 18.95
N GLU G 176 -18.51 -20.93 19.96
CA GLU G 176 -18.69 -20.30 21.26
C GLU G 176 -18.30 -18.83 21.15
N ARG G 177 -19.02 -17.98 21.88
CA ARG G 177 -18.75 -16.55 21.85
C ARG G 177 -17.46 -16.21 22.59
N PRO G 178 -16.54 -15.51 21.90
CA PRO G 178 -15.26 -15.13 22.51
C PRO G 178 -15.46 -14.38 23.80
N ALA G 179 -14.55 -14.54 24.75
CA ALA G 179 -14.63 -13.82 26.02
C ALA G 179 -14.23 -12.36 25.82
N GLY G 180 -14.83 -11.48 26.61
CA GLY G 180 -14.52 -10.07 26.54
C GLY G 180 -15.17 -9.36 25.37
N THR G 181 -16.41 -9.74 25.07
CA THR G 181 -17.16 -9.12 23.97
C THR G 181 -18.53 -8.66 24.42
N GLU G 182 -18.72 -8.57 25.73
CA GLU G 182 -19.99 -8.14 26.30
C GLU G 182 -20.42 -6.80 25.71
N ALA G 183 -19.45 -6.02 25.25
CA ALA G 183 -19.72 -4.68 24.75
C ALA G 183 -19.71 -4.62 23.22
N TYR G 184 -19.90 -5.76 22.57
CA TYR G 184 -19.93 -5.82 21.12
C TYR G 184 -21.35 -5.79 20.56
N SER G 185 -21.56 -4.99 19.52
CA SER G 185 -22.83 -5.02 18.80
C SER G 185 -22.89 -6.30 17.96
N GLU G 186 -24.09 -6.71 17.60
CA GLU G 186 -24.27 -7.93 16.82
C GLU G 186 -23.49 -7.85 15.51
N GLU G 187 -23.25 -6.63 15.04
CA GLU G 187 -22.49 -6.40 13.81
C GLU G 187 -21.00 -6.58 14.06
N GLN G 188 -20.52 -6.03 15.17
CA GLN G 188 -19.13 -6.17 15.58
C GLN G 188 -18.80 -7.61 15.95
N LEU G 189 -19.79 -8.34 16.45
CA LEU G 189 -19.60 -9.75 16.80
C LEU G 189 -19.41 -10.59 15.55
N ALA G 190 -20.09 -10.23 14.47
CA ALA G 190 -20.04 -10.99 13.24
C ALA G 190 -18.65 -10.95 12.61
N GLU G 191 -17.92 -9.89 12.87
CA GLU G 191 -16.57 -9.74 12.32
C GLU G 191 -15.59 -10.70 12.96
N LEU G 192 -15.98 -11.26 14.11
CA LEU G 192 -15.14 -12.20 14.83
C LEU G 192 -15.32 -13.62 14.30
N VAL G 193 -16.45 -13.85 13.64
CA VAL G 193 -16.80 -15.20 13.17
C VAL G 193 -16.17 -15.52 11.82
N THR G 194 -15.11 -16.31 11.84
CA THR G 194 -14.42 -16.71 10.62
C THR G 194 -15.11 -17.90 9.97
N ARG G 195 -14.79 -18.16 8.71
CA ARG G 195 -15.30 -19.34 8.03
C ARG G 195 -14.90 -20.59 8.79
N ASP G 196 -13.64 -20.64 9.17
CA ASP G 196 -13.10 -21.78 9.92
C ASP G 196 -13.88 -22.05 11.21
N SER G 197 -14.26 -21.00 11.92
CA SER G 197 -14.98 -21.14 13.18
C SER G 197 -16.36 -21.77 12.96
N MET G 198 -16.89 -21.61 11.75
CA MET G 198 -18.20 -22.17 11.43
C MET G 198 -18.11 -23.58 10.83
N ILE G 199 -16.91 -23.95 10.37
CA ILE G 199 -16.67 -25.30 9.91
C ILE G 199 -16.25 -26.17 11.09
N GLY G 200 -15.56 -25.55 12.04
CA GLY G 200 -15.09 -26.23 13.23
C GLY G 200 -13.59 -26.40 13.22
N THR G 201 -12.95 -25.92 12.16
CA THR G 201 -11.50 -26.04 12.01
C THR G 201 -10.76 -24.83 12.59
N GLY G 202 -11.46 -24.05 13.40
CA GLY G 202 -10.88 -22.87 14.01
C GLY G 202 -11.81 -22.26 15.05
N LEU G 203 -11.35 -21.20 15.68
CA LEU G 203 -12.16 -20.49 16.67
C LEU G 203 -12.39 -19.05 16.23
N PRO G 204 -13.47 -18.44 16.70
CA PRO G 204 -13.71 -17.02 16.40
C PRO G 204 -12.54 -16.17 16.90
N THR G 205 -12.24 -15.09 16.18
CA THR G 205 -11.17 -14.19 16.58
C THR G 205 -11.37 -13.78 18.04
N GLN G 206 -10.33 -13.99 18.84
CA GLN G 206 -10.39 -13.74 20.27
C GLN G 206 -9.73 -12.41 20.61
N PRO G 207 -10.54 -11.38 20.87
CA PRO G 207 -10.02 -10.04 21.20
C PRO G 207 -8.93 -10.09 22.26
N MET H 1 -20.17 -48.10 -3.40
CA MET H 1 -18.98 -48.45 -4.16
C MET H 1 -17.70 -48.22 -3.35
N ASN H 2 -16.91 -49.29 -3.18
CA ASN H 2 -15.65 -49.21 -2.45
C ASN H 2 -14.53 -48.58 -3.29
N GLY H 3 -14.71 -47.31 -3.65
CA GLY H 3 -13.77 -46.62 -4.50
C GLY H 3 -12.90 -45.61 -3.79
N ILE H 4 -11.98 -45.01 -4.53
CA ILE H 4 -11.02 -44.06 -3.99
C ILE H 4 -11.70 -42.88 -3.30
N HIS H 5 -12.96 -42.62 -3.65
CA HIS H 5 -13.69 -41.48 -3.12
C HIS H 5 -14.00 -41.66 -1.63
N ASP H 6 -14.12 -42.91 -1.19
CA ASP H 6 -14.42 -43.23 0.20
C ASP H 6 -13.15 -43.11 1.04
N THR H 7 -12.77 -41.88 1.37
CA THR H 7 -11.48 -41.58 1.95
C THR H 7 -11.37 -41.78 3.46
N GLY H 8 -12.51 -41.79 4.14
CA GLY H 8 -12.53 -41.87 5.60
C GLY H 8 -11.61 -42.92 6.20
N GLY H 9 -10.58 -42.46 6.90
CA GLY H 9 -9.69 -43.34 7.64
C GLY H 9 -8.41 -43.71 6.91
N ALA H 10 -8.24 -43.17 5.71
CA ALA H 10 -7.07 -43.48 4.88
C ALA H 10 -5.82 -42.76 5.39
N HIS H 11 -4.66 -43.37 5.16
CA HIS H 11 -3.38 -42.76 5.51
C HIS H 11 -2.63 -42.35 4.24
N GLY H 12 -1.64 -41.48 4.39
CA GLY H 12 -0.74 -41.17 3.30
C GLY H 12 -1.13 -40.02 2.40
N TYR H 13 -2.21 -39.33 2.72
CA TYR H 13 -2.63 -38.17 1.93
C TYR H 13 -1.90 -36.90 2.37
N GLY H 14 -1.28 -36.95 3.55
CA GLY H 14 -0.41 -35.89 4.00
C GLY H 14 -1.08 -34.76 4.76
N PRO H 15 -0.36 -33.64 4.90
CA PRO H 15 -0.82 -32.46 5.64
C PRO H 15 -1.93 -31.73 4.90
N VAL H 16 -2.82 -31.09 5.64
CA VAL H 16 -3.86 -30.28 5.03
C VAL H 16 -3.31 -28.92 4.67
N TYR H 17 -2.90 -28.76 3.41
CA TYR H 17 -2.41 -27.48 2.94
C TYR H 17 -3.58 -26.55 2.61
N ARG H 18 -3.38 -25.25 2.82
CA ARG H 18 -4.40 -24.26 2.50
C ARG H 18 -3.77 -22.97 1.98
N GLU H 19 -4.47 -22.29 1.08
CA GLU H 19 -3.99 -21.03 0.53
C GLU H 19 -4.40 -19.85 1.41
N PRO H 20 -3.51 -18.83 1.50
CA PRO H 20 -3.88 -17.55 2.12
C PRO H 20 -4.86 -16.80 1.23
N ASN H 21 -5.94 -16.30 1.81
CA ASN H 21 -6.95 -15.57 1.05
C ASN H 21 -7.31 -16.24 -0.27
N GLU H 22 -7.92 -17.41 -0.18
CA GLU H 22 -8.32 -18.18 -1.35
C GLU H 22 -9.59 -17.62 -1.99
N PRO H 23 -9.57 -17.42 -3.32
CA PRO H 23 -10.73 -16.92 -4.04
C PRO H 23 -11.78 -18.01 -4.23
N VAL H 24 -13.03 -17.62 -4.46
CA VAL H 24 -14.07 -18.60 -4.73
C VAL H 24 -13.69 -19.41 -5.96
N PHE H 25 -13.23 -18.71 -7.00
CA PHE H 25 -12.77 -19.36 -8.23
C PHE H 25 -11.33 -19.02 -8.54
N ARG H 26 -10.46 -20.02 -8.49
CA ARG H 26 -9.04 -19.82 -8.70
C ARG H 26 -8.70 -19.62 -10.18
N TYR H 27 -9.50 -20.22 -11.06
CA TYR H 27 -9.36 -20.03 -12.50
C TYR H 27 -10.71 -19.69 -13.13
N ASP H 28 -10.68 -19.03 -14.28
CA ASP H 28 -11.89 -18.66 -14.99
C ASP H 28 -12.70 -19.88 -15.46
N TRP H 29 -12.02 -20.92 -15.94
CA TRP H 29 -12.71 -22.10 -16.44
C TRP H 29 -13.55 -22.78 -15.35
N GLU H 30 -13.14 -22.61 -14.10
CA GLU H 30 -13.88 -23.14 -12.97
C GLU H 30 -15.28 -22.52 -12.90
N LYS H 31 -15.36 -21.24 -13.22
CA LYS H 31 -16.64 -20.52 -13.22
C LYS H 31 -17.62 -21.15 -14.20
N THR H 32 -17.13 -21.45 -15.40
CA THR H 32 -17.94 -22.09 -16.42
C THR H 32 -18.41 -23.46 -15.93
N VAL H 33 -17.48 -24.26 -15.45
CA VAL H 33 -17.78 -25.61 -14.98
C VAL H 33 -18.75 -25.61 -13.81
N MET H 34 -18.55 -24.73 -12.85
CA MET H 34 -19.42 -24.66 -11.68
C MET H 34 -20.85 -24.27 -12.05
N SER H 35 -21.00 -23.25 -12.90
CA SER H 35 -22.32 -22.75 -13.26
C SER H 35 -23.11 -23.71 -14.14
N LEU H 36 -22.41 -24.69 -14.73
CA LEU H 36 -23.06 -25.67 -15.60
C LEU H 36 -23.93 -26.63 -14.80
N LEU H 37 -23.51 -26.94 -13.58
CA LEU H 37 -24.22 -27.90 -12.74
C LEU H 37 -25.70 -27.54 -12.52
N PRO H 38 -25.99 -26.32 -12.04
CA PRO H 38 -27.38 -25.93 -11.83
C PRO H 38 -28.16 -25.92 -13.14
N ALA H 39 -27.52 -25.52 -14.22
CA ALA H 39 -28.16 -25.45 -15.52
C ALA H 39 -28.63 -26.81 -16.00
N LEU H 40 -27.80 -27.83 -15.78
CA LEU H 40 -28.11 -29.18 -16.25
C LEU H 40 -29.07 -29.91 -15.31
N LEU H 41 -28.91 -29.68 -14.01
CA LEU H 41 -29.84 -30.24 -13.04
C LEU H 41 -31.25 -29.73 -13.30
N ALA H 42 -31.35 -28.44 -13.64
CA ALA H 42 -32.63 -27.81 -13.90
C ALA H 42 -33.32 -28.41 -15.12
N ASN H 43 -32.53 -28.77 -16.13
CA ASN H 43 -33.06 -29.43 -17.31
C ASN H 43 -33.63 -30.80 -16.98
N GLY H 44 -33.15 -31.37 -15.87
CA GLY H 44 -33.53 -32.71 -15.49
C GLY H 44 -32.72 -33.72 -16.27
N ASN H 45 -31.55 -33.28 -16.75
CA ASN H 45 -30.66 -34.14 -17.51
C ASN H 45 -30.16 -35.29 -16.67
N PHE H 46 -30.06 -35.05 -15.36
CA PHE H 46 -29.67 -36.08 -14.40
C PHE H 46 -29.95 -35.57 -12.99
N ASN H 47 -30.08 -36.50 -12.05
CA ASN H 47 -30.25 -36.10 -10.65
C ASN H 47 -28.92 -36.08 -9.90
N LEU H 48 -28.92 -35.46 -8.73
CA LEU H 48 -27.68 -35.23 -7.98
C LEU H 48 -26.98 -36.53 -7.57
N ASP H 49 -27.76 -37.60 -7.39
CA ASP H 49 -27.21 -38.87 -6.95
C ASP H 49 -26.45 -39.57 -8.08
N GLU H 50 -27.02 -39.51 -9.28
CA GLU H 50 -26.33 -40.03 -10.46
C GLU H 50 -25.06 -39.23 -10.68
N PHE H 51 -25.11 -37.95 -10.31
CA PHE H 51 -23.95 -37.05 -10.43
C PHE H 51 -22.80 -37.53 -9.55
N ARG H 52 -23.08 -37.71 -8.26
CA ARG H 52 -22.07 -38.18 -7.33
C ARG H 52 -21.45 -39.50 -7.79
N HIS H 53 -22.30 -40.41 -8.25
CA HIS H 53 -21.83 -41.74 -8.63
C HIS H 53 -21.03 -41.72 -9.93
N SER H 54 -21.25 -40.69 -10.75
CA SER H 54 -20.47 -40.53 -11.97
C SER H 54 -19.03 -40.20 -11.62
N ILE H 55 -18.86 -39.41 -10.56
CA ILE H 55 -17.53 -39.03 -10.09
C ILE H 55 -16.85 -40.21 -9.42
N GLU H 56 -17.63 -40.98 -8.66
CA GLU H 56 -17.09 -42.16 -8.00
C GLU H 56 -16.57 -43.16 -9.01
N ARG H 57 -17.03 -43.04 -10.26
CA ARG H 57 -16.71 -44.03 -11.29
C ARG H 57 -15.59 -43.61 -12.26
N MET H 58 -15.00 -42.44 -12.03
CA MET H 58 -13.83 -42.05 -12.81
C MET H 58 -12.60 -42.80 -12.30
N GLY H 59 -11.58 -42.91 -13.15
CA GLY H 59 -10.36 -43.61 -12.80
C GLY H 59 -9.78 -43.09 -11.49
N PRO H 60 -9.36 -44.00 -10.61
CA PRO H 60 -8.81 -43.62 -9.31
C PRO H 60 -7.69 -42.58 -9.42
N ALA H 61 -6.81 -42.77 -10.39
CA ALA H 61 -5.70 -41.85 -10.60
C ALA H 61 -6.22 -40.49 -11.08
N HIS H 62 -7.13 -40.51 -12.03
N HIS H 62 -7.15 -40.51 -12.02
CA HIS H 62 -7.74 -39.28 -12.54
CA HIS H 62 -7.75 -39.29 -12.55
C HIS H 62 -8.43 -38.53 -11.41
C HIS H 62 -8.46 -38.52 -11.44
N TYR H 63 -9.07 -39.26 -10.51
CA TYR H 63 -9.76 -38.65 -9.39
C TYR H 63 -8.78 -37.93 -8.47
N LEU H 64 -7.63 -38.55 -8.22
CA LEU H 64 -6.63 -37.97 -7.33
C LEU H 64 -5.85 -36.83 -7.98
N GLU H 65 -5.50 -37.00 -9.25
CA GLU H 65 -4.75 -35.98 -9.98
C GLU H 65 -5.59 -34.75 -10.26
N GLY H 66 -6.85 -34.96 -10.56
CA GLY H 66 -7.75 -33.88 -10.94
C GLY H 66 -8.11 -32.93 -9.82
N THR H 67 -8.07 -31.63 -10.12
CA THR H 67 -8.60 -30.63 -9.21
C THR H 67 -10.11 -30.79 -9.12
N TYR H 68 -10.73 -30.20 -8.11
CA TYR H 68 -12.13 -30.45 -7.82
C TYR H 68 -13.05 -30.34 -9.04
N TYR H 69 -12.95 -29.22 -9.76
CA TYR H 69 -13.88 -28.96 -10.86
C TYR H 69 -13.61 -29.79 -12.12
N GLU H 70 -12.49 -30.51 -12.13
CA GLU H 70 -12.24 -31.48 -13.18
C GLU H 70 -13.16 -32.67 -12.97
N HIS H 71 -13.45 -32.95 -11.70
CA HIS H 71 -14.39 -34.00 -11.33
C HIS H 71 -15.74 -33.72 -11.97
N TRP H 72 -16.19 -32.48 -11.84
CA TRP H 72 -17.45 -32.03 -12.41
C TRP H 72 -17.42 -32.11 -13.94
N LEU H 73 -16.34 -31.61 -14.52
CA LEU H 73 -16.16 -31.63 -15.97
C LEU H 73 -16.24 -33.05 -16.51
N HIS H 74 -15.71 -34.00 -15.74
CA HIS H 74 -15.75 -35.39 -16.13
C HIS H 74 -17.19 -35.88 -16.23
N VAL H 75 -17.99 -35.55 -15.23
CA VAL H 75 -19.39 -35.96 -15.18
C VAL H 75 -20.13 -35.44 -16.41
N PHE H 76 -19.90 -34.17 -16.74
CA PHE H 76 -20.61 -33.53 -17.84
C PHE H 76 -20.25 -34.17 -19.18
N GLU H 77 -19.01 -34.60 -19.33
CA GLU H 77 -18.55 -35.19 -20.58
C GLU H 77 -18.94 -36.66 -20.71
N ASN H 78 -19.28 -37.29 -19.59
CA ASN H 78 -19.54 -38.73 -19.58
C ASN H 78 -20.96 -39.12 -19.20
N LEU H 79 -21.47 -38.53 -18.12
CA LEU H 79 -22.82 -38.85 -17.66
C LEU H 79 -23.87 -38.38 -18.66
N LEU H 80 -23.57 -37.28 -19.35
CA LEU H 80 -24.48 -36.76 -20.38
C LEU H 80 -24.56 -37.72 -21.56
N VAL H 81 -23.47 -38.43 -21.83
CA VAL H 81 -23.44 -39.42 -22.91
C VAL H 81 -24.18 -40.68 -22.49
N GLU H 82 -23.98 -41.11 -21.24
CA GLU H 82 -24.66 -42.28 -20.70
C GLU H 82 -26.17 -42.07 -20.72
N LYS H 83 -26.60 -40.86 -20.38
CA LYS H 83 -28.02 -40.53 -20.34
C LYS H 83 -28.59 -40.31 -21.73
N GLY H 84 -27.70 -40.22 -22.72
CA GLY H 84 -28.13 -40.05 -24.10
C GLY H 84 -28.58 -38.63 -24.42
N VAL H 85 -28.04 -37.66 -23.69
CA VAL H 85 -28.30 -36.26 -23.99
C VAL H 85 -27.28 -35.77 -25.02
N LEU H 86 -26.05 -36.23 -24.88
CA LEU H 86 -24.99 -35.95 -25.85
C LEU H 86 -24.54 -37.26 -26.49
N THR H 87 -23.74 -37.15 -27.55
CA THR H 87 -23.13 -38.33 -28.14
C THR H 87 -21.63 -38.28 -27.92
N ALA H 88 -20.99 -39.44 -27.90
CA ALA H 88 -19.55 -39.53 -27.76
C ALA H 88 -18.87 -38.52 -28.70
N THR H 89 -19.27 -38.56 -29.97
CA THR H 89 -18.67 -37.71 -30.98
C THR H 89 -18.75 -36.22 -30.64
N GLU H 90 -19.94 -35.77 -30.28
CA GLU H 90 -20.17 -34.35 -29.99
C GLU H 90 -19.19 -33.80 -28.96
N VAL H 91 -19.04 -34.51 -27.85
CA VAL H 91 -18.09 -34.12 -26.81
C VAL H 91 -16.68 -34.02 -27.41
N ALA H 92 -16.29 -35.04 -28.16
CA ALA H 92 -14.95 -35.10 -28.73
C ALA H 92 -14.70 -33.96 -29.72
N THR H 93 -15.69 -33.70 -30.58
CA THR H 93 -15.54 -32.71 -31.63
C THR H 93 -15.86 -31.30 -31.15
N GLY H 94 -16.82 -31.19 -30.24
CA GLY H 94 -17.24 -29.90 -29.73
C GLY H 94 -18.30 -29.25 -30.60
N LYS H 95 -18.81 -30.01 -31.57
CA LYS H 95 -19.82 -29.50 -32.50
C LYS H 95 -21.09 -30.33 -32.47
N ALA H 96 -22.21 -29.65 -32.29
CA ALA H 96 -23.52 -30.30 -32.26
C ALA H 96 -23.69 -31.24 -33.46
N ALA H 97 -24.38 -32.35 -33.24
CA ALA H 97 -24.66 -33.30 -34.30
C ALA H 97 -25.62 -32.68 -35.31
N SER H 98 -26.75 -32.19 -34.83
CA SER H 98 -27.77 -31.64 -35.71
C SER H 98 -28.45 -30.39 -35.14
N GLY H 99 -27.66 -29.37 -34.82
CA GLY H 99 -28.19 -28.09 -34.40
C GLY H 99 -28.86 -28.10 -33.03
N LYS H 100 -29.67 -27.09 -32.76
CA LYS H 100 -30.35 -26.98 -31.48
C LYS H 100 -31.46 -28.01 -31.31
N THR H 101 -31.49 -28.68 -30.17
CA THR H 101 -32.48 -29.72 -29.92
C THR H 101 -33.22 -29.55 -28.60
N ALA H 102 -32.87 -28.50 -27.86
CA ALA H 102 -33.49 -28.25 -26.58
C ALA H 102 -33.60 -26.76 -26.25
N THR H 103 -34.40 -26.44 -25.25
CA THR H 103 -34.49 -25.08 -24.73
C THR H 103 -34.07 -25.08 -23.27
N PRO H 104 -33.13 -24.20 -22.91
CA PRO H 104 -32.59 -24.17 -21.54
C PRO H 104 -33.68 -23.91 -20.52
N VAL H 105 -33.76 -24.75 -19.49
CA VAL H 105 -34.76 -24.57 -18.44
C VAL H 105 -34.31 -23.48 -17.48
N LEU H 106 -33.01 -23.39 -17.24
CA LEU H 106 -32.46 -22.35 -16.37
C LEU H 106 -32.28 -21.05 -17.14
N THR H 107 -33.26 -20.16 -17.01
CA THR H 107 -33.21 -18.86 -17.66
C THR H 107 -32.94 -17.76 -16.63
N PRO H 108 -32.44 -16.60 -17.08
CA PRO H 108 -32.11 -15.51 -16.16
C PRO H 108 -33.23 -15.19 -15.19
N ALA H 109 -34.47 -15.30 -15.66
CA ALA H 109 -35.64 -14.90 -14.88
C ALA H 109 -35.86 -15.74 -13.62
N ILE H 110 -35.39 -16.99 -13.63
CA ILE H 110 -35.66 -17.91 -12.53
C ILE H 110 -34.43 -18.30 -11.72
N VAL H 111 -33.26 -17.80 -12.11
CA VAL H 111 -32.01 -18.16 -11.43
C VAL H 111 -32.09 -17.92 -9.92
N ASP H 112 -32.38 -16.68 -9.52
CA ASP H 112 -32.44 -16.33 -8.10
C ASP H 112 -33.45 -17.18 -7.34
N GLY H 113 -34.62 -17.35 -7.93
CA GLY H 113 -35.68 -18.12 -7.30
C GLY H 113 -35.30 -19.56 -7.09
N LEU H 114 -34.65 -20.15 -8.10
CA LEU H 114 -34.23 -21.55 -8.02
C LEU H 114 -33.14 -21.73 -6.97
N LEU H 115 -32.14 -20.87 -7.01
CA LEU H 115 -31.02 -20.96 -6.08
C LEU H 115 -31.46 -20.71 -4.63
N SER H 116 -32.46 -19.86 -4.47
CA SER H 116 -32.96 -19.52 -3.14
C SER H 116 -33.87 -20.60 -2.58
N THR H 117 -34.40 -21.43 -3.47
CA THR H 117 -35.37 -22.45 -3.07
C THR H 117 -34.72 -23.83 -2.91
N GLY H 118 -33.94 -24.23 -3.90
CA GLY H 118 -33.29 -25.53 -3.88
C GLY H 118 -34.29 -26.66 -4.01
N ALA H 119 -33.86 -27.87 -3.66
CA ALA H 119 -34.71 -29.05 -3.75
C ALA H 119 -34.46 -30.02 -2.60
N SER H 120 -35.25 -29.91 -1.54
CA SER H 120 -35.11 -30.77 -0.37
C SER H 120 -35.31 -32.23 -0.73
N ALA H 121 -34.58 -33.12 -0.05
CA ALA H 121 -34.71 -34.54 -0.28
C ALA H 121 -35.72 -35.15 0.68
N ALA H 122 -36.18 -34.33 1.62
CA ALA H 122 -37.18 -34.76 2.59
C ALA H 122 -38.48 -35.10 1.88
N ARG H 123 -39.15 -36.14 2.35
CA ARG H 123 -40.41 -36.57 1.75
C ARG H 123 -41.48 -36.76 2.82
N GLU H 124 -42.74 -36.59 2.42
CA GLU H 124 -43.86 -36.69 3.36
C GLU H 124 -43.88 -38.03 4.08
N GLU H 125 -43.91 -39.11 3.31
CA GLU H 125 -44.07 -40.45 3.87
C GLU H 125 -43.09 -41.46 3.27
N GLY H 126 -42.77 -42.48 4.06
CA GLY H 126 -41.87 -43.55 3.64
C GLY H 126 -41.89 -44.65 4.67
N ALA H 127 -40.92 -45.55 4.59
CA ALA H 127 -40.81 -46.65 5.55
C ALA H 127 -40.87 -46.12 6.98
N ARG H 128 -41.51 -46.89 7.86
CA ARG H 128 -41.62 -46.51 9.26
C ARG H 128 -40.26 -46.63 9.96
N ALA H 129 -40.07 -45.82 10.99
CA ALA H 129 -38.80 -45.82 11.73
C ALA H 129 -38.70 -46.99 12.68
N ARG H 130 -37.62 -47.76 12.55
CA ARG H 130 -37.41 -48.93 13.39
C ARG H 130 -36.67 -48.57 14.68
N PHE H 131 -35.99 -47.43 14.68
CA PHE H 131 -35.13 -47.07 15.79
C PHE H 131 -35.50 -45.76 16.47
N ALA H 132 -35.21 -45.67 17.76
CA ALA H 132 -35.43 -44.47 18.54
C ALA H 132 -34.12 -43.97 19.09
N VAL H 133 -34.00 -42.66 19.28
CA VAL H 133 -32.79 -42.10 19.86
C VAL H 133 -32.46 -42.78 21.19
N GLY H 134 -31.22 -43.22 21.32
CA GLY H 134 -30.77 -43.97 22.48
C GLY H 134 -30.49 -45.43 22.12
N ASP H 135 -31.09 -45.89 21.04
CA ASP H 135 -30.91 -47.27 20.58
C ASP H 135 -29.47 -47.54 20.13
N LYS H 136 -28.95 -48.68 20.54
CA LYS H 136 -27.66 -49.14 20.02
C LYS H 136 -27.89 -49.84 18.68
N VAL H 137 -27.14 -49.42 17.67
CA VAL H 137 -27.30 -50.00 16.33
C VAL H 137 -25.97 -50.43 15.74
N ARG H 138 -26.02 -51.39 14.82
N ARG H 138 -26.04 -51.38 14.81
CA ARG H 138 -24.82 -51.81 14.11
CA ARG H 138 -24.88 -51.83 14.08
C ARG H 138 -25.02 -51.64 12.60
C ARG H 138 -25.06 -51.56 12.59
N VAL H 139 -24.06 -50.97 11.96
CA VAL H 139 -24.12 -50.74 10.53
C VAL H 139 -23.91 -52.07 9.82
N LEU H 140 -24.82 -52.40 8.90
CA LEU H 140 -24.72 -53.63 8.16
C LEU H 140 -23.48 -53.66 7.30
N ASN H 141 -22.84 -54.82 7.20
CA ASN H 141 -21.72 -54.99 6.29
C ASN H 141 -22.23 -55.24 4.87
N LYS H 142 -22.31 -54.18 4.08
CA LYS H 142 -22.73 -54.28 2.69
C LYS H 142 -21.64 -53.69 1.80
N ASN H 143 -21.48 -54.23 0.60
CA ASN H 143 -20.46 -53.75 -0.33
C ASN H 143 -21.01 -53.64 -1.74
N PRO H 144 -21.98 -52.73 -1.95
CA PRO H 144 -22.59 -52.59 -3.27
C PRO H 144 -21.58 -52.03 -4.25
N VAL H 145 -21.65 -52.46 -5.51
CA VAL H 145 -20.79 -51.91 -6.54
C VAL H 145 -21.35 -50.55 -6.97
N GLY H 146 -22.62 -50.35 -6.67
CA GLY H 146 -23.29 -49.12 -7.02
C GLY H 146 -23.18 -48.06 -5.96
N HIS H 147 -23.97 -47.00 -6.11
CA HIS H 147 -23.93 -45.85 -5.22
C HIS H 147 -24.48 -46.17 -3.83
N THR H 148 -23.74 -45.76 -2.79
CA THR H 148 -24.18 -45.92 -1.41
C THR H 148 -23.59 -44.81 -0.55
N ARG H 149 -24.16 -44.61 0.64
CA ARG H 149 -23.74 -43.50 1.49
C ARG H 149 -23.30 -43.96 2.88
N MET H 150 -23.19 -45.26 3.08
CA MET H 150 -22.59 -45.78 4.30
C MET H 150 -21.09 -45.94 4.09
N PRO H 151 -20.30 -45.03 4.69
CA PRO H 151 -18.84 -45.00 4.51
C PRO H 151 -18.23 -46.32 4.93
N ARG H 152 -17.14 -46.70 4.27
CA ARG H 152 -16.51 -47.99 4.53
C ARG H 152 -16.08 -48.13 5.98
N TYR H 153 -15.65 -47.02 6.59
CA TYR H 153 -15.12 -47.04 7.95
C TYR H 153 -16.16 -47.29 9.04
N THR H 154 -17.44 -47.30 8.66
CA THR H 154 -18.52 -47.51 9.63
C THR H 154 -19.07 -48.92 9.61
N ARG H 155 -18.87 -49.64 8.51
CA ARG H 155 -19.49 -50.95 8.33
C ARG H 155 -19.09 -51.97 9.39
N GLY H 156 -20.10 -52.57 10.02
CA GLY H 156 -19.88 -53.56 11.06
C GLY H 156 -19.75 -52.94 12.43
N LYS H 157 -19.61 -51.62 12.46
CA LYS H 157 -19.42 -50.90 13.72
C LYS H 157 -20.72 -50.64 14.46
N VAL H 158 -20.64 -50.54 15.78
CA VAL H 158 -21.79 -50.29 16.63
C VAL H 158 -21.83 -48.84 17.12
N GLY H 159 -23.00 -48.21 17.04
CA GLY H 159 -23.16 -46.84 17.47
C GLY H 159 -24.46 -46.58 18.17
N THR H 160 -24.70 -45.33 18.56
CA THR H 160 -25.94 -44.95 19.23
C THR H 160 -26.70 -43.92 18.40
N VAL H 161 -27.95 -44.23 18.10
CA VAL H 161 -28.83 -43.28 17.42
C VAL H 161 -29.01 -42.04 18.30
N VAL H 162 -28.65 -40.88 17.78
CA VAL H 162 -28.76 -39.64 18.55
C VAL H 162 -29.78 -38.68 17.97
N ILE H 163 -30.08 -38.83 16.68
CA ILE H 163 -31.07 -37.97 16.02
C ILE H 163 -31.88 -38.73 14.98
N ASP H 164 -33.19 -38.53 14.99
CA ASP H 164 -34.05 -39.00 13.91
C ASP H 164 -34.49 -37.80 13.07
N HIS H 165 -33.92 -37.69 11.88
CA HIS H 165 -34.12 -36.51 11.05
C HIS H 165 -35.41 -36.54 10.23
N GLY H 166 -36.08 -37.70 10.21
CA GLY H 166 -37.30 -37.85 9.45
C GLY H 166 -37.06 -38.60 8.16
N VAL H 167 -38.06 -38.56 7.27
CA VAL H 167 -38.00 -39.32 6.03
C VAL H 167 -37.27 -38.59 4.90
N PHE H 168 -36.43 -39.32 4.18
CA PHE H 168 -35.68 -38.76 3.05
C PHE H 168 -35.57 -39.75 1.90
N VAL H 169 -35.25 -39.21 0.72
CA VAL H 169 -34.96 -40.04 -0.45
C VAL H 169 -33.76 -40.93 -0.14
N THR H 170 -33.76 -42.12 -0.74
CA THR H 170 -32.63 -43.03 -0.61
C THR H 170 -31.76 -42.97 -1.85
N PRO H 171 -30.53 -42.47 -1.73
CA PRO H 171 -29.62 -42.31 -2.88
C PRO H 171 -29.26 -43.63 -3.55
N ASP H 172 -29.20 -44.71 -2.77
CA ASP H 172 -28.83 -46.02 -3.31
C ASP H 172 -29.72 -46.43 -4.48
N THR H 173 -31.00 -46.07 -4.40
CA THR H 173 -31.97 -46.42 -5.44
C THR H 173 -32.16 -45.27 -6.44
N ALA H 174 -32.10 -44.05 -5.94
CA ALA H 174 -32.30 -42.86 -6.77
C ALA H 174 -31.20 -42.70 -7.83
N ALA H 175 -30.01 -43.20 -7.53
CA ALA H 175 -28.87 -43.08 -8.44
C ALA H 175 -28.94 -44.10 -9.57
N HIS H 176 -29.79 -45.11 -9.41
CA HIS H 176 -29.84 -46.20 -10.37
C HIS H 176 -31.25 -46.44 -10.94
N GLY H 177 -32.06 -45.38 -10.95
CA GLY H 177 -33.38 -45.43 -11.55
C GLY H 177 -34.30 -46.46 -10.94
N LYS H 178 -34.18 -46.65 -9.62
CA LYS H 178 -35.03 -47.60 -8.91
C LYS H 178 -36.01 -46.89 -7.97
N GLY H 179 -36.19 -45.58 -8.16
CA GLY H 179 -37.13 -44.83 -7.36
C GLY H 179 -36.50 -44.23 -6.11
N GLU H 180 -37.30 -43.50 -5.35
CA GLU H 180 -36.79 -42.79 -4.17
C GLU H 180 -36.75 -43.65 -2.91
N HIS H 181 -37.70 -44.58 -2.80
CA HIS H 181 -37.80 -45.44 -1.63
C HIS H 181 -37.50 -44.68 -0.33
N PRO H 182 -38.33 -43.67 -0.02
CA PRO H 182 -38.10 -42.83 1.15
C PRO H 182 -38.11 -43.64 2.44
N GLN H 183 -37.22 -43.26 3.36
CA GLN H 183 -37.14 -43.91 4.66
C GLN H 183 -36.45 -42.96 5.62
N HIS H 184 -36.41 -43.33 6.89
CA HIS H 184 -35.83 -42.45 7.92
C HIS H 184 -34.31 -42.37 7.82
N VAL H 185 -33.77 -41.22 8.22
CA VAL H 185 -32.33 -41.02 8.31
C VAL H 185 -31.98 -40.65 9.74
N TYR H 186 -31.00 -41.35 10.30
CA TYR H 186 -30.57 -41.08 11.67
C TYR H 186 -29.13 -40.60 11.70
N THR H 187 -28.81 -39.77 12.69
CA THR H 187 -27.42 -39.47 12.99
C THR H 187 -26.95 -40.48 14.03
N VAL H 188 -25.93 -41.25 13.69
CA VAL H 188 -25.40 -42.27 14.61
C VAL H 188 -24.05 -41.85 15.18
N SER H 189 -23.89 -42.03 16.49
CA SER H 189 -22.65 -41.65 17.16
C SER H 189 -21.77 -42.87 17.42
N PHE H 190 -20.53 -42.80 16.96
CA PHE H 190 -19.55 -43.85 17.23
C PHE H 190 -18.41 -43.30 18.07
N THR H 191 -17.90 -44.11 18.98
CA THR H 191 -16.72 -43.72 19.75
C THR H 191 -15.46 -43.85 18.90
N SER H 192 -14.42 -43.09 19.27
CA SER H 192 -13.15 -43.17 18.56
C SER H 192 -12.57 -44.57 18.66
N VAL H 193 -12.74 -45.20 19.82
CA VAL H 193 -12.23 -46.54 20.05
C VAL H 193 -12.93 -47.58 19.18
N GLU H 194 -14.25 -47.44 19.05
CA GLU H 194 -15.04 -48.39 18.27
C GLU H 194 -14.65 -48.38 16.80
N LEU H 195 -14.31 -47.20 16.28
CA LEU H 195 -13.99 -47.06 14.86
C LEU H 195 -12.53 -47.39 14.54
N TRP H 196 -11.61 -46.97 15.40
CA TRP H 196 -10.19 -47.02 15.08
C TRP H 196 -9.35 -47.95 15.96
N GLY H 197 -9.95 -48.47 17.01
CA GLY H 197 -9.26 -49.39 17.90
C GLY H 197 -8.61 -48.71 19.10
N GLN H 198 -8.13 -49.53 20.03
CA GLN H 198 -7.58 -49.05 21.29
C GLN H 198 -6.43 -48.05 21.14
N ASP H 199 -5.54 -48.31 20.18
CA ASP H 199 -4.32 -47.53 20.04
C ASP H 199 -4.52 -46.21 19.32
N ALA H 200 -5.20 -46.24 18.18
CA ALA H 200 -5.36 -45.06 17.33
C ALA H 200 -6.50 -44.15 17.78
N SER H 201 -6.94 -44.31 19.03
CA SER H 201 -8.11 -43.57 19.49
C SER H 201 -7.81 -42.57 20.60
N SER H 202 -8.74 -41.63 20.78
CA SER H 202 -8.76 -40.73 21.93
C SER H 202 -10.05 -40.98 22.70
N PRO H 203 -9.97 -40.98 24.04
CA PRO H 203 -11.09 -41.38 24.90
C PRO H 203 -12.32 -40.48 24.80
N LYS H 204 -12.11 -39.19 24.54
CA LYS H 204 -13.21 -38.23 24.55
C LYS H 204 -13.89 -38.03 23.19
N ASP H 205 -13.23 -38.47 22.12
CA ASP H 205 -13.69 -38.14 20.77
C ASP H 205 -14.75 -39.08 20.21
N THR H 206 -15.72 -38.50 19.52
CA THR H 206 -16.77 -39.27 18.87
C THR H 206 -16.97 -38.83 17.42
N ILE H 207 -17.49 -39.74 16.61
CA ILE H 207 -17.76 -39.44 15.20
C ILE H 207 -19.24 -39.67 14.89
N ARG H 208 -19.89 -38.68 14.31
CA ARG H 208 -21.30 -38.80 13.95
C ARG H 208 -21.49 -38.93 12.44
N VAL H 209 -22.30 -39.91 12.04
CA VAL H 209 -22.53 -40.21 10.65
C VAL H 209 -24.02 -40.37 10.37
N ASP H 210 -24.47 -39.82 9.25
CA ASP H 210 -25.88 -39.90 8.89
C ASP H 210 -26.19 -41.11 8.01
N LEU H 211 -26.98 -42.02 8.54
CA LEU H 211 -27.24 -43.29 7.86
C LEU H 211 -28.73 -43.57 7.73
N TRP H 212 -29.10 -44.20 6.62
CA TRP H 212 -30.50 -44.54 6.36
C TRP H 212 -30.94 -45.75 7.18
N ASP H 213 -32.25 -45.86 7.39
CA ASP H 213 -32.81 -46.89 8.24
C ASP H 213 -32.32 -48.30 7.90
N ASP H 214 -32.36 -48.66 6.62
CA ASP H 214 -32.01 -50.02 6.23
C ASP H 214 -30.50 -50.24 6.08
N TYR H 215 -29.72 -49.24 6.47
CA TYR H 215 -28.28 -49.39 6.60
C TYR H 215 -27.98 -50.08 7.92
N LEU H 216 -28.98 -50.13 8.79
CA LEU H 216 -28.76 -50.50 10.18
C LEU H 216 -29.49 -51.77 10.64
N GLU H 217 -29.10 -52.23 11.82
CA GLU H 217 -29.78 -53.34 12.49
C GLU H 217 -29.58 -53.15 13.98
N PRO H 218 -30.48 -53.72 14.79
CA PRO H 218 -30.31 -53.60 16.25
C PRO H 218 -28.98 -54.24 16.68
N ALA H 219 -28.25 -53.57 17.55
CA ALA H 219 -26.93 -54.06 17.98
C ALA H 219 -27.02 -55.48 18.53
C1 GOL I . 39.78 4.11 -5.34
O1 GOL I . 38.48 4.27 -5.87
C2 GOL I . 40.79 3.95 -6.48
O2 GOL I . 41.97 4.65 -6.14
C3 GOL I . 41.11 2.47 -6.66
O3 GOL I . 41.75 1.98 -5.49
CO 3CO J . 30.82 -3.69 -6.94
C1 GOL K . -3.11 30.16 18.23
O1 GOL K . -4.06 29.41 17.51
C2 GOL K . -2.18 30.84 17.25
O2 GOL K . -2.80 30.86 15.98
C3 GOL K . -0.87 30.06 17.16
O3 GOL K . -1.03 28.97 16.28
CO 3CO L . 1.77 21.72 25.06
C1 GOL M . -15.57 10.45 -32.04
O1 GOL M . -16.93 10.82 -31.89
C2 GOL M . -15.47 8.93 -32.13
O2 GOL M . -16.58 8.42 -32.83
C3 GOL M . -15.46 8.37 -30.71
O3 GOL M . -14.81 9.30 -29.88
CO 3CO N . -9.26 16.57 -24.17
C1 GOL O . -8.76 -32.64 -5.65
O1 GOL O . -9.87 -33.44 -5.97
C2 GOL O . -7.70 -33.50 -4.97
O2 GOL O . -6.64 -33.74 -5.87
C3 GOL O . -8.27 -34.84 -4.54
O3 GOL O . -8.49 -34.84 -3.15
CO 3CO P . -19.79 -33.99 -0.56
#